data_8PF4
#
_entry.id   8PF4
#
_cell.length_a   100.922
_cell.length_b   63.635
_cell.length_c   169.104
_cell.angle_alpha   90.00
_cell.angle_beta   97.29
_cell.angle_gamma   90.00
#
_symmetry.space_group_name_H-M   'P 1 21 1'
#
loop_
_entity.id
_entity.type
_entity.pdbx_description
1 polymer 'Trypanothione reductase'
2 non-polymer 'FLAVIN-ADENINE DINUCLEOTIDE'
3 non-polymer ~{N}-(4-fluorophenyl)-~{N}-[[5-[2-(4-fluorophenyl)ethylcarbamoyl]furan-2-yl]methyl]-4-methyl-4-(3-phenylpropyl)-1,4$l^{4}-diazinane-1-carboxamide
4 non-polymer DI(HYDROXYETHYL)ETHER
5 non-polymer IMIDAZOLE
6 non-polymer 'DIMETHYL SULFOXIDE'
7 water water
#
_entity_poly.entity_id   1
_entity_poly.type   'polypeptide(L)'
_entity_poly.pdbx_seq_one_letter_code
;GSHMSKAFDLVVIGAGSGGLEAGWNAATLYGKRVAVVDVQTSHGPPFYAALGGTCVNVGCVPKKLMVTGAQYMDHLRESA
GFGWEFDGSSVKANWKKLIAAKNEAVLDINKSYEGMFNDTEGLDFFLGWGSLESKNVVVVRETADPKSAVKERLQADHIL
LATGSWPQMPAIPGIEHCISSNEAFYLPEPPRRVLTVGGGFISVEFAGIFNAYKPPGGKVTLCYRNNLILRGFDETIREE
VTKQLTANGIEIMTNENPAKVSLNTDGSKHVTFESGKTLDVDVVMMAIGRIPRTNDLQLGNVGVKLTPKGGVQVDEFSRT
NVPNIYAIGDITDRLMLTPVAINEGAALVDTVFGNKPRKTDHTRVASAVFSIPPIGTCGLIEEVAAKEFEKVAVYMSSFT
PLMHNISGSKYKKFVAKIVTNHSDGTVLGVHLLGDGAPEIIQAVGVCLRLNAKISDFYNTIGVHPTSAEELCSMRTPSYY
YVKGEKMEKLPDSNL
;
_entity_poly.pdbx_strand_id   A,B,C,D
#
loop_
_chem_comp.id
_chem_comp.type
_chem_comp.name
_chem_comp.formula
DMS non-polymer 'DIMETHYL SULFOXIDE' 'C2 H6 O S'
FAD non-polymer 'FLAVIN-ADENINE DINUCLEOTIDE' 'C27 H33 N9 O15 P2'
IMD non-polymer IMIDAZOLE 'C3 H5 N2 1'
PEG non-polymer DI(HYDROXYETHYL)ETHER 'C4 H10 O3'
YIA non-polymer ~{N}-(4-fluorophenyl)-~{N}-[[5-[2-(4-fluorophenyl)ethylcarbamoyl]furan-2-yl]methyl]-4-methyl-4-(3-phenylpropyl)-1,4$l^{4}-diazinane-1-carboxamide 'C35 H39 F2 N4 O3'
#
# COMPACT_ATOMS: atom_id res chain seq x y z
N SER A 2 -40.36 18.33 -40.82
CA SER A 2 -39.84 17.94 -39.45
C SER A 2 -38.32 18.20 -39.36
N HIS A 3 -37.89 18.95 -38.34
CA HIS A 3 -36.45 19.23 -38.05
C HIS A 3 -35.73 17.90 -37.82
N MET A 4 -34.60 17.73 -38.51
CA MET A 4 -33.78 16.49 -38.49
C MET A 4 -32.62 16.71 -37.52
N SER A 5 -32.27 15.65 -36.79
CA SER A 5 -31.00 15.53 -36.08
C SER A 5 -29.84 15.65 -37.07
N LYS A 6 -28.69 16.07 -36.57
CA LYS A 6 -27.41 16.22 -37.30
C LYS A 6 -26.46 15.11 -36.85
N ALA A 7 -25.63 14.59 -37.73
CA ALA A 7 -24.71 13.47 -37.48
C ALA A 7 -23.26 13.99 -37.49
N PHE A 8 -22.44 13.50 -36.56
CA PHE A 8 -21.01 13.90 -36.40
C PHE A 8 -20.17 12.65 -36.15
N ASP A 9 -18.91 12.72 -36.56
CA ASP A 9 -17.86 11.79 -36.09
C ASP A 9 -17.68 11.98 -34.57
N LEU A 10 -17.65 13.23 -34.12
CA LEU A 10 -17.34 13.56 -32.71
C LEU A 10 -18.31 14.62 -32.22
N VAL A 11 -18.95 14.34 -31.10
CA VAL A 11 -19.67 15.40 -30.35
C VAL A 11 -18.93 15.65 -29.04
N VAL A 12 -18.56 16.89 -28.80
CA VAL A 12 -17.88 17.34 -27.53
C VAL A 12 -18.89 18.09 -26.68
N ILE A 13 -19.09 17.66 -25.44
CA ILE A 13 -19.93 18.38 -24.45
C ILE A 13 -18.99 19.20 -23.57
N GLY A 14 -19.01 20.50 -23.81
CA GLY A 14 -18.15 21.48 -23.12
C GLY A 14 -17.17 22.14 -24.07
N ALA A 15 -17.38 23.42 -24.38
CA ALA A 15 -16.52 24.21 -25.28
C ALA A 15 -15.41 24.85 -24.43
N GLY A 16 -14.67 24.04 -23.68
CA GLY A 16 -13.65 24.56 -22.75
C GLY A 16 -12.25 24.23 -23.23
N SER A 17 -11.28 24.33 -22.34
CA SER A 17 -9.84 24.15 -22.67
C SER A 17 -9.65 22.82 -23.39
N GLY A 18 -10.13 21.74 -22.79
CA GLY A 18 -10.00 20.38 -23.36
C GLY A 18 -10.85 20.18 -24.62
N GLY A 19 -12.13 20.54 -24.54
CA GLY A 19 -13.13 20.27 -25.60
C GLY A 19 -12.81 21.00 -26.89
N LEU A 20 -12.44 22.26 -26.80
CA LEU A 20 -12.06 23.09 -27.98
C LEU A 20 -10.79 22.50 -28.62
N GLU A 21 -9.76 22.13 -27.84
CA GLU A 21 -8.55 21.52 -28.41
C GLU A 21 -8.93 20.26 -29.19
N ALA A 22 -9.67 19.34 -28.59
CA ALA A 22 -10.17 18.09 -29.23
C ALA A 22 -10.91 18.46 -30.52
N GLY A 23 -11.89 19.35 -30.41
CA GLY A 23 -12.79 19.72 -31.52
C GLY A 23 -12.01 20.27 -32.71
N TRP A 24 -11.17 21.26 -32.46
CA TRP A 24 -10.28 21.90 -33.45
C TRP A 24 -9.41 20.86 -34.17
N ASN A 25 -8.68 20.06 -33.39
CA ASN A 25 -7.74 19.05 -33.92
C ASN A 25 -8.49 18.03 -34.77
N ALA A 26 -9.62 17.54 -34.30
CA ALA A 26 -10.41 16.51 -35.01
C ALA A 26 -10.82 17.05 -36.38
N ALA A 27 -11.34 18.27 -36.43
CA ALA A 27 -11.91 18.89 -37.65
C ALA A 27 -10.75 19.31 -38.58
N THR A 28 -9.76 20.03 -38.06
CA THR A 28 -8.71 20.69 -38.91
C THR A 28 -7.56 19.73 -39.25
N LEU A 29 -7.13 18.86 -38.35
CA LEU A 29 -6.00 17.91 -38.62
C LEU A 29 -6.50 16.67 -39.35
N TYR A 30 -7.72 16.18 -39.04
CA TYR A 30 -8.18 14.85 -39.50
C TYR A 30 -9.47 14.91 -40.32
N GLY A 31 -10.04 16.08 -40.57
CA GLY A 31 -11.18 16.27 -41.49
C GLY A 31 -12.45 15.63 -40.94
N LYS A 32 -12.56 15.50 -39.62
CA LYS A 32 -13.78 14.94 -38.98
C LYS A 32 -14.85 16.03 -38.87
N ARG A 33 -16.12 15.61 -38.91
CA ARG A 33 -17.28 16.45 -38.59
C ARG A 33 -17.44 16.47 -37.07
N VAL A 34 -17.39 17.67 -36.51
CA VAL A 34 -17.40 17.88 -35.03
C VAL A 34 -18.53 18.83 -34.69
N ALA A 35 -19.21 18.49 -33.61
CA ALA A 35 -20.14 19.35 -32.86
C ALA A 35 -19.54 19.59 -31.48
N VAL A 36 -19.63 20.83 -31.03
CA VAL A 36 -19.30 21.25 -29.65
C VAL A 36 -20.51 21.96 -29.07
N VAL A 37 -20.87 21.57 -27.85
CA VAL A 37 -22.01 22.11 -27.07
C VAL A 37 -21.49 22.91 -25.88
N ASP A 38 -22.04 24.11 -25.64
CA ASP A 38 -21.87 24.88 -24.38
C ASP A 38 -23.15 25.67 -24.12
N VAL A 39 -23.27 26.12 -22.88
CA VAL A 39 -24.52 26.64 -22.27
C VAL A 39 -24.65 28.14 -22.53
N GLN A 40 -23.56 28.80 -22.94
CA GLN A 40 -23.48 30.29 -23.01
C GLN A 40 -22.38 30.68 -24.03
N THR A 41 -22.60 31.72 -24.82
CA THR A 41 -21.68 32.17 -25.90
C THR A 41 -20.66 33.18 -25.35
N SER A 42 -20.91 33.74 -24.18
CA SER A 42 -20.02 34.77 -23.61
C SER A 42 -20.09 34.72 -22.09
N HIS A 43 -19.07 35.29 -21.44
CA HIS A 43 -18.79 35.12 -19.99
C HIS A 43 -19.90 35.73 -19.12
N GLY A 44 -20.00 35.25 -17.88
CA GLY A 44 -20.68 35.96 -16.77
C GLY A 44 -22.00 35.32 -16.38
N PRO A 45 -22.78 35.95 -15.48
CA PRO A 45 -24.05 35.39 -15.05
C PRO A 45 -24.93 35.12 -16.29
N PRO A 46 -25.85 34.12 -16.28
CA PRO A 46 -26.06 33.24 -15.13
C PRO A 46 -25.15 32.01 -15.01
N PHE A 47 -24.47 31.55 -16.07
CA PHE A 47 -23.80 30.23 -15.99
C PHE A 47 -22.28 30.41 -15.87
N TYR A 48 -21.78 31.65 -15.97
CA TYR A 48 -20.38 32.03 -15.66
C TYR A 48 -19.42 31.45 -16.70
N ALA A 49 -19.20 30.15 -16.71
CA ALA A 49 -18.44 29.52 -17.80
C ALA A 49 -19.29 29.61 -19.07
N ALA A 50 -18.64 29.52 -20.21
CA ALA A 50 -19.19 29.79 -21.54
C ALA A 50 -18.19 29.25 -22.56
N LEU A 51 -18.54 29.37 -23.84
CA LEU A 51 -17.61 29.20 -24.97
C LEU A 51 -16.23 29.75 -24.56
N GLY A 52 -15.24 28.85 -24.56
CA GLY A 52 -13.86 29.16 -24.14
C GLY A 52 -13.52 28.39 -22.89
N GLY A 53 -14.49 28.09 -22.04
CA GLY A 53 -14.30 27.26 -20.84
C GLY A 53 -14.13 28.10 -19.59
N THR A 54 -13.78 27.44 -18.49
CA THR A 54 -13.68 28.10 -17.16
C THR A 54 -12.47 29.04 -17.18
N CYS A 55 -11.37 28.60 -17.79
CA CYS A 55 -10.09 29.34 -17.82
C CYS A 55 -10.34 30.72 -18.45
N VAL A 56 -10.88 30.74 -19.65
CA VAL A 56 -11.16 31.99 -20.40
C VAL A 56 -12.14 32.89 -19.62
N ASN A 57 -13.23 32.33 -19.12
CA ASN A 57 -14.37 33.15 -18.67
C ASN A 57 -14.25 33.53 -17.20
N VAL A 58 -13.93 32.59 -16.31
CA VAL A 58 -13.98 32.78 -14.83
C VAL A 58 -12.84 31.97 -14.18
N GLY A 59 -11.66 31.94 -14.82
CA GLY A 59 -10.48 31.22 -14.30
C GLY A 59 -9.20 31.94 -14.67
N CYS A 60 -8.26 31.22 -15.27
CA CYS A 60 -6.84 31.65 -15.46
C CYS A 60 -6.77 33.05 -16.09
N VAL A 61 -7.54 33.29 -17.14
CA VAL A 61 -7.36 34.51 -17.97
C VAL A 61 -7.71 35.73 -17.15
N PRO A 62 -8.97 35.88 -16.67
CA PRO A 62 -9.37 37.02 -15.85
C PRO A 62 -8.67 37.12 -14.49
N LYS A 63 -8.35 36.01 -13.83
CA LYS A 63 -7.64 36.06 -12.54
C LYS A 63 -6.25 36.68 -12.79
N LYS A 64 -5.61 36.29 -13.90
CA LYS A 64 -4.23 36.76 -14.18
C LYS A 64 -4.28 38.26 -14.44
N LEU A 65 -5.28 38.74 -15.19
CA LEU A 65 -5.42 40.19 -15.46
C LEU A 65 -5.71 40.94 -14.14
N MET A 66 -6.45 40.34 -13.23
CA MET A 66 -6.78 40.97 -11.93
C MET A 66 -5.56 40.92 -10.99
N VAL A 67 -4.75 39.87 -11.03
CA VAL A 67 -3.48 39.81 -10.28
C VAL A 67 -2.51 40.86 -10.87
N THR A 68 -2.45 41.03 -12.19
CA THR A 68 -1.57 42.07 -12.79
C THR A 68 -1.98 43.45 -12.21
N GLY A 69 -3.28 43.70 -12.14
CA GLY A 69 -3.84 44.93 -11.55
C GLY A 69 -3.42 45.07 -10.10
N ALA A 70 -3.49 44.00 -9.33
CA ALA A 70 -3.18 44.00 -7.89
C ALA A 70 -1.69 44.31 -7.70
N GLN A 71 -0.81 43.86 -8.60
CA GLN A 71 0.67 44.01 -8.48
C GLN A 71 1.05 45.50 -8.41
N TYR A 72 0.24 46.39 -8.97
CA TYR A 72 0.51 47.86 -9.01
C TYR A 72 0.51 48.41 -7.58
N MET A 73 -0.22 47.81 -6.63
CA MET A 73 -0.14 48.27 -5.23
C MET A 73 1.34 48.19 -4.81
N ASP A 74 1.99 47.06 -5.10
CA ASP A 74 3.41 46.84 -4.77
C ASP A 74 4.25 47.80 -5.61
N HIS A 75 4.09 47.86 -6.94
CA HIS A 75 4.92 48.73 -7.81
C HIS A 75 4.89 50.20 -7.32
N LEU A 76 3.70 50.76 -7.08
CA LEU A 76 3.52 52.17 -6.66
CA LEU A 76 3.56 52.18 -6.68
C LEU A 76 4.35 52.42 -5.39
N ARG A 77 4.21 51.55 -4.38
CA ARG A 77 4.98 51.67 -3.12
C ARG A 77 6.48 51.43 -3.36
N GLU A 78 6.83 50.38 -4.09
CA GLU A 78 8.25 49.96 -4.27
C GLU A 78 9.02 50.96 -5.13
N SER A 79 8.32 51.78 -5.95
CA SER A 79 8.92 52.80 -6.84
C SER A 79 9.72 53.85 -6.03
N ALA A 80 9.30 54.19 -4.81
CA ALA A 80 9.85 55.33 -4.03
C ALA A 80 11.32 55.07 -3.73
N GLY A 81 11.68 53.85 -3.32
CA GLY A 81 13.09 53.51 -3.07
C GLY A 81 13.99 53.78 -4.28
N PHE A 82 13.44 53.78 -5.50
CA PHE A 82 14.21 53.95 -6.76
C PHE A 82 14.10 55.42 -7.18
N GLY A 83 13.56 56.26 -6.32
CA GLY A 83 13.54 57.72 -6.55
C GLY A 83 12.23 58.22 -7.11
N TRP A 84 11.23 57.39 -7.29
CA TRP A 84 9.94 57.89 -7.81
C TRP A 84 9.19 58.62 -6.69
N GLU A 85 8.69 59.82 -7.02
CA GLU A 85 7.98 60.74 -6.11
C GLU A 85 6.62 61.03 -6.76
N PHE A 86 5.55 60.94 -5.98
CA PHE A 86 4.19 61.35 -6.38
C PHE A 86 3.35 61.45 -5.12
N ASP A 87 2.15 62.00 -5.28
CA ASP A 87 1.23 62.26 -4.14
C ASP A 87 0.59 60.93 -3.71
N GLY A 88 1.23 60.22 -2.79
CA GLY A 88 0.74 58.98 -2.15
C GLY A 88 -0.70 59.13 -1.69
N SER A 89 -1.09 60.32 -1.23
CA SER A 89 -2.43 60.59 -0.68
C SER A 89 -3.47 60.48 -1.80
N SER A 90 -3.05 60.73 -3.05
CA SER A 90 -3.95 60.75 -4.22
C SER A 90 -4.23 59.34 -4.78
N VAL A 91 -3.61 58.27 -4.24
CA VAL A 91 -3.64 56.90 -4.83
C VAL A 91 -5.00 56.26 -4.56
N LYS A 92 -5.72 55.84 -5.61
CA LYS A 92 -7.00 55.10 -5.45
CA LYS A 92 -6.97 55.07 -5.41
C LYS A 92 -6.98 53.91 -6.42
N ALA A 93 -7.40 52.75 -5.95
CA ALA A 93 -7.60 51.51 -6.74
C ALA A 93 -9.06 51.44 -7.16
N ASN A 94 -9.34 51.66 -8.44
CA ASN A 94 -10.71 51.67 -9.01
C ASN A 94 -11.04 50.28 -9.56
N TRP A 95 -11.66 49.47 -8.72
CA TRP A 95 -12.13 48.10 -9.04
C TRP A 95 -13.09 48.08 -10.24
N LYS A 96 -14.01 49.03 -10.35
CA LYS A 96 -14.97 49.05 -11.49
C LYS A 96 -14.18 49.09 -12.82
N LYS A 97 -13.10 49.85 -12.88
CA LYS A 97 -12.26 49.96 -14.12
CA LYS A 97 -12.30 49.95 -14.13
C LYS A 97 -11.61 48.60 -14.40
N LEU A 98 -11.04 48.01 -13.38
CA LEU A 98 -10.38 46.70 -13.51
C LEU A 98 -11.39 45.68 -14.09
N ILE A 99 -12.56 45.58 -13.46
CA ILE A 99 -13.62 44.60 -13.83
C ILE A 99 -14.09 44.91 -15.25
N ALA A 100 -14.25 46.19 -15.63
CA ALA A 100 -14.71 46.53 -16.99
C ALA A 100 -13.62 46.15 -18.00
N ALA A 101 -12.35 46.41 -17.67
CA ALA A 101 -11.23 46.04 -18.56
C ALA A 101 -11.17 44.51 -18.73
N LYS A 102 -11.25 43.76 -17.65
CA LYS A 102 -11.25 42.28 -17.68
C LYS A 102 -12.43 41.80 -18.55
N ASN A 103 -13.63 42.36 -18.36
CA ASN A 103 -14.85 41.92 -19.10
C ASN A 103 -14.63 42.13 -20.61
N GLU A 104 -14.05 43.25 -21.01
CA GLU A 104 -13.85 43.51 -22.46
CA GLU A 104 -13.75 43.59 -22.43
C GLU A 104 -12.79 42.53 -22.98
N ALA A 105 -11.72 42.22 -22.24
CA ALA A 105 -10.69 41.25 -22.67
C ALA A 105 -11.34 39.87 -22.84
N VAL A 106 -12.21 39.49 -21.90
CA VAL A 106 -12.82 38.12 -21.95
C VAL A 106 -13.81 38.08 -23.12
N LEU A 107 -14.66 39.10 -23.24
CA LEU A 107 -15.65 39.17 -24.36
C LEU A 107 -14.93 39.07 -25.70
N ASP A 108 -13.76 39.69 -25.86
CA ASP A 108 -13.02 39.65 -27.14
CA ASP A 108 -12.98 39.65 -27.13
C ASP A 108 -12.58 38.19 -27.42
N ILE A 109 -12.22 37.43 -26.38
CA ILE A 109 -11.88 35.99 -26.59
C ILE A 109 -13.18 35.25 -26.96
N ASN A 110 -14.25 35.46 -26.19
CA ASN A 110 -15.58 34.82 -26.52
C ASN A 110 -15.94 35.06 -27.98
N LYS A 111 -15.83 36.30 -28.48
CA LYS A 111 -16.20 36.69 -29.87
C LYS A 111 -15.28 36.01 -30.89
N SER A 112 -13.99 35.91 -30.62
CA SER A 112 -13.05 35.25 -31.55
C SER A 112 -13.33 33.74 -31.63
N TYR A 113 -13.65 33.08 -30.51
CA TYR A 113 -14.04 31.65 -30.55
C TYR A 113 -15.34 31.50 -31.34
N GLU A 114 -16.32 32.38 -31.09
CA GLU A 114 -17.60 32.36 -31.83
C GLU A 114 -17.32 32.44 -33.33
N GLY A 115 -16.36 33.26 -33.74
CA GLY A 115 -15.97 33.43 -35.15
C GLY A 115 -15.30 32.20 -35.73
N MET A 116 -14.40 31.57 -34.99
CA MET A 116 -13.72 30.30 -35.39
C MET A 116 -14.79 29.28 -35.78
N PHE A 117 -15.80 29.13 -34.94
CA PHE A 117 -16.93 28.19 -35.16
C PHE A 117 -17.71 28.54 -36.43
N ASN A 118 -18.09 29.80 -36.59
CA ASN A 118 -18.90 30.26 -37.75
C ASN A 118 -18.07 30.03 -39.02
N ASP A 119 -16.75 29.97 -38.92
CA ASP A 119 -15.81 30.02 -40.08
C ASP A 119 -15.22 28.67 -40.48
N THR A 120 -15.14 27.67 -39.61
CA THR A 120 -14.33 26.44 -39.82
C THR A 120 -15.23 25.30 -40.31
N GLU A 121 -14.90 24.62 -41.40
CA GLU A 121 -15.77 23.54 -41.91
CA GLU A 121 -15.64 23.48 -42.00
C GLU A 121 -15.60 22.28 -41.03
N GLY A 122 -16.75 21.65 -40.76
CA GLY A 122 -16.83 20.46 -39.90
C GLY A 122 -16.60 20.74 -38.43
N LEU A 123 -16.68 22.01 -37.98
CA LEU A 123 -16.59 22.40 -36.55
C LEU A 123 -17.74 23.34 -36.20
N ASP A 124 -18.80 22.80 -35.58
CA ASP A 124 -20.11 23.47 -35.38
C ASP A 124 -20.35 23.64 -33.88
N PHE A 125 -20.88 24.80 -33.51
CA PHE A 125 -21.23 25.15 -32.12
C PHE A 125 -22.74 25.00 -31.94
N PHE A 126 -23.13 24.34 -30.87
CA PHE A 126 -24.55 24.22 -30.47
C PHE A 126 -24.73 24.76 -29.06
N LEU A 127 -25.64 25.71 -28.91
CA LEU A 127 -25.95 26.38 -27.65
C LEU A 127 -26.98 25.56 -26.88
N GLY A 128 -26.61 25.15 -25.68
CA GLY A 128 -27.53 24.47 -24.76
C GLY A 128 -26.79 23.49 -23.87
N TRP A 129 -27.57 22.65 -23.21
CA TRP A 129 -27.13 21.74 -22.15
C TRP A 129 -27.08 20.35 -22.76
N GLY A 130 -25.87 19.80 -22.87
CA GLY A 130 -25.69 18.47 -23.46
C GLY A 130 -25.86 17.42 -22.40
N SER A 131 -26.48 16.30 -22.79
CA SER A 131 -26.56 15.08 -21.97
C SER A 131 -26.55 13.88 -22.91
N LEU A 132 -26.29 12.72 -22.31
CA LEU A 132 -26.22 11.44 -23.04
CA LEU A 132 -26.21 11.41 -22.99
C LEU A 132 -27.60 10.78 -22.99
N GLU A 133 -28.16 10.55 -24.16
CA GLU A 133 -29.47 9.87 -24.29
C GLU A 133 -29.18 8.41 -24.54
N SER A 134 -28.23 8.16 -25.44
CA SER A 134 -27.67 6.80 -25.66
C SER A 134 -26.22 6.90 -26.16
N LYS A 135 -25.64 5.72 -26.35
CA LYS A 135 -24.26 5.45 -26.85
CA LYS A 135 -24.21 5.54 -26.75
C LYS A 135 -23.87 6.45 -27.94
N ASN A 136 -24.83 6.77 -28.82
CA ASN A 136 -24.53 7.51 -30.07
C ASN A 136 -25.43 8.74 -30.23
N VAL A 137 -26.10 9.20 -29.19
CA VAL A 137 -26.96 10.41 -29.31
C VAL A 137 -26.70 11.31 -28.11
N VAL A 138 -26.33 12.54 -28.43
CA VAL A 138 -26.28 13.65 -27.43
C VAL A 138 -27.48 14.53 -27.66
N VAL A 139 -28.22 14.78 -26.59
CA VAL A 139 -29.42 15.66 -26.62
CA VAL A 139 -29.40 15.68 -26.67
C VAL A 139 -28.97 17.03 -26.11
N VAL A 140 -29.33 18.09 -26.83
CA VAL A 140 -29.10 19.47 -26.35
C VAL A 140 -30.44 20.03 -25.89
N ARG A 141 -30.55 20.37 -24.61
CA ARG A 141 -31.78 20.90 -23.97
C ARG A 141 -31.61 22.37 -23.62
N GLU A 142 -32.74 23.04 -23.37
CA GLU A 142 -32.76 24.48 -23.08
C GLU A 142 -32.13 24.74 -21.70
N THR A 143 -32.21 23.81 -20.74
CA THR A 143 -31.61 23.98 -19.39
C THR A 143 -31.05 22.65 -18.91
N ALA A 144 -30.44 22.72 -17.74
CA ALA A 144 -29.82 21.58 -17.01
C ALA A 144 -30.90 20.60 -16.57
N ASP A 145 -32.16 21.04 -16.47
CA ASP A 145 -33.30 20.12 -16.19
C ASP A 145 -33.48 19.19 -17.38
N PRO A 146 -33.44 17.85 -17.17
CA PRO A 146 -33.64 16.90 -18.27
C PRO A 146 -35.08 16.88 -18.82
N LYS A 147 -36.02 17.62 -18.23
CA LYS A 147 -37.42 17.73 -18.74
C LYS A 147 -37.55 19.01 -19.58
N SER A 148 -36.48 19.82 -19.64
CA SER A 148 -36.49 21.05 -20.47
C SER A 148 -36.55 20.64 -21.94
N ALA A 149 -36.91 21.56 -22.81
CA ALA A 149 -37.20 21.34 -24.24
C ALA A 149 -35.90 20.95 -24.95
N VAL A 150 -36.01 20.00 -25.88
CA VAL A 150 -34.92 19.56 -26.78
C VAL A 150 -34.74 20.61 -27.88
N LYS A 151 -33.53 21.14 -28.04
CA LYS A 151 -33.17 22.05 -29.15
C LYS A 151 -32.56 21.24 -30.30
N GLU A 152 -31.77 20.20 -29.99
CA GLU A 152 -31.12 19.34 -31.01
C GLU A 152 -30.91 17.94 -30.46
N ARG A 153 -30.84 17.00 -31.38
CA ARG A 153 -30.26 15.66 -31.15
C ARG A 153 -29.07 15.55 -32.08
N LEU A 154 -27.90 15.30 -31.50
CA LEU A 154 -26.65 15.19 -32.28
C LEU A 154 -26.24 13.73 -32.29
N GLN A 155 -26.31 13.06 -33.43
CA GLN A 155 -25.81 11.67 -33.51
C GLN A 155 -24.29 11.73 -33.57
N ALA A 156 -23.62 10.86 -32.85
CA ALA A 156 -22.16 10.88 -32.66
C ALA A 156 -21.61 9.44 -32.69
N ASP A 157 -20.62 9.16 -33.56
CA ASP A 157 -19.80 7.93 -33.46
C ASP A 157 -18.99 7.96 -32.16
N HIS A 158 -18.50 9.13 -31.78
CA HIS A 158 -17.60 9.31 -30.62
C HIS A 158 -18.10 10.47 -29.77
N ILE A 159 -18.10 10.31 -28.45
CA ILE A 159 -18.60 11.37 -27.54
C ILE A 159 -17.48 11.73 -26.57
N LEU A 160 -17.21 13.02 -26.46
CA LEU A 160 -16.22 13.57 -25.51
C LEU A 160 -16.93 14.36 -24.42
N LEU A 161 -16.76 13.92 -23.18
CA LEU A 161 -17.26 14.60 -21.97
C LEU A 161 -16.15 15.54 -21.48
N ALA A 162 -16.35 16.85 -21.58
CA ALA A 162 -15.33 17.86 -21.20
C ALA A 162 -16.02 19.07 -20.54
N THR A 163 -16.85 18.78 -19.52
CA THR A 163 -17.79 19.75 -18.89
C THR A 163 -17.14 20.44 -17.68
N GLY A 164 -15.91 20.04 -17.34
CA GLY A 164 -15.08 20.72 -16.34
C GLY A 164 -15.62 20.57 -14.94
N SER A 165 -15.41 21.58 -14.11
CA SER A 165 -15.72 21.51 -12.65
C SER A 165 -16.52 22.74 -12.25
N TRP A 166 -16.88 22.78 -10.96
CA TRP A 166 -17.77 23.78 -10.33
C TRP A 166 -17.34 23.98 -8.88
N PRO A 167 -17.48 25.20 -8.32
CA PRO A 167 -17.07 25.45 -6.94
C PRO A 167 -17.82 24.52 -5.98
N GLN A 168 -17.11 24.00 -5.00
CA GLN A 168 -17.73 23.24 -3.89
C GLN A 168 -18.20 24.24 -2.83
N MET A 169 -19.44 24.13 -2.39
CA MET A 169 -20.01 24.97 -1.30
C MET A 169 -20.31 24.04 -0.12
N PRO A 170 -19.75 24.29 1.09
CA PRO A 170 -19.99 23.43 2.24
C PRO A 170 -21.45 23.62 2.72
N ALA A 171 -22.03 22.56 3.27
CA ALA A 171 -23.42 22.56 3.78
C ALA A 171 -23.39 23.17 5.17
N ILE A 172 -23.27 24.49 5.28
CA ILE A 172 -23.28 25.20 6.59
C ILE A 172 -24.49 26.13 6.62
N PRO A 173 -25.06 26.36 7.82
CA PRO A 173 -26.13 27.35 7.97
C PRO A 173 -25.62 28.69 7.43
N GLY A 174 -26.40 29.30 6.54
CA GLY A 174 -26.09 30.62 5.96
C GLY A 174 -25.16 30.55 4.76
N ILE A 175 -24.97 29.35 4.18
CA ILE A 175 -24.15 29.15 2.94
C ILE A 175 -24.68 30.09 1.85
N GLU A 176 -25.98 30.35 1.81
CA GLU A 176 -26.58 31.28 0.81
C GLU A 176 -26.07 32.72 1.00
N HIS A 177 -25.40 33.06 2.12
CA HIS A 177 -24.83 34.42 2.32
C HIS A 177 -23.40 34.49 1.78
N CYS A 178 -22.90 33.40 1.22
CA CYS A 178 -21.49 33.30 0.71
C CYS A 178 -21.49 33.24 -0.81
N ILE A 179 -20.37 33.59 -1.42
CA ILE A 179 -20.16 33.47 -2.90
C ILE A 179 -19.01 32.49 -3.16
N SER A 180 -18.75 32.23 -4.43
CA SER A 180 -17.60 31.45 -4.95
C SER A 180 -16.74 32.38 -5.81
N SER A 181 -15.66 31.88 -6.38
CA SER A 181 -14.82 32.63 -7.35
C SER A 181 -15.68 33.22 -8.47
N ASN A 182 -16.75 32.52 -8.89
CA ASN A 182 -17.62 32.90 -10.02
C ASN A 182 -18.17 34.32 -9.81
N GLU A 183 -18.80 34.56 -8.66
CA GLU A 183 -19.41 35.87 -8.30
C GLU A 183 -18.31 36.91 -8.01
N ALA A 184 -17.17 36.48 -7.48
CA ALA A 184 -16.01 37.35 -7.15
C ALA A 184 -15.65 38.20 -8.36
N PHE A 185 -15.72 37.62 -9.56
CA PHE A 185 -15.29 38.22 -10.84
C PHE A 185 -16.25 39.32 -11.28
N TYR A 186 -17.43 39.41 -10.64
CA TYR A 186 -18.50 40.37 -11.03
C TYR A 186 -18.91 41.26 -9.86
N LEU A 187 -18.25 41.20 -8.72
CA LEU A 187 -18.61 42.10 -7.59
C LEU A 187 -18.66 43.53 -8.11
N PRO A 188 -19.76 44.27 -7.90
CA PRO A 188 -19.87 45.64 -8.40
C PRO A 188 -18.90 46.62 -7.70
N GLU A 189 -18.59 46.33 -6.43
CA GLU A 189 -17.71 47.13 -5.56
C GLU A 189 -16.66 46.21 -4.98
N PRO A 190 -15.43 46.70 -4.69
CA PRO A 190 -14.43 45.88 -4.00
C PRO A 190 -14.86 45.81 -2.54
N PRO A 191 -14.86 44.63 -1.89
CA PRO A 191 -15.27 44.53 -0.50
C PRO A 191 -14.27 45.19 0.45
N ARG A 192 -14.81 45.87 1.47
CA ARG A 192 -14.00 46.51 2.53
C ARG A 192 -13.39 45.38 3.38
N ARG A 193 -14.22 44.45 3.83
CA ARG A 193 -13.78 43.28 4.60
C ARG A 193 -14.24 42.03 3.85
N VAL A 194 -13.30 41.14 3.59
CA VAL A 194 -13.60 39.87 2.88
C VAL A 194 -12.91 38.76 3.65
N LEU A 195 -13.59 37.63 3.80
CA LEU A 195 -13.04 36.34 4.24
C LEU A 195 -12.93 35.42 3.03
N THR A 196 -11.71 35.03 2.61
CA THR A 196 -11.55 33.95 1.60
CA THR A 196 -11.55 33.95 1.61
C THR A 196 -11.32 32.66 2.41
N VAL A 197 -12.14 31.67 2.15
CA VAL A 197 -12.16 30.37 2.86
C VAL A 197 -11.51 29.37 1.94
N GLY A 198 -10.39 28.81 2.38
CA GLY A 198 -9.59 27.83 1.61
C GLY A 198 -8.12 28.15 1.67
N GLY A 199 -7.28 27.13 1.56
CA GLY A 199 -5.81 27.26 1.56
C GLY A 199 -5.23 27.01 0.18
N GLY A 200 -6.07 26.73 -0.82
CA GLY A 200 -5.64 26.51 -2.21
C GLY A 200 -5.32 27.81 -2.94
N PHE A 201 -4.84 27.68 -4.17
CA PHE A 201 -4.36 28.77 -5.04
C PHE A 201 -5.48 29.79 -5.30
N ILE A 202 -6.72 29.33 -5.46
CA ILE A 202 -7.83 30.27 -5.78
C ILE A 202 -8.02 31.21 -4.58
N SER A 203 -8.07 30.68 -3.36
CA SER A 203 -8.22 31.51 -2.13
C SER A 203 -7.02 32.48 -2.02
N VAL A 204 -5.82 31.98 -2.22
CA VAL A 204 -4.59 32.78 -2.02
C VAL A 204 -4.57 33.89 -3.06
N GLU A 205 -4.87 33.55 -4.30
CA GLU A 205 -4.79 34.49 -5.45
C GLU A 205 -5.81 35.60 -5.23
N PHE A 206 -7.04 35.25 -4.79
CA PHE A 206 -8.11 36.26 -4.63
C PHE A 206 -7.77 37.14 -3.42
N ALA A 207 -7.25 36.54 -2.35
CA ALA A 207 -6.77 37.30 -1.17
C ALA A 207 -5.89 38.48 -1.61
N GLY A 208 -4.93 38.23 -2.50
CA GLY A 208 -4.01 39.22 -3.08
C GLY A 208 -4.74 40.28 -3.88
N ILE A 209 -5.71 39.87 -4.70
CA ILE A 209 -6.53 40.77 -5.53
C ILE A 209 -7.34 41.69 -4.61
N PHE A 210 -8.09 41.11 -3.66
CA PHE A 210 -8.94 41.90 -2.74
C PHE A 210 -8.05 42.83 -1.90
N ASN A 211 -6.87 42.36 -1.51
CA ASN A 211 -5.96 43.14 -0.64
C ASN A 211 -5.52 44.40 -1.37
N ALA A 212 -5.31 44.36 -2.68
CA ALA A 212 -4.80 45.52 -3.43
C ALA A 212 -5.93 46.52 -3.70
N TYR A 213 -7.18 46.06 -3.90
CA TYR A 213 -8.30 46.94 -4.34
C TYR A 213 -9.23 47.29 -3.19
N LYS A 214 -8.95 46.88 -1.96
CA LYS A 214 -9.85 47.19 -0.81
C LYS A 214 -9.88 48.69 -0.58
N PRO A 215 -11.06 49.22 -0.18
CA PRO A 215 -11.16 50.61 0.13
C PRO A 215 -10.35 50.94 1.38
N PRO A 216 -10.16 52.23 1.69
CA PRO A 216 -9.49 52.63 2.91
C PRO A 216 -10.10 51.93 4.13
N GLY A 217 -9.24 51.45 5.02
CA GLY A 217 -9.70 50.76 6.23
C GLY A 217 -10.03 49.29 5.98
N GLY A 218 -9.94 48.86 4.74
CA GLY A 218 -10.31 47.48 4.41
C GLY A 218 -9.39 46.47 5.05
N LYS A 219 -9.87 45.23 5.13
CA LYS A 219 -9.04 44.11 5.65
C LYS A 219 -9.43 42.82 4.92
N VAL A 220 -8.42 42.09 4.44
CA VAL A 220 -8.60 40.73 3.85
C VAL A 220 -8.16 39.72 4.91
N THR A 221 -9.02 38.72 5.15
CA THR A 221 -8.75 37.55 6.01
C THR A 221 -8.87 36.31 5.14
N LEU A 222 -7.88 35.43 5.23
CA LEU A 222 -7.87 34.09 4.61
C LEU A 222 -7.93 33.06 5.74
N CYS A 223 -8.88 32.13 5.68
CA CYS A 223 -8.95 31.04 6.68
C CYS A 223 -8.78 29.72 5.97
N TYR A 224 -8.24 28.75 6.70
CA TYR A 224 -7.94 27.40 6.20
C TYR A 224 -8.05 26.44 7.38
N ARG A 225 -8.68 25.29 7.19
CA ARG A 225 -9.05 24.36 8.29
CA ARG A 225 -9.05 24.38 8.31
C ARG A 225 -7.81 23.68 8.86
N ASN A 226 -6.68 23.68 8.12
CA ASN A 226 -5.44 22.98 8.52
C ASN A 226 -4.34 23.99 8.87
N ASN A 227 -3.15 23.46 9.20
CA ASN A 227 -2.09 24.25 9.90
CA ASN A 227 -2.11 24.28 9.91
C ASN A 227 -1.39 25.18 8.91
N LEU A 228 -1.32 24.80 7.63
CA LEU A 228 -0.46 25.50 6.65
C LEU A 228 -1.16 25.52 5.28
N ILE A 229 -1.32 26.71 4.69
CA ILE A 229 -1.94 26.89 3.35
C ILE A 229 -1.13 26.15 2.26
N LEU A 230 -1.78 25.89 1.13
CA LEU A 230 -1.17 25.44 -0.15
C LEU A 230 -0.62 24.02 0.02
N ARG A 231 -1.43 23.10 0.53
CA ARG A 231 -1.10 21.64 0.53
CA ARG A 231 -1.12 21.65 0.52
C ARG A 231 -0.68 21.25 -0.88
N GLY A 232 0.35 20.42 -0.99
CA GLY A 232 0.81 19.89 -2.29
C GLY A 232 2.01 20.66 -2.79
N PHE A 233 2.21 21.89 -2.33
CA PHE A 233 3.37 22.71 -2.72
C PHE A 233 4.50 22.46 -1.72
N ASP A 234 5.70 22.83 -2.14
CA ASP A 234 6.93 22.77 -1.31
C ASP A 234 6.67 23.45 0.03
N GLU A 235 7.13 22.84 1.11
CA GLU A 235 6.81 23.28 2.49
C GLU A 235 7.52 24.61 2.77
N THR A 236 8.77 24.77 2.34
CA THR A 236 9.50 26.06 2.49
C THR A 236 8.66 27.18 1.83
N ILE A 237 8.17 26.93 0.63
CA ILE A 237 7.40 27.93 -0.14
C ILE A 237 6.06 28.18 0.58
N ARG A 238 5.39 27.14 1.08
CA ARG A 238 4.11 27.29 1.83
C ARG A 238 4.32 28.24 3.02
N GLU A 239 5.32 27.95 3.84
CA GLU A 239 5.71 28.78 5.01
C GLU A 239 6.03 30.20 4.54
N GLU A 240 6.77 30.37 3.45
CA GLU A 240 7.25 31.72 3.03
C GLU A 240 6.09 32.53 2.43
N VAL A 241 5.26 31.92 1.59
CA VAL A 241 4.12 32.67 1.00
CA VAL A 241 4.07 32.60 1.00
C VAL A 241 3.16 33.08 2.15
N THR A 242 3.03 32.26 3.21
CA THR A 242 2.23 32.66 4.42
C THR A 242 2.82 33.96 5.00
N LYS A 243 4.13 34.03 5.22
CA LYS A 243 4.82 35.24 5.77
C LYS A 243 4.63 36.43 4.83
N GLN A 244 4.68 36.22 3.51
CA GLN A 244 4.63 37.33 2.50
C GLN A 244 3.19 37.86 2.41
N LEU A 245 2.17 37.01 2.56
CA LEU A 245 0.77 37.49 2.59
C LEU A 245 0.57 38.30 3.87
N THR A 246 1.01 37.77 5.01
CA THR A 246 0.97 38.49 6.31
C THR A 246 1.68 39.84 6.16
N ALA A 247 2.87 39.88 5.54
CA ALA A 247 3.68 41.11 5.47
C ALA A 247 2.97 42.17 4.61
N ASN A 248 2.07 41.73 3.73
CA ASN A 248 1.31 42.66 2.85
C ASN A 248 -0.09 42.92 3.43
N GLY A 249 -0.32 42.55 4.70
CA GLY A 249 -1.46 43.04 5.50
C GLY A 249 -2.67 42.13 5.36
N ILE A 250 -2.47 40.89 4.91
CA ILE A 250 -3.55 39.87 4.82
C ILE A 250 -3.52 39.05 6.12
N GLU A 251 -4.67 38.90 6.78
CA GLU A 251 -4.78 38.16 8.07
C GLU A 251 -5.00 36.67 7.73
N ILE A 252 -4.12 35.80 8.20
CA ILE A 252 -4.21 34.34 7.93
C ILE A 252 -4.69 33.64 9.20
N MET A 253 -5.90 33.08 9.19
CA MET A 253 -6.44 32.27 10.30
C MET A 253 -6.31 30.81 9.92
N THR A 254 -5.32 30.12 10.44
CA THR A 254 -5.14 28.67 10.15
C THR A 254 -5.83 27.87 11.25
N ASN A 255 -6.18 26.62 10.95
CA ASN A 255 -6.91 25.71 11.85
C ASN A 255 -8.23 26.38 12.23
N GLU A 256 -8.84 27.07 11.27
CA GLU A 256 -10.13 27.79 11.47
C GLU A 256 -11.03 27.48 10.26
N ASN A 257 -12.32 27.35 10.52
CA ASN A 257 -13.29 26.94 9.48
C ASN A 257 -14.67 27.50 9.84
N PRO A 258 -15.35 28.24 8.95
CA PRO A 258 -16.71 28.70 9.22
C PRO A 258 -17.65 27.54 9.55
N ALA A 259 -18.41 27.68 10.64
CA ALA A 259 -19.49 26.74 11.02
C ALA A 259 -20.83 27.32 10.59
N LYS A 260 -20.96 28.65 10.58
CA LYS A 260 -22.21 29.27 10.10
C LYS A 260 -22.00 30.74 9.77
N VAL A 261 -22.93 31.29 8.99
CA VAL A 261 -22.96 32.72 8.58
C VAL A 261 -24.40 33.22 8.77
N SER A 262 -24.55 34.37 9.45
CA SER A 262 -25.85 35.08 9.55
C SER A 262 -25.64 36.49 9.04
N LEU A 263 -26.71 37.24 8.84
CA LEU A 263 -26.66 38.66 8.43
C LEU A 263 -26.80 39.53 9.68
N ASN A 264 -25.85 40.44 9.89
CA ASN A 264 -25.99 41.54 10.88
C ASN A 264 -27.16 42.41 10.41
N THR A 265 -27.68 43.27 11.28
CA THR A 265 -28.83 44.16 10.97
C THR A 265 -28.42 45.13 9.85
N ASP A 266 -27.13 45.49 9.77
CA ASP A 266 -26.58 46.39 8.72
C ASP A 266 -26.33 45.63 7.40
N GLY A 267 -26.66 44.33 7.30
CA GLY A 267 -26.50 43.52 6.06
C GLY A 267 -25.11 42.93 5.88
N SER A 268 -24.14 43.28 6.72
CA SER A 268 -22.80 42.64 6.72
C SER A 268 -22.93 41.18 7.21
N LYS A 269 -21.92 40.36 6.92
CA LYS A 269 -21.92 38.91 7.23
C LYS A 269 -21.26 38.69 8.57
N HIS A 270 -21.96 38.05 9.50
CA HIS A 270 -21.43 37.62 10.80
C HIS A 270 -21.00 36.16 10.68
N VAL A 271 -19.70 35.90 10.70
CA VAL A 271 -19.14 34.53 10.51
C VAL A 271 -18.83 33.95 11.89
N THR A 272 -19.34 32.77 12.21
CA THR A 272 -18.92 32.00 13.40
C THR A 272 -18.10 30.80 12.93
N PHE A 273 -16.87 30.68 13.44
CA PHE A 273 -15.98 29.53 13.15
C PHE A 273 -16.33 28.39 14.11
N GLU A 274 -15.93 27.17 13.77
CA GLU A 274 -16.00 25.98 14.67
C GLU A 274 -15.38 26.31 16.02
N SER A 275 -14.34 27.14 16.09
CA SER A 275 -13.64 27.49 17.35
C SER A 275 -14.49 28.41 18.21
N GLY A 276 -15.58 28.96 17.69
CA GLY A 276 -16.43 29.93 18.40
C GLY A 276 -15.94 31.34 18.21
N LYS A 277 -14.76 31.51 17.60
CA LYS A 277 -14.31 32.83 17.08
C LYS A 277 -15.40 33.36 16.16
N THR A 278 -15.50 34.68 16.03
CA THR A 278 -16.45 35.34 15.11
C THR A 278 -15.70 36.44 14.35
N LEU A 279 -16.20 36.76 13.17
CA LEU A 279 -15.61 37.82 12.31
C LEU A 279 -16.76 38.39 11.48
N ASP A 280 -16.83 39.71 11.42
CA ASP A 280 -17.80 40.42 10.53
C ASP A 280 -17.08 40.84 9.26
N VAL A 281 -17.63 40.44 8.12
CA VAL A 281 -17.10 40.81 6.78
C VAL A 281 -18.25 41.25 5.87
N ASP A 282 -17.89 41.85 4.73
CA ASP A 282 -18.86 42.30 3.70
C ASP A 282 -19.06 41.17 2.70
N VAL A 283 -18.09 40.26 2.56
CA VAL A 283 -18.09 39.16 1.56
C VAL A 283 -17.40 37.96 2.17
N VAL A 284 -17.99 36.79 1.99
CA VAL A 284 -17.41 35.48 2.32
C VAL A 284 -17.29 34.72 1.00
N MET A 285 -16.05 34.55 0.53
CA MET A 285 -15.79 33.84 -0.74
C MET A 285 -15.30 32.44 -0.37
N MET A 286 -16.12 31.43 -0.70
CA MET A 286 -15.79 30.01 -0.48
C MET A 286 -14.89 29.53 -1.64
N ALA A 287 -13.69 29.05 -1.32
CA ALA A 287 -12.73 28.52 -2.31
C ALA A 287 -12.09 27.27 -1.69
N ILE A 288 -12.92 26.32 -1.30
CA ILE A 288 -12.49 25.10 -0.53
C ILE A 288 -12.25 23.93 -1.49
N GLY A 289 -12.71 24.06 -2.73
CA GLY A 289 -12.46 23.02 -3.75
C GLY A 289 -13.36 23.17 -4.96
N ARG A 290 -13.15 22.32 -5.94
CA ARG A 290 -13.95 22.29 -7.18
C ARG A 290 -14.30 20.85 -7.48
N ILE A 291 -15.53 20.65 -7.91
CA ILE A 291 -16.04 19.27 -8.11
C ILE A 291 -16.43 19.10 -9.57
N PRO A 292 -16.19 17.88 -10.09
CA PRO A 292 -16.47 17.56 -11.48
C PRO A 292 -17.96 17.77 -11.79
N ARG A 293 -18.28 18.35 -12.95
CA ARG A 293 -19.67 18.61 -13.39
C ARG A 293 -20.17 17.40 -14.20
N THR A 294 -20.66 16.40 -13.48
CA THR A 294 -21.16 15.12 -14.04
C THR A 294 -22.68 15.03 -13.92
N ASN A 295 -23.32 15.75 -12.99
CA ASN A 295 -24.77 15.60 -12.66
CA ASN A 295 -24.77 15.54 -12.68
C ASN A 295 -25.62 15.78 -13.92
N ASP A 296 -25.32 16.81 -14.71
CA ASP A 296 -26.24 17.23 -15.79
C ASP A 296 -26.08 16.34 -17.03
N LEU A 297 -25.12 15.42 -17.07
CA LEU A 297 -24.85 14.65 -18.30
C LEU A 297 -25.78 13.44 -18.42
N GLN A 298 -26.53 13.13 -17.37
CA GLN A 298 -27.45 11.95 -17.35
C GLN A 298 -26.64 10.70 -17.71
N LEU A 299 -25.48 10.55 -17.10
CA LEU A 299 -24.53 9.44 -17.41
C LEU A 299 -25.18 8.08 -17.14
N GLY A 300 -26.19 8.01 -16.27
CA GLY A 300 -26.95 6.79 -15.93
C GLY A 300 -27.64 6.23 -17.16
N ASN A 301 -27.87 7.06 -18.17
CA ASN A 301 -28.57 6.63 -19.40
C ASN A 301 -27.70 5.62 -20.14
N VAL A 302 -26.36 5.70 -20.04
CA VAL A 302 -25.45 4.84 -20.84
C VAL A 302 -24.53 4.05 -19.90
N GLY A 303 -24.58 4.30 -18.58
CA GLY A 303 -23.81 3.54 -17.58
C GLY A 303 -22.33 3.95 -17.53
N VAL A 304 -22.02 5.23 -17.73
CA VAL A 304 -20.61 5.70 -17.63
C VAL A 304 -20.23 5.69 -16.14
N LYS A 305 -19.17 4.99 -15.78
CA LYS A 305 -18.77 4.80 -14.37
C LYS A 305 -18.04 6.05 -13.88
N LEU A 306 -18.44 6.52 -12.71
CA LEU A 306 -17.77 7.53 -11.88
C LEU A 306 -16.83 6.83 -10.92
N THR A 307 -15.79 7.54 -10.46
CA THR A 307 -14.90 7.08 -9.38
C THR A 307 -15.64 7.31 -8.06
N PRO A 308 -15.23 6.59 -6.99
CA PRO A 308 -15.71 6.90 -5.64
C PRO A 308 -15.74 8.43 -5.47
N LYS A 309 -14.67 9.10 -5.89
CA LYS A 309 -14.45 10.57 -5.64
C LYS A 309 -15.46 11.44 -6.42
N GLY A 310 -16.01 10.95 -7.54
CA GLY A 310 -17.10 11.62 -8.29
C GLY A 310 -16.71 11.97 -9.72
N GLY A 311 -15.43 11.86 -10.08
CA GLY A 311 -14.95 12.12 -11.46
C GLY A 311 -15.41 11.03 -12.41
N VAL A 312 -15.41 11.29 -13.72
CA VAL A 312 -15.62 10.19 -14.73
C VAL A 312 -14.36 9.33 -14.70
N GLN A 313 -14.53 8.01 -14.54
CA GLN A 313 -13.40 7.08 -14.51
C GLN A 313 -12.87 6.97 -15.93
N VAL A 314 -11.55 7.06 -16.11
CA VAL A 314 -10.92 6.90 -17.43
C VAL A 314 -9.66 6.05 -17.26
N ASP A 315 -9.28 5.35 -18.31
CA ASP A 315 -7.96 4.70 -18.44
C ASP A 315 -6.97 5.78 -18.89
N GLU A 316 -5.73 5.39 -19.18
CA GLU A 316 -4.64 6.32 -19.54
C GLU A 316 -4.95 7.01 -20.87
N PHE A 317 -5.87 6.47 -21.67
CA PHE A 317 -6.23 7.01 -23.01
C PHE A 317 -7.54 7.80 -22.96
N SER A 318 -7.98 8.20 -21.77
CA SER A 318 -9.21 9.01 -21.54
C SER A 318 -10.48 8.20 -21.89
N ARG A 319 -10.42 6.86 -21.95
CA ARG A 319 -11.60 6.01 -22.32
C ARG A 319 -12.40 5.71 -21.05
N THR A 320 -13.72 5.95 -21.10
CA THR A 320 -14.67 5.48 -20.06
C THR A 320 -14.89 3.98 -20.27
N ASN A 321 -15.77 3.36 -19.48
CA ASN A 321 -16.16 1.93 -19.61
C ASN A 321 -17.03 1.71 -20.86
N VAL A 322 -17.57 2.77 -21.46
CA VAL A 322 -18.37 2.72 -22.72
C VAL A 322 -17.47 3.05 -23.91
N PRO A 323 -17.19 2.08 -24.79
CA PRO A 323 -16.05 2.15 -25.74
C PRO A 323 -15.77 3.45 -26.51
N ASN A 324 -16.82 4.19 -26.92
CA ASN A 324 -16.72 5.38 -27.80
C ASN A 324 -17.06 6.67 -27.03
N ILE A 325 -17.07 6.59 -25.70
CA ILE A 325 -17.28 7.77 -24.81
C ILE A 325 -15.99 7.99 -24.04
N TYR A 326 -15.48 9.22 -24.14
CA TYR A 326 -14.20 9.66 -23.54
C TYR A 326 -14.50 10.83 -22.60
N ALA A 327 -13.57 11.10 -21.70
CA ALA A 327 -13.61 12.21 -20.72
C ALA A 327 -12.19 12.73 -20.53
N ILE A 328 -12.05 14.05 -20.63
CA ILE A 328 -10.76 14.76 -20.39
C ILE A 328 -11.01 15.96 -19.48
N GLY A 329 -9.92 16.48 -18.91
CA GLY A 329 -9.94 17.71 -18.11
C GLY A 329 -10.53 17.51 -16.75
N ASP A 330 -11.11 18.56 -16.19
CA ASP A 330 -11.49 18.63 -14.76
C ASP A 330 -12.56 17.59 -14.42
N ILE A 331 -13.36 17.14 -15.39
CA ILE A 331 -14.42 16.13 -15.12
C ILE A 331 -13.76 14.83 -14.66
N THR A 332 -12.48 14.58 -15.01
CA THR A 332 -11.76 13.34 -14.58
C THR A 332 -11.26 13.50 -13.14
N ASP A 333 -11.30 14.71 -12.59
CA ASP A 333 -11.05 14.97 -11.15
C ASP A 333 -9.65 14.50 -10.75
N ARG A 334 -8.65 14.94 -11.51
CA ARG A 334 -7.22 14.64 -11.29
C ARG A 334 -6.45 15.97 -11.20
N LEU A 335 -5.58 16.31 -12.17
CA LEU A 335 -4.93 17.64 -12.25
C LEU A 335 -5.90 18.61 -12.91
N MET A 336 -6.37 19.59 -12.15
CA MET A 336 -7.36 20.57 -12.65
C MET A 336 -6.58 21.76 -13.20
N LEU A 337 -6.01 21.57 -14.38
CA LEU A 337 -5.18 22.59 -15.06
C LEU A 337 -5.59 22.63 -16.53
N THR A 338 -5.65 23.85 -17.08
CA THR A 338 -6.00 24.10 -18.49
C THR A 338 -5.07 23.30 -19.39
N PRO A 339 -3.73 23.47 -19.30
CA PRO A 339 -2.83 22.84 -20.27
C PRO A 339 -2.86 21.30 -20.18
N VAL A 340 -3.25 20.74 -19.05
CA VAL A 340 -3.40 19.26 -18.95
C VAL A 340 -4.66 18.86 -19.73
N ALA A 341 -5.77 19.61 -19.64
CA ALA A 341 -7.02 19.35 -20.42
C ALA A 341 -6.68 19.41 -21.92
N ILE A 342 -5.97 20.45 -22.34
CA ILE A 342 -5.51 20.63 -23.75
C ILE A 342 -4.68 19.42 -24.19
N ASN A 343 -3.66 19.04 -23.41
CA ASN A 343 -2.82 17.87 -23.73
C ASN A 343 -3.69 16.61 -23.88
N GLU A 344 -4.60 16.37 -22.95
CA GLU A 344 -5.51 15.18 -23.00
C GLU A 344 -6.33 15.21 -24.29
N GLY A 345 -6.94 16.35 -24.61
CA GLY A 345 -7.77 16.52 -25.81
C GLY A 345 -6.97 16.20 -27.06
N ALA A 346 -5.76 16.73 -27.17
CA ALA A 346 -4.89 16.52 -28.33
C ALA A 346 -4.48 15.05 -28.44
N ALA A 347 -4.12 14.41 -27.31
CA ALA A 347 -3.70 12.98 -27.28
C ALA A 347 -4.87 12.11 -27.73
N LEU A 348 -6.07 12.41 -27.24
CA LEU A 348 -7.30 11.62 -27.51
C LEU A 348 -7.55 11.58 -29.00
N VAL A 349 -7.51 12.74 -29.64
CA VAL A 349 -7.87 12.93 -31.05
C VAL A 349 -6.80 12.29 -31.95
N ASP A 350 -5.53 12.43 -31.58
CA ASP A 350 -4.43 11.79 -32.35
C ASP A 350 -4.60 10.27 -32.26
N THR A 351 -5.08 9.76 -31.12
CA THR A 351 -5.26 8.31 -30.87
C THR A 351 -6.50 7.78 -31.60
N VAL A 352 -7.62 8.51 -31.56
CA VAL A 352 -8.92 8.02 -32.07
C VAL A 352 -8.98 8.19 -33.59
N PHE A 353 -8.49 9.31 -34.10
CA PHE A 353 -8.68 9.74 -35.50
C PHE A 353 -7.34 9.77 -36.26
N GLY A 354 -6.22 9.87 -35.57
CA GLY A 354 -4.91 10.06 -36.22
C GLY A 354 -4.14 8.76 -36.37
N ASN A 355 -4.66 7.67 -35.78
CA ASN A 355 -3.99 6.35 -35.69
C ASN A 355 -2.51 6.60 -35.38
N LYS A 356 -2.24 7.41 -34.35
CA LYS A 356 -0.93 7.51 -33.66
C LYS A 356 -1.22 7.57 -32.16
N PRO A 357 -1.36 6.41 -31.49
CA PRO A 357 -1.82 6.36 -30.11
C PRO A 357 -0.88 7.18 -29.21
N ARG A 358 -1.42 7.82 -28.19
CA ARG A 358 -0.65 8.75 -27.32
CA ARG A 358 -0.65 8.75 -27.32
C ARG A 358 -1.42 8.97 -26.02
N LYS A 359 -0.73 8.87 -24.89
CA LYS A 359 -1.34 9.16 -23.58
C LYS A 359 -0.61 10.35 -22.96
N THR A 360 -1.38 11.23 -22.35
CA THR A 360 -0.91 12.37 -21.55
C THR A 360 -0.02 11.83 -20.43
N ASP A 361 1.14 12.45 -20.28
CA ASP A 361 2.02 12.26 -19.09
C ASP A 361 1.57 13.25 -18.03
N HIS A 362 1.10 12.75 -16.89
CA HIS A 362 0.56 13.53 -15.75
C HIS A 362 1.69 13.80 -14.76
N THR A 363 2.90 13.37 -15.06
CA THR A 363 4.08 13.61 -14.18
C THR A 363 4.84 14.81 -14.75
N ARG A 364 5.56 15.51 -13.89
CA ARG A 364 6.52 16.57 -14.29
C ARG A 364 5.75 17.68 -15.00
N VAL A 365 4.51 17.94 -14.56
CA VAL A 365 3.66 19.05 -15.07
C VAL A 365 4.05 20.34 -14.36
N ALA A 366 4.51 21.32 -15.11
CA ALA A 366 4.81 22.67 -14.61
C ALA A 366 3.49 23.36 -14.27
N SER A 367 3.48 24.13 -13.17
CA SER A 367 2.29 24.86 -12.70
C SER A 367 2.73 26.06 -11.86
N ALA A 368 1.78 26.96 -11.58
CA ALA A 368 2.08 28.25 -10.95
C ALA A 368 0.97 28.62 -9.98
N VAL A 369 1.32 29.44 -9.01
CA VAL A 369 0.33 30.19 -8.21
C VAL A 369 0.67 31.68 -8.33
N PHE A 370 -0.32 32.48 -8.73
CA PHE A 370 -0.16 33.93 -8.93
C PHE A 370 -0.47 34.67 -7.63
N SER A 371 0.14 34.19 -6.55
CA SER A 371 0.43 34.95 -5.30
C SER A 371 1.35 36.11 -5.68
N ILE A 372 1.50 37.09 -4.79
CA ILE A 372 2.48 38.20 -4.98
C ILE A 372 3.47 38.06 -3.82
N PRO A 373 4.72 37.63 -4.11
CA PRO A 373 5.13 37.17 -5.43
C PRO A 373 4.68 35.74 -5.72
N PRO A 374 4.79 35.27 -6.98
CA PRO A 374 4.25 33.97 -7.37
C PRO A 374 5.13 32.73 -7.15
N ILE A 375 4.49 31.58 -7.27
CA ILE A 375 5.11 30.22 -7.23
C ILE A 375 5.17 29.68 -8.66
N GLY A 376 6.29 29.05 -8.99
CA GLY A 376 6.44 28.16 -10.16
C GLY A 376 7.00 26.83 -9.70
N THR A 377 6.38 25.74 -10.12
CA THR A 377 6.74 24.39 -9.64
C THR A 377 6.56 23.36 -10.76
N CYS A 378 7.41 22.34 -10.73
CA CYS A 378 7.37 21.20 -11.65
C CYS A 378 7.95 20.00 -10.93
N GLY A 379 7.18 18.92 -10.82
CA GLY A 379 7.69 17.64 -10.30
C GLY A 379 7.44 17.50 -8.82
N LEU A 380 8.22 16.62 -8.17
CA LEU A 380 7.92 16.07 -6.82
C LEU A 380 8.42 17.04 -5.72
N ILE A 381 7.60 17.24 -4.68
CA ILE A 381 8.03 17.88 -3.40
C ILE A 381 8.87 16.85 -2.65
N GLU A 382 9.79 17.30 -1.81
CA GLU A 382 10.87 16.43 -1.26
C GLU A 382 10.28 15.29 -0.43
N GLU A 383 9.22 15.53 0.35
CA GLU A 383 8.61 14.50 1.25
C GLU A 383 7.97 13.41 0.40
N VAL A 384 7.46 13.73 -0.79
CA VAL A 384 6.89 12.69 -1.71
C VAL A 384 8.06 11.91 -2.29
N ALA A 385 9.08 12.58 -2.83
CA ALA A 385 10.27 11.93 -3.40
C ALA A 385 10.88 10.97 -2.37
N ALA A 386 10.93 11.39 -1.10
CA ALA A 386 11.64 10.71 0.01
C ALA A 386 10.95 9.38 0.34
N LYS A 387 9.67 9.24 -0.03
CA LYS A 387 8.89 7.97 0.07
C LYS A 387 9.14 7.06 -1.14
N GLU A 388 9.53 7.59 -2.31
CA GLU A 388 9.75 6.79 -3.56
C GLU A 388 11.23 6.44 -3.76
N PHE A 389 12.16 7.23 -3.20
CA PHE A 389 13.61 7.06 -3.44
C PHE A 389 14.36 6.94 -2.10
N GLU A 390 15.31 6.02 -2.08
CA GLU A 390 16.10 5.67 -0.88
C GLU A 390 16.92 6.89 -0.47
N LYS A 391 17.47 7.63 -1.44
CA LYS A 391 18.38 8.78 -1.18
CA LYS A 391 18.37 8.79 -1.18
C LYS A 391 17.93 9.98 -2.04
N VAL A 392 17.46 11.04 -1.40
CA VAL A 392 16.96 12.30 -2.03
C VAL A 392 17.90 13.41 -1.56
N ALA A 393 18.36 14.24 -2.49
CA ALA A 393 19.08 15.48 -2.20
C ALA A 393 18.16 16.68 -2.48
N VAL A 394 18.27 17.66 -1.61
CA VAL A 394 17.58 18.97 -1.75
C VAL A 394 18.67 20.03 -1.85
N TYR A 395 18.62 20.81 -2.92
CA TYR A 395 19.44 22.02 -3.17
C TYR A 395 18.54 23.23 -3.01
N MET A 396 19.01 24.18 -2.24
CA MET A 396 18.17 25.31 -1.79
C MET A 396 19.00 26.59 -1.80
N SER A 397 18.46 27.59 -2.51
CA SER A 397 18.90 28.99 -2.46
C SER A 397 17.71 29.87 -2.07
N SER A 398 17.98 30.82 -1.19
CA SER A 398 16.98 31.73 -0.61
C SER A 398 17.67 33.03 -0.25
N PHE A 399 17.11 34.17 -0.61
CA PHE A 399 17.72 35.47 -0.29
C PHE A 399 16.67 36.56 -0.54
N THR A 400 16.89 37.72 0.07
CA THR A 400 16.17 38.97 -0.26
C THR A 400 16.80 39.47 -1.55
N PRO A 401 16.03 39.54 -2.66
CA PRO A 401 16.55 40.12 -3.89
C PRO A 401 17.09 41.51 -3.57
N LEU A 402 18.23 41.87 -4.14
CA LEU A 402 18.89 43.19 -3.99
C LEU A 402 17.89 44.31 -4.28
N MET A 403 17.08 44.15 -5.31
CA MET A 403 16.13 45.22 -5.69
C MET A 403 15.20 45.53 -4.51
N HIS A 404 14.89 44.53 -3.67
CA HIS A 404 13.92 44.68 -2.56
C HIS A 404 14.60 45.27 -1.31
N ASN A 405 15.93 45.34 -1.27
CA ASN A 405 16.64 46.14 -0.22
C ASN A 405 16.42 47.62 -0.53
N ILE A 406 16.23 47.98 -1.80
CA ILE A 406 15.98 49.38 -2.21
C ILE A 406 14.48 49.67 -2.09
N SER A 407 13.63 48.74 -2.55
CA SER A 407 12.17 48.89 -2.63
C SER A 407 11.56 49.02 -1.22
N GLY A 408 12.17 48.36 -0.23
CA GLY A 408 11.61 48.28 1.13
C GLY A 408 10.91 46.96 1.39
N SER A 409 10.57 46.18 0.37
CA SER A 409 9.85 44.89 0.52
C SER A 409 10.85 43.77 0.89
N LYS A 410 11.61 43.93 1.96
CA LYS A 410 12.67 42.97 2.33
C LYS A 410 12.05 41.61 2.64
N TYR A 411 10.78 41.58 3.06
CA TYR A 411 10.03 40.33 3.35
C TYR A 411 9.94 39.44 2.09
N LYS A 412 10.22 39.97 0.90
CA LYS A 412 10.01 39.22 -0.37
C LYS A 412 11.21 38.32 -0.64
N LYS A 413 11.35 37.25 0.12
CA LYS A 413 12.50 36.32 -0.06
CA LYS A 413 12.43 36.24 0.00
C LYS A 413 12.22 35.43 -1.28
N PHE A 414 13.23 35.31 -2.14
CA PHE A 414 13.26 34.39 -3.30
CA PHE A 414 13.26 34.39 -3.29
C PHE A 414 13.67 33.01 -2.79
N VAL A 415 12.97 31.96 -3.23
CA VAL A 415 13.31 30.56 -2.88
C VAL A 415 13.43 29.77 -4.17
N ALA A 416 14.56 29.12 -4.39
CA ALA A 416 14.78 28.11 -5.45
C ALA A 416 15.18 26.79 -4.77
N LYS A 417 14.41 25.75 -5.02
CA LYS A 417 14.72 24.39 -4.51
C LYS A 417 14.76 23.40 -5.67
N ILE A 418 15.80 22.58 -5.68
CA ILE A 418 15.89 21.43 -6.61
C ILE A 418 15.92 20.16 -5.76
N VAL A 419 15.03 19.24 -6.08
CA VAL A 419 14.94 17.89 -5.46
C VAL A 419 15.48 16.86 -6.47
N THR A 420 16.40 16.01 -6.02
CA THR A 420 17.02 14.97 -6.88
C THR A 420 16.96 13.59 -6.22
N ASN A 421 16.93 12.59 -7.06
CA ASN A 421 17.39 11.23 -6.70
C ASN A 421 18.91 11.33 -6.57
N HIS A 422 19.44 11.29 -5.35
CA HIS A 422 20.89 11.47 -5.12
C HIS A 422 21.67 10.31 -5.73
N SER A 423 21.05 9.13 -5.89
CA SER A 423 21.64 7.93 -6.54
C SER A 423 22.20 8.25 -7.93
N ASP A 424 21.44 8.92 -8.79
CA ASP A 424 21.85 9.17 -10.21
C ASP A 424 21.82 10.67 -10.57
N GLY A 425 21.38 11.53 -9.65
CA GLY A 425 21.36 12.99 -9.88
C GLY A 425 20.14 13.45 -10.66
N THR A 426 19.22 12.57 -11.02
CA THR A 426 17.98 12.94 -11.75
C THR A 426 17.23 14.01 -10.96
N VAL A 427 16.85 15.10 -11.62
CA VAL A 427 15.97 16.14 -11.03
C VAL A 427 14.53 15.62 -10.98
N LEU A 428 14.02 15.48 -9.75
CA LEU A 428 12.64 15.01 -9.45
C LEU A 428 11.67 16.19 -9.42
N GLY A 429 12.12 17.36 -8.98
CA GLY A 429 11.27 18.50 -8.63
C GLY A 429 12.07 19.78 -8.52
N VAL A 430 11.45 20.88 -8.96
CA VAL A 430 12.00 22.26 -8.89
C VAL A 430 10.88 23.16 -8.40
N HIS A 431 11.18 23.98 -7.39
CA HIS A 431 10.18 24.78 -6.68
C HIS A 431 10.72 26.20 -6.51
N LEU A 432 9.97 27.16 -7.02
CA LEU A 432 10.39 28.57 -7.08
C LEU A 432 9.32 29.45 -6.44
N LEU A 433 9.75 30.39 -5.63
CA LEU A 433 8.93 31.48 -5.10
C LEU A 433 9.67 32.78 -5.36
N GLY A 434 9.04 33.71 -6.08
CA GLY A 434 9.64 35.01 -6.41
C GLY A 434 9.21 35.48 -7.79
N ASP A 435 9.50 36.74 -8.11
CA ASP A 435 9.09 37.40 -9.37
C ASP A 435 9.61 36.57 -10.56
N GLY A 436 8.75 36.24 -11.50
CA GLY A 436 9.10 35.47 -12.71
C GLY A 436 9.12 33.95 -12.49
N ALA A 437 8.84 33.45 -11.29
CA ALA A 437 8.88 31.98 -11.06
C ALA A 437 8.02 31.25 -12.11
N PRO A 438 6.78 31.68 -12.45
CA PRO A 438 5.99 30.95 -13.47
C PRO A 438 6.62 30.98 -14.86
N GLU A 439 7.33 32.05 -15.20
CA GLU A 439 8.05 32.16 -16.50
C GLU A 439 9.28 31.24 -16.46
N ILE A 440 9.98 31.21 -15.34
CA ILE A 440 11.22 30.39 -15.19
C ILE A 440 10.87 28.92 -15.37
N ILE A 441 9.76 28.48 -14.79
CA ILE A 441 9.51 27.03 -14.60
C ILE A 441 9.14 26.38 -15.95
N GLN A 442 8.72 27.14 -16.96
CA GLN A 442 8.20 26.52 -18.22
C GLN A 442 9.28 25.65 -18.84
N ALA A 443 10.47 26.20 -19.07
CA ALA A 443 11.53 25.42 -19.75
C ALA A 443 12.06 24.38 -18.76
N VAL A 444 11.89 24.58 -17.46
CA VAL A 444 12.27 23.53 -16.48
C VAL A 444 11.42 22.29 -16.78
N GLY A 445 10.13 22.47 -17.10
CA GLY A 445 9.27 21.36 -17.52
C GLY A 445 9.90 20.58 -18.67
N VAL A 446 10.42 21.25 -19.68
CA VAL A 446 11.10 20.58 -20.84
C VAL A 446 12.30 19.77 -20.30
N CYS A 447 13.09 20.35 -19.39
CA CYS A 447 14.29 19.73 -18.79
C CYS A 447 13.91 18.39 -18.15
N LEU A 448 12.86 18.37 -17.33
CA LEU A 448 12.45 17.16 -16.59
C LEU A 448 11.93 16.11 -17.59
N ARG A 449 11.26 16.56 -18.64
CA ARG A 449 10.81 15.61 -19.69
CA ARG A 449 10.81 15.62 -19.71
C ARG A 449 12.01 14.92 -20.41
N LEU A 450 13.13 15.66 -20.45
CA LEU A 450 14.39 15.13 -21.00
C LEU A 450 15.26 14.53 -19.88
N ASN A 451 14.71 14.28 -18.70
CA ASN A 451 15.38 13.53 -17.62
C ASN A 451 16.67 14.23 -17.19
N ALA A 452 16.65 15.56 -17.17
CA ALA A 452 17.72 16.42 -16.63
C ALA A 452 18.21 15.88 -15.29
N LYS A 453 19.52 15.97 -15.10
CA LYS A 453 20.19 15.68 -13.80
C LYS A 453 20.71 17.00 -13.23
N ILE A 454 21.07 17.02 -11.95
CA ILE A 454 21.53 18.28 -11.28
C ILE A 454 22.74 18.79 -12.05
N SER A 455 23.61 17.92 -12.55
CA SER A 455 24.83 18.36 -13.29
C SER A 455 24.49 19.03 -14.62
N ASP A 456 23.36 18.69 -15.25
CA ASP A 456 22.89 19.37 -16.50
C ASP A 456 22.63 20.84 -16.18
N PHE A 457 22.00 21.09 -15.04
CA PHE A 457 21.74 22.44 -14.51
C PHE A 457 23.05 23.16 -14.21
N TYR A 458 23.94 22.63 -13.39
CA TYR A 458 25.10 23.42 -12.87
C TYR A 458 26.20 23.53 -13.92
N ASN A 459 26.23 22.69 -14.95
CA ASN A 459 27.20 22.85 -16.07
C ASN A 459 26.68 23.90 -17.05
N THR A 460 25.40 24.26 -16.99
CA THR A 460 24.82 25.32 -17.85
C THR A 460 25.29 26.68 -17.33
N ILE A 461 25.71 27.54 -18.22
CA ILE A 461 26.21 28.88 -17.83
C ILE A 461 25.01 29.79 -17.51
N GLY A 462 25.12 30.52 -16.40
CA GLY A 462 24.04 31.42 -15.93
C GLY A 462 23.82 32.58 -16.88
N VAL A 463 22.59 33.11 -16.94
CA VAL A 463 22.25 34.47 -17.43
C VAL A 463 22.29 35.35 -16.20
N HIS A 464 23.08 36.40 -16.22
CA HIS A 464 23.31 37.26 -15.05
C HIS A 464 22.94 38.68 -15.44
N PRO A 465 22.23 39.47 -14.59
CA PRO A 465 21.66 39.02 -13.33
C PRO A 465 20.19 38.63 -13.44
N THR A 466 19.85 37.43 -12.98
CA THR A 466 18.48 36.88 -12.98
C THR A 466 18.28 36.11 -11.68
N SER A 467 17.03 35.89 -11.32
CA SER A 467 16.66 34.90 -10.29
C SER A 467 16.96 33.49 -10.79
N ALA A 468 16.71 33.23 -12.08
CA ALA A 468 16.78 31.89 -12.71
C ALA A 468 18.18 31.30 -12.63
N GLU A 469 19.24 32.11 -12.64
CA GLU A 469 20.63 31.59 -12.59
C GLU A 469 20.90 30.83 -11.27
N GLU A 470 20.13 31.08 -10.22
CA GLU A 470 20.26 30.25 -9.00
C GLU A 470 20.12 28.77 -9.33
N LEU A 471 19.32 28.39 -10.34
CA LEU A 471 19.06 26.97 -10.67
C LEU A 471 20.34 26.32 -11.20
N CYS A 472 21.28 27.15 -11.68
CA CYS A 472 22.50 26.72 -12.38
C CYS A 472 23.76 26.92 -11.53
N SER A 473 23.62 27.29 -10.25
CA SER A 473 24.75 27.58 -9.33
CA SER A 473 24.73 27.59 -9.31
C SER A 473 24.65 26.70 -8.07
N MET A 474 23.85 25.63 -8.11
CA MET A 474 23.63 24.76 -6.93
C MET A 474 24.30 23.41 -7.21
N ARG A 475 25.44 23.20 -6.56
CA ARG A 475 26.40 22.11 -6.83
C ARG A 475 26.43 21.15 -5.63
N THR A 476 26.05 21.61 -4.44
CA THR A 476 26.13 20.81 -3.17
C THR A 476 24.79 20.78 -2.47
N PRO A 477 24.25 19.57 -2.17
CA PRO A 477 23.00 19.48 -1.44
C PRO A 477 23.04 20.33 -0.16
N SER A 478 21.90 20.91 0.19
CA SER A 478 21.69 21.58 1.50
C SER A 478 21.47 20.51 2.55
N TYR A 479 20.63 19.53 2.25
CA TYR A 479 20.36 18.37 3.12
C TYR A 479 19.87 17.21 2.25
N TYR A 480 19.59 16.07 2.89
CA TYR A 480 19.21 14.80 2.24
C TYR A 480 17.99 14.25 2.94
N TYR A 481 17.35 13.30 2.30
CA TYR A 481 16.47 12.28 2.92
C TYR A 481 17.06 10.90 2.62
N VAL A 482 17.28 10.09 3.67
CA VAL A 482 17.79 8.69 3.56
C VAL A 482 16.75 7.75 4.15
N LYS A 483 16.19 6.87 3.33
CA LYS A 483 15.09 5.96 3.70
C LYS A 483 14.02 6.78 4.43
N GLY A 484 13.68 7.96 3.91
CA GLY A 484 12.56 8.80 4.40
C GLY A 484 12.97 9.73 5.55
N GLU A 485 14.22 9.70 6.01
CA GLU A 485 14.69 10.48 7.19
C GLU A 485 15.49 11.71 6.75
N LYS A 486 15.00 12.90 7.12
CA LYS A 486 15.64 14.20 6.80
C LYS A 486 16.95 14.32 7.59
N MET A 487 18.07 14.63 6.93
CA MET A 487 19.41 14.77 7.57
C MET A 487 20.34 15.68 6.74
N GLU A 488 21.15 16.48 7.43
CA GLU A 488 22.01 17.54 6.85
C GLU A 488 23.14 16.91 6.05
N LYS A 489 23.58 15.71 6.47
CA LYS A 489 24.71 14.96 5.88
C LYS A 489 24.29 13.50 5.64
N LEU A 490 24.90 12.83 4.67
CA LEU A 490 24.75 11.36 4.45
C LEU A 490 25.53 10.61 5.54
N PRO A 491 25.12 9.40 5.97
CA PRO A 491 25.97 8.57 6.82
C PRO A 491 27.25 8.09 6.10
N LYS B 6 56.88 36.77 -0.33
CA LYS B 6 55.82 35.86 0.22
C LYS B 6 55.27 34.99 -0.92
N ALA B 7 55.11 33.67 -0.68
CA ALA B 7 55.01 32.61 -1.73
C ALA B 7 53.56 32.13 -1.91
N PHE B 8 53.06 32.10 -3.15
CA PHE B 8 51.67 31.67 -3.48
C PHE B 8 51.70 30.60 -4.59
N ASP B 9 50.76 29.67 -4.49
CA ASP B 9 50.39 28.70 -5.55
C ASP B 9 49.80 29.47 -6.73
N LEU B 10 48.90 30.40 -6.43
CA LEU B 10 48.16 31.17 -7.47
C LEU B 10 48.19 32.64 -7.11
N VAL B 11 48.65 33.48 -8.03
CA VAL B 11 48.40 34.94 -7.95
C VAL B 11 47.45 35.31 -9.08
N VAL B 12 46.32 35.92 -8.69
CA VAL B 12 45.25 36.43 -9.59
C VAL B 12 45.37 37.97 -9.64
N ILE B 13 45.63 38.51 -10.82
CA ILE B 13 45.53 39.98 -11.09
C ILE B 13 44.12 40.30 -11.60
N GLY B 14 43.34 40.91 -10.73
CA GLY B 14 41.94 41.29 -10.97
C GLY B 14 41.02 40.51 -10.07
N ALA B 15 40.43 41.17 -9.10
CA ALA B 15 39.43 40.61 -8.17
C ALA B 15 38.03 40.75 -8.80
N GLY B 16 37.86 40.22 -10.01
CA GLY B 16 36.59 40.36 -10.76
C GLY B 16 35.83 39.05 -10.86
N SER B 17 34.89 38.98 -11.80
CA SER B 17 33.94 37.84 -11.88
C SER B 17 34.78 36.56 -11.99
N GLY B 18 35.73 36.56 -12.93
CA GLY B 18 36.58 35.40 -13.22
C GLY B 18 37.61 35.17 -12.13
N GLY B 19 38.31 36.25 -11.73
CA GLY B 19 39.42 36.19 -10.75
C GLY B 19 38.97 35.66 -9.39
N LEU B 20 37.84 36.16 -8.88
CA LEU B 20 37.28 35.76 -7.57
C LEU B 20 36.84 34.30 -7.60
N GLU B 21 36.23 33.84 -8.69
CA GLU B 21 35.80 32.42 -8.81
C GLU B 21 37.05 31.52 -8.76
N ALA B 22 38.08 31.88 -9.54
CA ALA B 22 39.36 31.13 -9.62
C ALA B 22 39.97 31.07 -8.21
N GLY B 23 40.05 32.23 -7.55
CA GLY B 23 40.73 32.41 -6.24
C GLY B 23 40.02 31.62 -5.16
N TRP B 24 38.74 31.85 -5.01
CA TRP B 24 37.85 31.12 -4.07
C TRP B 24 38.02 29.62 -4.25
N ASN B 25 37.90 29.12 -5.47
CA ASN B 25 37.90 27.66 -5.75
C ASN B 25 39.28 27.09 -5.38
N ALA B 26 40.36 27.74 -5.82
CA ALA B 26 41.75 27.28 -5.54
C ALA B 26 41.94 27.16 -4.02
N ALA B 27 41.54 28.17 -3.25
CA ALA B 27 41.74 28.20 -1.79
C ALA B 27 40.84 27.15 -1.11
N THR B 28 39.52 27.18 -1.38
CA THR B 28 38.50 26.48 -0.55
C THR B 28 38.30 25.05 -1.06
N LEU B 29 38.54 24.76 -2.35
CA LEU B 29 38.29 23.42 -2.91
C LEU B 29 39.59 22.61 -2.92
N TYR B 30 40.74 23.28 -3.05
CA TYR B 30 42.02 22.59 -3.37
C TYR B 30 43.11 22.96 -2.36
N GLY B 31 42.76 23.69 -1.30
CA GLY B 31 43.69 24.04 -0.20
C GLY B 31 44.96 24.72 -0.70
N LYS B 32 44.85 25.57 -1.72
CA LYS B 32 46.01 26.33 -2.28
C LYS B 32 46.12 27.69 -1.59
N ARG B 33 47.33 28.26 -1.62
CA ARG B 33 47.64 29.64 -1.18
C ARG B 33 47.45 30.58 -2.39
N VAL B 34 46.47 31.46 -2.27
CA VAL B 34 46.00 32.37 -3.37
C VAL B 34 46.22 33.83 -2.93
N ALA B 35 46.81 34.63 -3.81
CA ALA B 35 46.85 36.09 -3.72
C ALA B 35 46.01 36.65 -4.87
N VAL B 36 45.15 37.61 -4.54
CA VAL B 36 44.31 38.33 -5.52
C VAL B 36 44.63 39.80 -5.39
N VAL B 37 44.88 40.44 -6.53
CA VAL B 37 45.19 41.90 -6.58
C VAL B 37 44.04 42.63 -7.24
N ASP B 38 43.65 43.78 -6.68
CA ASP B 38 42.81 44.77 -7.39
C ASP B 38 43.20 46.20 -6.96
N VAL B 39 42.78 47.21 -7.74
CA VAL B 39 43.25 48.61 -7.68
C VAL B 39 42.43 49.43 -6.68
N GLN B 40 41.27 48.94 -6.25
CA GLN B 40 40.40 49.64 -5.27
C GLN B 40 39.66 48.59 -4.46
N THR B 41 39.30 48.92 -3.21
CA THR B 41 38.54 48.01 -2.32
C THR B 41 37.03 48.22 -2.50
N SER B 42 36.61 49.39 -3.01
CA SER B 42 35.17 49.72 -3.22
C SER B 42 34.99 50.52 -4.52
N HIS B 43 33.73 50.63 -4.97
CA HIS B 43 33.31 51.10 -6.32
C HIS B 43 33.62 52.58 -6.52
N GLY B 44 33.85 52.99 -7.77
CA GLY B 44 33.65 54.38 -8.20
C GLY B 44 34.96 55.12 -8.48
N PRO B 45 34.91 56.44 -8.73
CA PRO B 45 36.10 57.19 -9.11
C PRO B 45 37.16 56.98 -8.02
N PRO B 46 38.47 56.93 -8.34
CA PRO B 46 38.96 57.15 -9.71
C PRO B 46 39.01 55.97 -10.70
N PHE B 47 38.98 54.73 -10.26
CA PHE B 47 39.29 53.57 -11.14
C PHE B 47 38.04 52.75 -11.49
N TYR B 48 36.90 53.07 -10.85
CA TYR B 48 35.53 52.58 -11.18
C TYR B 48 35.36 51.11 -10.81
N ALA B 49 36.00 50.19 -11.54
CA ALA B 49 36.04 48.78 -11.12
C ALA B 49 36.84 48.70 -9.81
N ALA B 50 36.68 47.59 -9.09
CA ALA B 50 37.25 47.36 -7.77
C ALA B 50 37.04 45.91 -7.38
N LEU B 51 37.42 45.56 -6.16
CA LEU B 51 37.05 44.27 -5.52
C LEU B 51 35.60 43.96 -5.93
N GLY B 52 35.38 42.82 -6.60
CA GLY B 52 34.08 42.38 -7.12
C GLY B 52 34.08 42.35 -8.64
N GLY B 53 34.87 43.23 -9.25
CA GLY B 53 35.01 43.32 -10.72
C GLY B 53 34.10 44.39 -11.32
N THR B 54 34.08 44.48 -12.64
CA THR B 54 33.27 45.43 -13.43
C THR B 54 31.79 45.15 -13.17
N CYS B 55 31.40 43.87 -13.13
CA CYS B 55 29.98 43.48 -13.04
C CYS B 55 29.38 44.06 -11.75
N VAL B 56 30.01 43.78 -10.62
CA VAL B 56 29.58 44.24 -9.27
C VAL B 56 29.57 45.77 -9.23
N ASN B 57 30.60 46.41 -9.77
CA ASN B 57 30.91 47.81 -9.41
C ASN B 57 30.32 48.79 -10.43
N VAL B 58 30.54 48.56 -11.74
CA VAL B 58 30.11 49.46 -12.84
C VAL B 58 29.59 48.61 -14.02
N GLY B 59 28.73 47.65 -13.72
CA GLY B 59 28.30 46.67 -14.73
C GLY B 59 26.93 46.12 -14.43
N CYS B 60 26.82 44.81 -14.48
CA CYS B 60 25.53 44.07 -14.48
C CYS B 60 24.71 44.53 -13.28
N VAL B 61 25.32 44.57 -12.10
CA VAL B 61 24.61 44.81 -10.82
C VAL B 61 24.03 46.23 -10.80
N PRO B 62 24.82 47.30 -10.80
CA PRO B 62 24.22 48.63 -10.72
C PRO B 62 23.31 48.91 -11.93
N LYS B 63 23.67 48.49 -13.14
CA LYS B 63 22.81 48.76 -14.33
C LYS B 63 21.48 48.02 -14.11
N LYS B 64 21.49 46.82 -13.56
CA LYS B 64 20.21 46.10 -13.38
C LYS B 64 19.35 46.91 -12.40
N LEU B 65 19.95 47.40 -11.32
CA LEU B 65 19.18 48.14 -10.29
C LEU B 65 18.67 49.43 -10.91
N MET B 66 19.42 50.03 -11.82
CA MET B 66 18.98 51.27 -12.50
C MET B 66 17.88 50.97 -13.53
N VAL B 67 17.95 49.83 -14.23
CA VAL B 67 16.86 49.45 -15.17
C VAL B 67 15.59 49.21 -14.35
N THR B 68 15.69 48.55 -13.21
CA THR B 68 14.54 48.34 -12.29
C THR B 68 13.89 49.70 -12.02
N GLY B 69 14.72 50.69 -11.65
CA GLY B 69 14.31 52.09 -11.49
C GLY B 69 13.58 52.60 -12.71
N ALA B 70 14.14 52.48 -13.88
CA ALA B 70 13.55 53.02 -15.13
C ALA B 70 12.20 52.34 -15.41
N GLN B 71 12.05 51.06 -15.09
CA GLN B 71 10.83 50.28 -15.37
C GLN B 71 9.60 50.91 -14.71
N TYR B 72 9.79 51.63 -13.59
CA TYR B 72 8.68 52.29 -12.85
C TYR B 72 8.05 53.37 -13.74
N MET B 73 8.77 53.94 -14.67
CA MET B 73 8.16 54.94 -15.58
C MET B 73 6.97 54.26 -16.32
N ASP B 74 7.17 53.03 -16.80
CA ASP B 74 6.13 52.27 -17.54
C ASP B 74 5.05 51.84 -16.55
N HIS B 75 5.43 51.30 -15.41
CA HIS B 75 4.50 50.76 -14.40
C HIS B 75 3.52 51.86 -13.95
N LEU B 76 4.02 53.06 -13.66
CA LEU B 76 3.14 54.16 -13.16
C LEU B 76 2.11 54.47 -14.26
N ARG B 77 2.53 54.61 -15.51
CA ARG B 77 1.59 54.93 -16.62
C ARG B 77 0.63 53.74 -16.84
N GLU B 78 1.17 52.52 -16.92
CA GLU B 78 0.40 51.29 -17.28
C GLU B 78 -0.65 50.95 -16.22
N SER B 79 -0.43 51.37 -14.96
CA SER B 79 -1.32 51.07 -13.80
C SER B 79 -2.72 51.64 -14.06
N ALA B 80 -2.84 52.73 -14.83
CA ALA B 80 -4.12 53.45 -15.03
C ALA B 80 -5.17 52.52 -15.65
N GLY B 81 -4.79 51.77 -16.68
CA GLY B 81 -5.66 50.79 -17.36
C GLY B 81 -6.25 49.78 -16.40
N PHE B 82 -5.57 49.46 -15.30
CA PHE B 82 -5.99 48.48 -14.27
C PHE B 82 -6.73 49.18 -13.13
N GLY B 83 -7.08 50.46 -13.30
CA GLY B 83 -7.94 51.23 -12.37
C GLY B 83 -7.14 52.01 -11.34
N TRP B 84 -5.81 52.07 -11.45
CA TRP B 84 -5.01 52.88 -10.48
C TRP B 84 -5.13 54.35 -10.84
N GLU B 85 -5.48 55.17 -9.85
CA GLU B 85 -5.71 56.62 -10.00
C GLU B 85 -4.74 57.32 -9.03
N PHE B 86 -4.03 58.34 -9.53
CA PHE B 86 -3.17 59.23 -8.70
C PHE B 86 -2.84 60.45 -9.55
N ASP B 87 -2.33 61.51 -8.92
CA ASP B 87 -2.05 62.80 -9.62
C ASP B 87 -0.78 62.62 -10.47
N GLY B 88 -0.94 62.33 -11.75
CA GLY B 88 0.14 62.08 -12.70
C GLY B 88 1.11 63.26 -12.75
N SER B 89 0.60 64.48 -12.60
CA SER B 89 1.36 65.75 -12.64
C SER B 89 2.34 65.79 -11.47
N SER B 90 2.07 65.06 -10.37
CA SER B 90 2.94 65.07 -9.17
C SER B 90 4.15 64.12 -9.37
N VAL B 91 4.17 63.31 -10.43
CA VAL B 91 5.16 62.22 -10.59
C VAL B 91 6.51 62.84 -10.93
N LYS B 92 7.57 62.52 -10.18
CA LYS B 92 8.93 62.94 -10.61
CA LYS B 92 8.95 62.99 -10.47
C LYS B 92 9.92 61.83 -10.25
N ALA B 93 10.93 61.69 -11.11
CA ALA B 93 12.02 60.70 -11.03
C ALA B 93 13.26 61.36 -10.44
N ASN B 94 13.56 61.01 -9.19
CA ASN B 94 14.75 61.54 -8.45
C ASN B 94 15.95 60.62 -8.70
N TRP B 95 16.78 60.99 -9.67
CA TRP B 95 18.07 60.37 -10.04
C TRP B 95 19.02 60.26 -8.84
N LYS B 96 19.16 61.31 -8.04
CA LYS B 96 20.09 61.35 -6.88
C LYS B 96 19.77 60.21 -5.91
N LYS B 97 18.49 60.00 -5.63
CA LYS B 97 18.02 58.92 -4.73
CA LYS B 97 18.00 58.91 -4.74
C LYS B 97 18.39 57.57 -5.37
N LEU B 98 18.16 57.42 -6.67
CA LEU B 98 18.49 56.15 -7.40
C LEU B 98 19.99 55.89 -7.23
N ILE B 99 20.80 56.89 -7.50
CA ILE B 99 22.28 56.71 -7.49
C ILE B 99 22.72 56.40 -6.07
N ALA B 100 22.17 57.06 -5.03
CA ALA B 100 22.52 56.80 -3.62
C ALA B 100 22.13 55.36 -3.25
N ALA B 101 20.97 54.88 -3.70
CA ALA B 101 20.50 53.51 -3.37
C ALA B 101 21.43 52.50 -4.03
N LYS B 102 21.77 52.75 -5.31
CA LYS B 102 22.70 51.91 -6.09
C LYS B 102 24.03 51.87 -5.34
N ASN B 103 24.57 53.06 -5.03
CA ASN B 103 25.88 53.21 -4.32
C ASN B 103 25.92 52.35 -3.05
N GLU B 104 24.84 52.38 -2.26
CA GLU B 104 24.76 51.64 -0.97
C GLU B 104 24.75 50.14 -1.26
N ALA B 105 23.93 49.67 -2.19
CA ALA B 105 23.86 48.24 -2.59
C ALA B 105 25.26 47.78 -3.02
N VAL B 106 25.95 48.57 -3.85
CA VAL B 106 27.25 48.12 -4.42
C VAL B 106 28.28 48.11 -3.29
N LEU B 107 28.28 49.14 -2.45
CA LEU B 107 29.24 49.22 -1.30
C LEU B 107 29.04 48.02 -0.38
N ASP B 108 27.80 47.60 -0.14
CA ASP B 108 27.49 46.42 0.72
C ASP B 108 28.15 45.18 0.12
N ILE B 109 28.13 45.04 -1.21
CA ILE B 109 28.76 43.88 -1.88
C ILE B 109 30.27 44.00 -1.69
N ASN B 110 30.83 45.20 -1.85
CA ASN B 110 32.29 45.47 -1.69
C ASN B 110 32.76 44.99 -0.30
N LYS B 111 32.04 45.38 0.76
CA LYS B 111 32.33 45.04 2.19
C LYS B 111 32.17 43.54 2.41
N SER B 112 31.09 42.94 1.91
CA SER B 112 30.86 41.49 2.01
C SER B 112 32.05 40.72 1.40
N TYR B 113 32.57 41.13 0.24
CA TYR B 113 33.72 40.44 -0.42
CA TYR B 113 33.70 40.42 -0.41
C TYR B 113 34.97 40.62 0.42
N GLU B 114 35.15 41.80 1.00
CA GLU B 114 36.31 42.11 1.89
C GLU B 114 36.29 41.16 3.10
N GLY B 115 35.12 40.99 3.75
CA GLY B 115 34.90 40.02 4.85
C GLY B 115 35.21 38.60 4.41
N MET B 116 34.92 38.24 3.16
CA MET B 116 35.18 36.92 2.53
C MET B 116 36.68 36.63 2.59
N PHE B 117 37.51 37.58 2.15
CA PHE B 117 38.99 37.47 2.17
C PHE B 117 39.45 37.30 3.62
N ASN B 118 38.93 38.15 4.50
CA ASN B 118 39.32 38.21 5.94
C ASN B 118 39.03 36.86 6.60
N ASP B 119 37.89 36.25 6.27
CA ASP B 119 37.34 35.04 6.95
C ASP B 119 37.82 33.74 6.29
N THR B 120 38.56 33.78 5.18
CA THR B 120 38.88 32.55 4.41
C THR B 120 40.38 32.33 4.41
N GLU B 121 40.78 31.13 4.83
CA GLU B 121 42.19 30.67 4.83
C GLU B 121 42.68 30.54 3.39
N GLY B 122 43.95 30.88 3.17
CA GLY B 122 44.66 30.71 1.89
C GLY B 122 44.15 31.64 0.80
N LEU B 123 43.37 32.67 1.18
CA LEU B 123 42.81 33.67 0.23
C LEU B 123 43.12 35.07 0.75
N ASP B 124 44.07 35.76 0.12
CA ASP B 124 44.59 37.09 0.56
C ASP B 124 44.36 38.13 -0.54
N PHE B 125 43.83 39.28 -0.13
CA PHE B 125 43.63 40.48 -0.98
C PHE B 125 44.86 41.37 -0.86
N PHE B 126 45.39 41.85 -1.99
CA PHE B 126 46.39 42.94 -2.04
C PHE B 126 45.86 44.10 -2.90
N LEU B 127 45.96 45.31 -2.35
CA LEU B 127 45.54 46.57 -3.01
C LEU B 127 46.70 47.13 -3.87
N GLY B 128 46.44 47.42 -5.14
CA GLY B 128 47.41 48.09 -6.02
C GLY B 128 47.34 47.56 -7.43
N TRP B 129 48.30 47.93 -8.26
CA TRP B 129 48.33 47.61 -9.71
C TRP B 129 49.31 46.48 -9.90
N GLY B 130 48.83 45.31 -10.33
CA GLY B 130 49.65 44.12 -10.54
C GLY B 130 50.19 44.10 -11.96
N SER B 131 51.43 43.63 -12.14
CA SER B 131 52.07 43.43 -13.45
C SER B 131 53.09 42.28 -13.33
N LEU B 132 53.50 41.74 -14.46
CA LEU B 132 54.43 40.61 -14.55
C LEU B 132 55.86 41.15 -14.49
N GLU B 133 56.60 40.87 -13.43
CA GLU B 133 58.06 41.16 -13.42
C GLU B 133 58.79 40.06 -14.18
N SER B 134 58.46 38.80 -13.88
CA SER B 134 59.01 37.58 -14.52
C SER B 134 57.96 36.46 -14.55
N LYS B 135 58.31 35.35 -15.19
CA LYS B 135 57.52 34.10 -15.29
C LYS B 135 56.78 33.79 -13.97
N ASN B 136 57.38 34.10 -12.81
CA ASN B 136 56.93 33.58 -11.49
C ASN B 136 56.85 34.68 -10.44
N VAL B 137 56.85 35.94 -10.87
CA VAL B 137 56.81 37.11 -9.96
C VAL B 137 55.77 38.07 -10.49
N VAL B 138 54.77 38.38 -9.65
CA VAL B 138 53.81 39.48 -9.85
C VAL B 138 54.21 40.63 -8.95
N VAL B 139 54.47 41.79 -9.50
CA VAL B 139 54.80 43.00 -8.70
C VAL B 139 53.52 43.82 -8.58
N VAL B 140 53.27 44.32 -7.38
CA VAL B 140 52.13 45.21 -7.06
C VAL B 140 52.72 46.58 -6.79
N ARG B 141 52.29 47.60 -7.54
CA ARG B 141 52.74 49.00 -7.37
C ARG B 141 51.59 49.90 -6.91
N GLU B 142 51.92 51.12 -6.50
CA GLU B 142 50.97 52.14 -5.97
C GLU B 142 50.01 52.58 -7.08
N THR B 143 50.51 52.80 -8.29
CA THR B 143 49.70 53.26 -9.46
C THR B 143 50.02 52.38 -10.67
N ALA B 144 49.32 52.61 -11.79
CA ALA B 144 49.49 51.92 -13.09
C ALA B 144 50.86 52.26 -13.71
N ASP B 145 51.52 53.31 -13.22
CA ASP B 145 52.87 53.69 -13.71
C ASP B 145 53.88 52.61 -13.26
N PRO B 146 54.61 51.95 -14.18
CA PRO B 146 55.55 50.90 -13.81
C PRO B 146 56.78 51.49 -13.07
N LYS B 147 56.83 52.80 -12.96
CA LYS B 147 57.88 53.61 -12.31
CA LYS B 147 57.92 53.53 -12.28
C LYS B 147 57.48 53.87 -10.85
N SER B 148 56.23 53.58 -10.48
CA SER B 148 55.68 53.90 -9.13
C SER B 148 56.19 52.89 -8.09
N ALA B 149 56.07 53.26 -6.81
CA ALA B 149 56.60 52.52 -5.62
C ALA B 149 56.03 51.09 -5.55
N VAL B 150 56.93 50.11 -5.41
CA VAL B 150 56.60 48.66 -5.21
C VAL B 150 56.00 48.48 -3.82
N LYS B 151 54.84 47.81 -3.72
CA LYS B 151 54.13 47.52 -2.45
C LYS B 151 54.42 46.06 -2.05
N GLU B 152 54.54 45.18 -3.03
CA GLU B 152 54.65 43.71 -2.85
C GLU B 152 55.30 43.12 -4.09
N ARG B 153 56.05 42.04 -3.92
CA ARG B 153 56.44 41.15 -5.03
C ARG B 153 55.97 39.75 -4.63
N LEU B 154 54.99 39.22 -5.36
CA LEU B 154 54.32 37.94 -5.03
C LEU B 154 54.96 36.87 -5.89
N GLN B 155 55.67 35.93 -5.28
CA GLN B 155 56.22 34.78 -6.04
CA GLN B 155 56.23 34.75 -6.01
C GLN B 155 55.06 33.79 -6.26
N ALA B 156 54.88 33.37 -7.50
CA ALA B 156 53.68 32.62 -7.92
C ALA B 156 54.10 31.38 -8.71
N ASP B 157 53.67 30.20 -8.29
CA ASP B 157 53.78 28.99 -9.14
C ASP B 157 52.91 29.23 -10.37
N HIS B 158 51.76 29.88 -10.19
CA HIS B 158 50.72 30.09 -11.23
C HIS B 158 50.26 31.55 -11.22
N ILE B 159 50.13 32.15 -12.41
CA ILE B 159 49.62 33.54 -12.57
C ILE B 159 48.37 33.51 -13.45
N LEU B 160 47.28 34.08 -12.91
CA LEU B 160 46.00 34.24 -13.65
C LEU B 160 45.81 35.71 -13.97
N LEU B 161 45.79 36.03 -15.26
CA LEU B 161 45.46 37.37 -15.77
C LEU B 161 43.94 37.47 -15.90
N ALA B 162 43.33 38.39 -15.18
CA ALA B 162 41.85 38.50 -15.10
C ALA B 162 41.45 39.97 -14.88
N THR B 163 42.02 40.88 -15.68
CA THR B 163 41.92 42.35 -15.49
C THR B 163 40.72 42.92 -16.25
N GLY B 164 40.03 42.10 -17.03
CA GLY B 164 38.76 42.47 -17.70
C GLY B 164 38.98 43.39 -18.90
N SER B 165 38.03 44.29 -19.14
CA SER B 165 38.03 45.15 -20.33
C SER B 165 37.85 46.60 -19.88
N TRP B 166 37.70 47.52 -20.83
CA TRP B 166 37.69 48.98 -20.58
C TRP B 166 36.93 49.62 -21.73
N PRO B 167 36.19 50.74 -21.52
CA PRO B 167 35.45 51.34 -22.62
C PRO B 167 36.40 51.80 -23.72
N GLN B 168 36.04 51.44 -24.95
CA GLN B 168 36.71 51.88 -26.19
C GLN B 168 36.23 53.30 -26.50
N MET B 169 37.15 54.24 -26.69
CA MET B 169 36.82 55.65 -27.02
C MET B 169 37.41 55.90 -28.40
N PRO B 170 36.60 56.30 -29.41
CA PRO B 170 37.11 56.51 -30.77
C PRO B 170 38.08 57.70 -30.79
N ALA B 171 39.01 57.70 -31.74
CA ALA B 171 40.02 58.77 -31.88
C ALA B 171 39.40 59.92 -32.71
N ILE B 172 38.38 60.60 -32.18
CA ILE B 172 37.79 61.80 -32.86
C ILE B 172 38.18 63.03 -32.05
N PRO B 173 38.26 64.20 -32.71
CA PRO B 173 38.44 65.48 -32.02
C PRO B 173 37.33 65.69 -31.00
N GLY B 174 37.73 66.06 -29.78
CA GLY B 174 36.83 66.36 -28.65
C GLY B 174 36.32 65.12 -27.93
N ILE B 175 36.97 63.96 -28.10
CA ILE B 175 36.58 62.70 -27.42
C ILE B 175 36.65 62.91 -25.90
N GLU B 176 37.55 63.79 -25.43
CA GLU B 176 37.72 64.11 -24.00
C GLU B 176 36.45 64.77 -23.43
N HIS B 177 35.52 65.23 -24.26
CA HIS B 177 34.23 65.83 -23.82
C HIS B 177 33.16 64.76 -23.69
N CYS B 178 33.50 63.51 -23.97
CA CYS B 178 32.53 62.38 -23.96
C CYS B 178 32.77 61.56 -22.70
N ILE B 179 31.78 60.81 -22.24
CA ILE B 179 31.94 59.89 -21.09
C ILE B 179 31.76 58.46 -21.58
N SER B 180 32.01 57.50 -20.69
CA SER B 180 31.71 56.05 -20.85
C SER B 180 30.63 55.67 -19.84
N SER B 181 30.22 54.40 -19.87
CA SER B 181 29.33 53.81 -18.84
C SER B 181 29.89 54.10 -17.45
N ASN B 182 31.21 54.06 -17.29
CA ASN B 182 31.89 54.26 -15.99
C ASN B 182 31.37 55.55 -15.32
N GLU B 183 31.36 56.67 -16.03
CA GLU B 183 31.00 57.99 -15.47
C GLU B 183 29.47 58.11 -15.38
N ALA B 184 28.76 57.44 -16.30
CA ALA B 184 27.29 57.42 -16.31
C ALA B 184 26.74 57.01 -14.94
N PHE B 185 27.41 56.07 -14.27
CA PHE B 185 27.01 55.51 -12.95
C PHE B 185 27.08 56.59 -11.83
N TYR B 186 27.82 57.70 -12.05
CA TYR B 186 28.11 58.71 -11.01
C TYR B 186 27.67 60.11 -11.44
N LEU B 187 26.91 60.26 -12.53
CA LEU B 187 26.42 61.61 -12.95
C LEU B 187 25.65 62.21 -11.77
N PRO B 188 26.06 63.41 -11.29
CA PRO B 188 25.37 64.05 -10.17
C PRO B 188 23.90 64.34 -10.52
N GLU B 189 23.63 64.72 -11.76
CA GLU B 189 22.27 65.04 -12.25
C GLU B 189 21.94 64.15 -13.44
N PRO B 190 20.66 63.80 -13.64
CA PRO B 190 20.24 63.05 -14.82
C PRO B 190 20.33 63.98 -16.01
N PRO B 191 20.97 63.58 -17.12
CA PRO B 191 21.11 64.48 -18.24
C PRO B 191 19.75 64.79 -18.87
N ARG B 192 19.50 66.06 -19.16
CA ARG B 192 18.29 66.48 -19.89
CA ARG B 192 18.29 66.51 -19.89
C ARG B 192 18.34 65.96 -21.33
N ARG B 193 19.44 66.21 -22.02
CA ARG B 193 19.62 65.70 -23.40
C ARG B 193 20.86 64.82 -23.37
N VAL B 194 20.77 63.59 -23.86
CA VAL B 194 21.94 62.67 -23.90
C VAL B 194 21.94 61.92 -25.23
N LEU B 195 23.14 61.81 -25.80
CA LEU B 195 23.46 60.93 -26.95
C LEU B 195 24.18 59.70 -26.43
N THR B 196 23.62 58.51 -26.62
CA THR B 196 24.32 57.22 -26.36
C THR B 196 24.85 56.76 -27.70
N VAL B 197 26.17 56.57 -27.79
CA VAL B 197 26.82 56.19 -29.07
C VAL B 197 27.09 54.68 -29.01
N GLY B 198 26.48 53.93 -29.93
CA GLY B 198 26.63 52.48 -30.07
C GLY B 198 25.29 51.78 -30.14
N GLY B 199 25.25 50.66 -30.84
CA GLY B 199 24.04 49.85 -31.06
C GLY B 199 24.05 48.62 -30.18
N GLY B 200 25.01 48.51 -29.27
CA GLY B 200 25.16 47.33 -28.39
C GLY B 200 24.32 47.43 -27.13
N PHE B 201 24.39 46.41 -26.28
CA PHE B 201 23.49 46.25 -25.11
C PHE B 201 23.73 47.41 -24.14
N ILE B 202 24.97 47.88 -23.95
CA ILE B 202 25.26 48.97 -22.98
C ILE B 202 24.53 50.27 -23.40
N SER B 203 24.68 50.70 -24.65
CA SER B 203 24.00 51.90 -25.24
C SER B 203 22.48 51.82 -25.08
N VAL B 204 21.89 50.70 -25.47
CA VAL B 204 20.41 50.46 -25.42
C VAL B 204 19.96 50.51 -23.98
N GLU B 205 20.71 49.88 -23.07
CA GLU B 205 20.26 49.77 -21.66
C GLU B 205 20.27 51.16 -21.01
N PHE B 206 21.34 51.92 -21.23
CA PHE B 206 21.50 53.29 -20.68
C PHE B 206 20.48 54.23 -21.36
N ALA B 207 20.19 54.05 -22.64
CA ALA B 207 19.18 54.88 -23.32
C ALA B 207 17.87 54.73 -22.55
N GLY B 208 17.54 53.51 -22.14
CA GLY B 208 16.31 53.25 -21.36
C GLY B 208 16.39 53.88 -19.97
N ILE B 209 17.50 53.72 -19.26
CA ILE B 209 17.70 54.35 -17.93
C ILE B 209 17.51 55.87 -18.07
N PHE B 210 18.25 56.51 -18.97
CA PHE B 210 18.25 57.98 -19.10
C PHE B 210 16.84 58.45 -19.48
N ASN B 211 16.14 57.67 -20.29
CA ASN B 211 14.81 58.03 -20.81
C ASN B 211 13.81 58.16 -19.65
N ALA B 212 13.91 57.29 -18.65
CA ALA B 212 12.98 57.27 -17.49
C ALA B 212 13.32 58.41 -16.53
N TYR B 213 14.59 58.75 -16.36
CA TYR B 213 15.02 59.69 -15.29
C TYR B 213 15.23 61.10 -15.86
N LYS B 214 15.05 61.31 -17.16
CA LYS B 214 15.32 62.62 -17.81
C LYS B 214 14.37 63.67 -17.23
N PRO B 215 14.87 64.88 -16.92
CA PRO B 215 13.99 65.96 -16.48
C PRO B 215 13.02 66.38 -17.58
N PRO B 216 12.02 67.21 -17.25
CA PRO B 216 10.98 67.60 -18.21
C PRO B 216 11.58 68.29 -19.45
N GLY B 217 11.02 67.98 -20.63
CA GLY B 217 11.53 68.43 -21.93
C GLY B 217 12.82 67.73 -22.33
N GLY B 218 13.21 66.64 -21.66
CA GLY B 218 14.45 65.90 -21.98
C GLY B 218 14.31 65.06 -23.24
N LYS B 219 15.43 64.59 -23.78
CA LYS B 219 15.46 63.78 -25.01
C LYS B 219 16.68 62.87 -24.96
N VAL B 220 16.43 61.56 -25.04
CA VAL B 220 17.48 60.53 -25.23
C VAL B 220 17.57 60.24 -26.72
N THR B 221 18.76 60.43 -27.30
CA THR B 221 19.11 60.01 -28.67
C THR B 221 20.16 58.89 -28.59
N LEU B 222 19.93 57.82 -29.32
CA LEU B 222 20.90 56.73 -29.50
C LEU B 222 21.31 56.79 -30.97
N CYS B 223 22.61 56.85 -31.22
CA CYS B 223 23.12 56.72 -32.59
C CYS B 223 23.94 55.44 -32.74
N TYR B 224 23.98 54.92 -33.95
CA TYR B 224 24.74 53.69 -34.32
C TYR B 224 25.13 53.76 -35.80
N ARG B 225 26.39 53.47 -36.09
CA ARG B 225 27.05 53.77 -37.39
C ARG B 225 26.40 52.94 -38.50
N ASN B 226 25.72 51.83 -38.19
CA ASN B 226 25.11 50.94 -39.21
C ASN B 226 23.58 50.97 -39.14
N ASN B 227 22.94 50.03 -39.85
CA ASN B 227 21.53 50.15 -40.32
C ASN B 227 20.55 49.80 -39.19
N LEU B 228 21.00 48.97 -38.23
CA LEU B 228 20.11 48.31 -37.26
C LEU B 228 20.89 47.98 -35.98
N ILE B 229 20.40 48.40 -34.83
CA ILE B 229 21.05 48.18 -33.50
C ILE B 229 21.13 46.67 -33.18
N LEU B 230 21.99 46.35 -32.22
CA LEU B 230 22.10 45.03 -31.56
C LEU B 230 22.49 43.98 -32.59
N ARG B 231 23.57 44.25 -33.33
CA ARG B 231 24.23 43.28 -34.21
C ARG B 231 24.47 42.01 -33.39
N GLY B 232 24.14 40.84 -33.92
CA GLY B 232 24.46 39.53 -33.30
C GLY B 232 23.25 38.95 -32.60
N PHE B 233 22.19 39.76 -32.45
CA PHE B 233 20.87 39.32 -31.93
C PHE B 233 19.96 38.98 -33.10
N ASP B 234 18.89 38.23 -32.82
CA ASP B 234 17.81 37.90 -33.78
C ASP B 234 17.35 39.16 -34.50
N GLU B 235 17.20 39.07 -35.83
CA GLU B 235 16.86 40.23 -36.68
C GLU B 235 15.46 40.75 -36.34
N THR B 236 14.45 39.88 -36.22
CA THR B 236 13.08 40.30 -35.82
C THR B 236 13.15 41.11 -34.53
N ILE B 237 13.94 40.66 -33.55
CA ILE B 237 14.01 41.29 -32.21
C ILE B 237 14.73 42.64 -32.32
N ARG B 238 15.78 42.71 -33.12
CA ARG B 238 16.52 43.99 -33.36
C ARG B 238 15.54 45.04 -33.92
N GLU B 239 14.70 44.65 -34.87
CA GLU B 239 13.67 45.53 -35.52
C GLU B 239 12.61 45.88 -34.48
N GLU B 240 12.19 44.92 -33.67
CA GLU B 240 11.12 45.16 -32.66
C GLU B 240 11.65 46.01 -31.51
N VAL B 241 12.86 45.78 -31.01
CA VAL B 241 13.34 46.61 -29.87
CA VAL B 241 13.44 46.60 -29.89
C VAL B 241 13.51 48.05 -30.37
N THR B 242 13.94 48.26 -31.62
CA THR B 242 14.04 49.61 -32.24
C THR B 242 12.68 50.33 -32.17
N LYS B 243 11.63 49.67 -32.64
CA LYS B 243 10.24 50.17 -32.61
C LYS B 243 9.85 50.52 -31.16
N GLN B 244 10.12 49.60 -30.24
CA GLN B 244 9.69 49.73 -28.82
C GLN B 244 10.46 50.87 -28.13
N LEU B 245 11.74 51.10 -28.46
CA LEU B 245 12.50 52.25 -27.89
C LEU B 245 11.89 53.54 -28.45
N THR B 246 11.58 53.60 -29.75
CA THR B 246 11.00 54.78 -30.45
C THR B 246 9.65 55.10 -29.80
N ALA B 247 8.80 54.08 -29.62
CA ALA B 247 7.45 54.21 -29.01
C ALA B 247 7.54 54.82 -27.61
N ASN B 248 8.70 54.70 -26.95
CA ASN B 248 8.87 55.19 -25.57
C ASN B 248 9.68 56.50 -25.59
N GLY B 249 9.88 57.10 -26.77
CA GLY B 249 10.36 58.48 -26.91
C GLY B 249 11.88 58.58 -27.10
N ILE B 250 12.57 57.46 -27.34
CA ILE B 250 14.02 57.47 -27.63
C ILE B 250 14.16 57.65 -29.14
N GLU B 251 14.97 58.60 -29.58
CA GLU B 251 15.24 58.92 -31.00
C GLU B 251 16.40 58.02 -31.44
N ILE B 252 16.18 57.11 -32.38
CA ILE B 252 17.24 56.21 -32.90
C ILE B 252 17.83 56.84 -34.16
N MET B 253 19.11 57.15 -34.18
CA MET B 253 19.83 57.63 -35.39
C MET B 253 20.69 56.49 -35.95
N THR B 254 20.19 55.73 -36.93
CA THR B 254 21.00 54.66 -37.56
C THR B 254 21.84 55.28 -38.68
N ASN B 255 22.93 54.61 -39.03
CA ASN B 255 23.87 55.07 -40.08
C ASN B 255 24.39 56.48 -39.74
N GLU B 256 24.57 56.78 -38.44
CA GLU B 256 25.18 58.05 -37.98
C GLU B 256 26.33 57.73 -37.03
N ASN B 257 27.42 58.48 -37.12
CA ASN B 257 28.59 58.32 -36.23
C ASN B 257 29.18 59.69 -35.94
N PRO B 258 29.38 60.06 -34.66
CA PRO B 258 30.11 61.29 -34.34
C PRO B 258 31.46 61.40 -35.07
N ALA B 259 31.71 62.57 -35.69
CA ALA B 259 33.01 62.96 -36.29
C ALA B 259 33.78 63.83 -35.29
N LYS B 260 33.10 64.68 -34.52
CA LYS B 260 33.77 65.49 -33.48
C LYS B 260 32.78 66.00 -32.45
N VAL B 261 33.31 66.40 -31.29
CA VAL B 261 32.54 66.98 -30.17
C VAL B 261 33.26 68.23 -29.70
N SER B 262 32.52 69.32 -29.52
CA SER B 262 33.08 70.60 -29.01
C SER B 262 32.23 71.08 -27.84
N LEU B 263 32.86 71.89 -26.99
CA LEU B 263 32.26 72.55 -25.82
CA LEU B 263 32.24 72.54 -25.81
C LEU B 263 31.40 73.72 -26.29
N ASN B 264 30.16 73.79 -25.84
CA ASN B 264 29.29 74.99 -25.95
C ASN B 264 29.56 75.87 -24.73
N THR B 265 29.32 77.17 -24.84
CA THR B 265 29.49 78.18 -23.77
C THR B 265 28.65 77.83 -22.52
N ASP B 266 27.53 77.13 -22.68
CA ASP B 266 26.68 76.74 -21.52
C ASP B 266 27.17 75.44 -20.86
N GLY B 267 28.23 74.79 -21.35
CA GLY B 267 28.72 73.51 -20.77
C GLY B 267 28.17 72.29 -21.50
N SER B 268 27.20 72.46 -22.38
CA SER B 268 26.65 71.38 -23.24
C SER B 268 27.67 71.04 -24.32
N LYS B 269 27.37 70.00 -25.07
CA LYS B 269 28.24 69.43 -26.11
C LYS B 269 27.57 69.60 -27.47
N HIS B 270 28.37 70.00 -28.45
CA HIS B 270 27.99 70.13 -29.86
C HIS B 270 28.62 68.95 -30.60
N VAL B 271 27.77 68.03 -31.07
CA VAL B 271 28.22 66.80 -31.76
C VAL B 271 28.03 67.06 -33.25
N THR B 272 29.09 66.83 -34.03
CA THR B 272 29.02 66.82 -35.51
C THR B 272 29.17 65.38 -35.94
N PHE B 273 28.21 64.86 -36.70
CA PHE B 273 28.20 63.51 -37.30
C PHE B 273 29.04 63.53 -38.57
N GLU B 274 29.46 62.35 -39.01
CA GLU B 274 30.22 62.16 -40.27
C GLU B 274 29.34 62.66 -41.43
N SER B 275 28.01 62.60 -41.26
CA SER B 275 27.02 63.05 -42.28
C SER B 275 26.93 64.56 -42.34
N GLY B 276 27.43 65.28 -41.32
CA GLY B 276 27.35 66.76 -41.23
C GLY B 276 26.14 67.21 -40.43
N LYS B 277 25.27 66.28 -40.03
CA LYS B 277 24.24 66.59 -39.01
C LYS B 277 24.93 67.02 -37.72
N THR B 278 24.26 67.84 -36.93
CA THR B 278 24.74 68.25 -35.59
C THR B 278 23.62 68.04 -34.58
N LEU B 279 24.00 67.92 -33.33
CA LEU B 279 23.08 67.75 -32.18
C LEU B 279 23.78 68.35 -30.97
N ASP B 280 23.07 69.18 -30.20
CA ASP B 280 23.54 69.65 -28.87
C ASP B 280 22.96 68.75 -27.78
N VAL B 281 23.82 68.24 -26.89
CA VAL B 281 23.44 67.36 -25.75
C VAL B 281 24.17 67.81 -24.49
N ASP B 282 23.64 67.45 -23.34
CA ASP B 282 24.30 67.68 -22.03
C ASP B 282 25.42 66.65 -21.88
N VAL B 283 25.19 65.42 -22.34
CA VAL B 283 26.14 64.28 -22.16
C VAL B 283 26.21 63.48 -23.46
N VAL B 284 27.43 63.10 -23.84
CA VAL B 284 27.71 62.12 -24.93
C VAL B 284 28.31 60.89 -24.25
N MET B 285 27.60 59.76 -24.23
CA MET B 285 28.13 58.52 -23.64
C MET B 285 28.56 57.61 -24.78
N MET B 286 29.86 57.43 -24.92
CA MET B 286 30.44 56.47 -25.89
C MET B 286 30.25 55.08 -25.33
N ALA B 287 29.52 54.23 -26.04
CA ALA B 287 29.37 52.82 -25.69
C ALA B 287 29.52 52.00 -26.98
N ILE B 288 30.66 52.15 -27.65
CA ILE B 288 30.90 51.56 -29.00
C ILE B 288 31.62 50.23 -28.81
N GLY B 289 32.19 49.98 -27.63
CA GLY B 289 32.85 48.69 -27.39
C GLY B 289 33.69 48.72 -26.15
N ARG B 290 34.22 47.56 -25.81
CA ARG B 290 35.05 47.35 -24.63
C ARG B 290 36.28 46.60 -25.11
N ILE B 291 37.47 47.02 -24.69
CA ILE B 291 38.74 46.42 -25.17
C ILE B 291 39.47 45.76 -24.00
N PRO B 292 40.16 44.63 -24.22
CA PRO B 292 40.94 43.96 -23.18
C PRO B 292 41.90 44.90 -22.43
N ARG B 293 41.96 44.78 -21.11
CA ARG B 293 42.77 45.68 -20.27
C ARG B 293 44.15 45.05 -20.06
N THR B 294 45.04 45.23 -21.03
CA THR B 294 46.35 44.52 -21.13
C THR B 294 47.54 45.48 -20.93
N ASN B 295 47.33 46.79 -20.96
CA ASN B 295 48.44 47.79 -21.05
C ASN B 295 49.22 47.87 -19.74
N ASP B 296 48.57 47.76 -18.59
CA ASP B 296 49.23 47.99 -17.29
C ASP B 296 49.99 46.74 -16.83
N LEU B 297 49.80 45.58 -17.48
CA LEU B 297 50.32 44.25 -17.04
C LEU B 297 51.81 44.01 -17.40
N GLN B 298 52.41 44.84 -18.26
CA GLN B 298 53.82 44.68 -18.69
C GLN B 298 54.02 43.26 -19.23
N LEU B 299 53.13 42.81 -20.11
CA LEU B 299 53.15 41.43 -20.68
C LEU B 299 54.47 41.18 -21.42
N GLY B 300 55.06 42.24 -21.99
CA GLY B 300 56.32 42.16 -22.75
C GLY B 300 57.50 41.80 -21.85
N ASN B 301 57.33 41.84 -20.53
CA ASN B 301 58.38 41.40 -19.57
C ASN B 301 58.57 39.88 -19.65
N VAL B 302 57.54 39.12 -20.03
CA VAL B 302 57.61 37.63 -20.08
C VAL B 302 57.26 37.13 -21.48
N GLY B 303 56.84 38.02 -22.40
CA GLY B 303 56.46 37.65 -23.78
C GLY B 303 55.09 36.97 -23.89
N VAL B 304 54.13 37.35 -23.05
CA VAL B 304 52.74 36.82 -23.18
C VAL B 304 52.16 37.37 -24.48
N LYS B 305 51.73 36.48 -25.36
CA LYS B 305 51.28 36.76 -26.75
C LYS B 305 49.83 37.30 -26.75
N LEU B 306 49.60 38.41 -27.46
CA LEU B 306 48.24 38.96 -27.77
C LEU B 306 47.76 38.50 -29.15
N THR B 307 46.45 38.36 -29.35
CA THR B 307 45.84 38.25 -30.68
C THR B 307 46.02 39.58 -31.42
N PRO B 308 45.84 39.61 -32.75
CA PRO B 308 45.77 40.88 -33.49
C PRO B 308 44.70 41.82 -32.93
N LYS B 309 43.54 41.28 -32.52
CA LYS B 309 42.42 42.07 -31.93
C LYS B 309 42.82 42.75 -30.61
N GLY B 310 43.82 42.24 -29.88
CA GLY B 310 44.32 42.81 -28.60
C GLY B 310 44.02 41.94 -27.38
N GLY B 311 43.28 40.84 -27.53
CA GLY B 311 43.07 39.87 -26.43
C GLY B 311 44.36 39.16 -26.01
N VAL B 312 44.46 38.70 -24.76
CA VAL B 312 45.53 37.73 -24.37
C VAL B 312 45.19 36.38 -25.03
N GLN B 313 46.08 35.90 -25.90
CA GLN B 313 45.84 34.66 -26.67
C GLN B 313 45.82 33.50 -25.68
N VAL B 314 44.83 32.61 -25.80
CA VAL B 314 44.61 31.44 -24.91
C VAL B 314 44.19 30.25 -25.77
N ASP B 315 44.56 29.05 -25.32
CA ASP B 315 44.01 27.78 -25.82
C ASP B 315 42.67 27.54 -25.09
N GLU B 316 42.04 26.40 -25.35
CA GLU B 316 40.70 26.05 -24.82
C GLU B 316 40.73 25.96 -23.30
N PHE B 317 41.91 25.75 -22.70
CA PHE B 317 42.10 25.60 -21.23
C PHE B 317 42.63 26.89 -20.63
N SER B 318 42.54 28.03 -21.36
CA SER B 318 42.90 29.38 -20.87
C SER B 318 44.41 29.51 -20.64
N ARG B 319 45.23 28.68 -21.29
CA ARG B 319 46.71 28.78 -21.16
C ARG B 319 47.24 29.78 -22.19
N THR B 320 48.11 30.67 -21.75
CA THR B 320 48.90 31.56 -22.65
C THR B 320 50.04 30.73 -23.27
N ASN B 321 50.86 31.36 -24.10
CA ASN B 321 52.06 30.75 -24.72
C ASN B 321 53.11 30.47 -23.63
N VAL B 322 53.03 31.17 -22.48
CA VAL B 322 53.95 31.01 -21.33
C VAL B 322 53.36 29.98 -20.39
N PRO B 323 54.04 28.84 -20.13
CA PRO B 323 53.61 27.91 -19.09
C PRO B 323 53.39 28.59 -17.73
N ASN B 324 52.32 28.20 -17.03
CA ASN B 324 51.93 28.63 -15.66
CA ASN B 324 52.03 28.68 -15.64
C ASN B 324 51.39 30.08 -15.66
N ILE B 325 51.11 30.63 -16.85
CA ILE B 325 50.39 31.94 -16.97
C ILE B 325 49.12 31.70 -17.80
N TYR B 326 47.98 32.03 -17.19
CA TYR B 326 46.62 31.82 -17.74
C TYR B 326 45.90 33.17 -17.88
N ALA B 327 44.88 33.19 -18.72
CA ALA B 327 44.03 34.39 -18.89
C ALA B 327 42.59 33.93 -19.09
N ILE B 328 41.68 34.55 -18.34
CA ILE B 328 40.23 34.27 -18.41
C ILE B 328 39.47 35.58 -18.49
N GLY B 329 38.19 35.51 -18.88
CA GLY B 329 37.27 36.66 -18.82
C GLY B 329 37.52 37.65 -19.95
N ASP B 330 37.17 38.91 -19.74
CA ASP B 330 37.12 39.90 -20.85
C ASP B 330 38.52 40.06 -21.47
N ILE B 331 39.59 39.77 -20.73
CA ILE B 331 40.97 40.04 -21.24
C ILE B 331 41.27 39.13 -22.43
N THR B 332 40.53 38.03 -22.59
CA THR B 332 40.65 37.10 -23.73
C THR B 332 39.75 37.54 -24.88
N ASP B 333 38.96 38.60 -24.73
CA ASP B 333 38.24 39.28 -25.85
C ASP B 333 37.38 38.28 -26.62
N ARG B 334 36.72 37.37 -25.91
CA ARG B 334 35.80 36.37 -26.49
C ARG B 334 34.35 36.76 -26.14
N LEU B 335 33.63 35.97 -25.33
CA LEU B 335 32.28 36.33 -24.80
C LEU B 335 32.47 37.19 -23.55
N MET B 336 32.12 38.47 -23.61
CA MET B 336 32.34 39.43 -22.49
C MET B 336 31.10 39.42 -21.59
N LEU B 337 30.94 38.33 -20.84
CA LEU B 337 29.81 38.08 -19.92
C LEU B 337 30.36 37.55 -18.60
N THR B 338 29.78 37.97 -17.49
CA THR B 338 30.22 37.58 -16.13
C THR B 338 30.20 36.07 -15.98
N PRO B 339 29.09 35.36 -16.27
CA PRO B 339 29.03 33.92 -16.02
C PRO B 339 30.03 33.10 -16.85
N VAL B 340 30.42 33.60 -18.02
CA VAL B 340 31.48 32.96 -18.85
C VAL B 340 32.82 33.14 -18.12
N ALA B 341 33.10 34.33 -17.61
CA ALA B 341 34.35 34.59 -16.85
C ALA B 341 34.41 33.65 -15.64
N ILE B 342 33.29 33.47 -14.95
CA ILE B 342 33.18 32.60 -13.75
C ILE B 342 33.47 31.17 -14.18
N ASN B 343 32.86 30.73 -15.28
CA ASN B 343 32.94 29.33 -15.74
C ASN B 343 34.40 29.03 -16.12
N GLU B 344 35.06 29.95 -16.84
CA GLU B 344 36.49 29.80 -17.24
C GLU B 344 37.38 29.71 -15.98
N GLY B 345 37.15 30.58 -14.99
CA GLY B 345 37.93 30.56 -13.74
C GLY B 345 37.84 29.20 -13.06
N ALA B 346 36.63 28.64 -12.97
CA ALA B 346 36.34 27.38 -12.28
C ALA B 346 37.02 26.24 -13.03
N ALA B 347 36.88 26.25 -14.37
CA ALA B 347 37.47 25.28 -15.31
C ALA B 347 38.99 25.29 -15.12
N LEU B 348 39.58 26.48 -15.16
CA LEU B 348 41.05 26.66 -15.05
C LEU B 348 41.55 25.99 -13.77
N VAL B 349 40.92 26.31 -12.64
CA VAL B 349 41.38 25.87 -11.30
C VAL B 349 41.23 24.35 -11.18
N ASP B 350 40.15 23.78 -11.73
CA ASP B 350 39.91 22.31 -11.77
C ASP B 350 40.97 21.61 -12.63
N THR B 351 41.41 22.27 -13.72
CA THR B 351 42.43 21.76 -14.68
C THR B 351 43.81 21.76 -14.01
N VAL B 352 44.19 22.88 -13.43
CA VAL B 352 45.56 23.12 -12.89
C VAL B 352 45.72 22.41 -11.53
N PHE B 353 44.69 22.38 -10.68
CA PHE B 353 44.83 21.96 -9.26
C PHE B 353 44.06 20.67 -8.97
N GLY B 354 42.91 20.44 -9.60
CA GLY B 354 42.19 19.15 -9.52
C GLY B 354 42.78 18.15 -10.48
N ASN B 355 42.25 16.94 -10.56
CA ASN B 355 42.77 15.91 -11.51
C ASN B 355 41.89 15.93 -12.76
N LYS B 356 41.25 17.07 -13.01
CA LYS B 356 39.99 17.20 -13.79
C LYS B 356 40.17 18.27 -14.86
N PRO B 357 40.91 18.02 -15.96
CA PRO B 357 41.03 19.00 -17.04
C PRO B 357 39.61 19.29 -17.53
N ARG B 358 39.16 20.56 -17.44
CA ARG B 358 37.84 20.97 -17.97
CA ARG B 358 37.83 21.00 -17.94
C ARG B 358 38.02 22.25 -18.81
N LYS B 359 37.29 22.35 -19.91
CA LYS B 359 37.30 23.56 -20.76
C LYS B 359 35.88 24.15 -20.82
N THR B 360 35.78 25.47 -20.81
CA THR B 360 34.49 26.19 -20.93
C THR B 360 33.90 25.94 -22.31
N ASP B 361 32.61 25.64 -22.34
CA ASP B 361 31.83 25.57 -23.59
C ASP B 361 31.32 26.98 -23.87
N HIS B 362 31.76 27.59 -24.98
CA HIS B 362 31.37 28.97 -25.40
C HIS B 362 30.16 28.95 -26.34
N THR B 363 29.61 27.78 -26.68
CA THR B 363 28.39 27.69 -27.51
C THR B 363 27.18 27.70 -26.56
N ARG B 364 26.01 28.06 -27.08
CA ARG B 364 24.70 27.87 -26.40
C ARG B 364 24.73 28.57 -25.03
N VAL B 365 25.43 29.69 -24.93
CA VAL B 365 25.46 30.51 -23.68
C VAL B 365 24.25 31.46 -23.72
N ALA B 366 23.39 31.37 -22.71
CA ALA B 366 22.22 32.24 -22.58
C ALA B 366 22.70 33.63 -22.16
N SER B 367 22.04 34.65 -22.70
CA SER B 367 22.36 36.06 -22.37
C SER B 367 21.10 36.89 -22.50
N ALA B 368 21.20 38.14 -22.02
CA ALA B 368 20.05 39.04 -21.89
C ALA B 368 20.51 40.46 -22.17
N VAL B 369 19.57 41.25 -22.66
CA VAL B 369 19.66 42.73 -22.77
C VAL B 369 18.51 43.28 -21.94
N PHE B 370 18.80 44.16 -20.99
CA PHE B 370 17.76 44.76 -20.10
C PHE B 370 17.29 46.08 -20.74
N SER B 371 16.97 45.98 -22.02
CA SER B 371 16.01 46.86 -22.73
C SER B 371 14.68 46.80 -21.99
N ILE B 372 13.77 47.74 -22.27
CA ILE B 372 12.39 47.69 -21.68
C ILE B 372 11.37 47.62 -22.81
N PRO B 373 10.70 46.45 -23.03
CA PRO B 373 11.05 45.20 -22.35
C PRO B 373 12.36 44.54 -22.80
N PRO B 374 12.80 43.49 -22.08
CA PRO B 374 14.11 42.89 -22.32
C PRO B 374 14.16 41.75 -23.35
N ILE B 375 15.39 41.41 -23.70
CA ILE B 375 15.77 40.28 -24.58
C ILE B 375 16.37 39.17 -23.70
N GLY B 376 15.99 37.93 -23.98
CA GLY B 376 16.68 36.71 -23.54
C GLY B 376 16.94 35.84 -24.75
N THR B 377 18.16 35.30 -24.86
CA THR B 377 18.58 34.56 -26.05
C THR B 377 19.57 33.46 -25.65
N CYS B 378 19.52 32.36 -26.37
CA CYS B 378 20.50 31.26 -26.24
C CYS B 378 20.71 30.62 -27.61
N GLY B 379 21.94 30.46 -28.04
CA GLY B 379 22.27 29.68 -29.25
C GLY B 379 22.19 30.53 -30.47
N LEU B 380 22.05 29.91 -31.64
CA LEU B 380 22.40 30.56 -32.94
C LEU B 380 21.22 31.39 -33.41
N ILE B 381 21.49 32.54 -33.99
CA ILE B 381 20.47 33.25 -34.84
C ILE B 381 20.39 32.55 -36.21
N GLU B 382 19.23 32.62 -36.86
CA GLU B 382 18.88 31.84 -38.08
C GLU B 382 19.89 32.04 -39.22
N GLU B 383 20.48 33.24 -39.37
CA GLU B 383 21.45 33.53 -40.46
C GLU B 383 22.77 32.82 -40.16
N VAL B 384 23.18 32.71 -38.90
CA VAL B 384 24.41 31.94 -38.56
C VAL B 384 24.09 30.44 -38.71
N ALA B 385 22.89 30.00 -38.34
CA ALA B 385 22.47 28.59 -38.44
C ALA B 385 22.49 28.17 -39.92
N ALA B 386 21.97 29.04 -40.79
CA ALA B 386 21.77 28.79 -42.24
C ALA B 386 23.11 28.57 -42.96
N LYS B 387 24.22 29.13 -42.46
CA LYS B 387 25.58 28.94 -43.03
C LYS B 387 26.14 27.60 -42.52
N GLU B 388 25.72 27.13 -41.35
CA GLU B 388 26.24 25.87 -40.74
C GLU B 388 25.42 24.66 -41.20
N PHE B 389 24.13 24.79 -41.49
CA PHE B 389 23.21 23.65 -41.71
C PHE B 389 22.43 23.81 -43.01
N GLU B 390 22.14 22.68 -43.68
CA GLU B 390 21.49 22.67 -45.01
C GLU B 390 20.04 23.14 -44.88
N LYS B 391 19.31 22.64 -43.89
CA LYS B 391 17.87 22.94 -43.73
C LYS B 391 17.64 23.44 -42.30
N VAL B 392 17.34 24.73 -42.19
CA VAL B 392 17.00 25.45 -40.94
C VAL B 392 15.51 25.77 -40.99
N ALA B 393 14.76 25.46 -39.94
CA ALA B 393 13.37 25.90 -39.74
C ALA B 393 13.37 27.02 -38.70
N VAL B 394 12.60 28.09 -38.95
CA VAL B 394 12.31 29.15 -37.96
C VAL B 394 10.84 29.06 -37.55
N TYR B 395 10.60 28.90 -36.25
CA TYR B 395 9.26 28.99 -35.63
C TYR B 395 9.20 30.36 -34.95
N MET B 396 8.10 31.07 -35.13
CA MET B 396 7.92 32.47 -34.69
C MET B 396 6.51 32.62 -34.14
N SER B 397 6.41 33.12 -32.92
CA SER B 397 5.18 33.58 -32.25
C SER B 397 5.36 35.06 -31.89
N SER B 398 4.35 35.87 -32.17
CA SER B 398 4.39 37.33 -31.95
C SER B 398 2.99 37.85 -31.63
N PHE B 399 2.85 38.71 -30.63
CA PHE B 399 1.53 39.13 -30.12
C PHE B 399 1.71 40.25 -29.10
N THR B 400 0.68 41.06 -28.96
CA THR B 400 0.55 42.06 -27.89
C THR B 400 -0.03 41.34 -26.69
N PRO B 401 0.70 41.29 -25.56
CA PRO B 401 0.15 40.72 -24.33
C PRO B 401 -1.21 41.33 -24.02
N LEU B 402 -2.19 40.51 -23.62
CA LEU B 402 -3.53 41.02 -23.22
C LEU B 402 -3.35 42.16 -22.21
N MET B 403 -2.41 42.06 -21.28
CA MET B 403 -2.25 43.12 -20.26
C MET B 403 -1.91 44.48 -20.91
N HIS B 404 -1.26 44.51 -22.09
CA HIS B 404 -0.87 45.77 -22.76
C HIS B 404 -2.01 46.32 -23.63
N ASN B 405 -3.02 45.50 -23.96
CA ASN B 405 -4.31 46.04 -24.45
C ASN B 405 -4.95 46.88 -23.35
N ILE B 406 -4.79 46.48 -22.09
CA ILE B 406 -5.39 47.20 -20.94
C ILE B 406 -4.48 48.37 -20.57
N SER B 407 -3.17 48.14 -20.48
CA SER B 407 -2.16 49.12 -19.98
C SER B 407 -2.07 50.33 -20.92
N GLY B 408 -2.35 50.11 -22.21
CA GLY B 408 -2.22 51.08 -23.30
C GLY B 408 -0.87 50.99 -23.99
N SER B 409 0.07 50.17 -23.52
CA SER B 409 1.38 50.01 -24.18
C SER B 409 1.26 48.98 -25.31
N LYS B 410 0.41 49.22 -26.31
CA LYS B 410 0.05 48.22 -27.36
C LYS B 410 1.26 47.94 -28.26
N TYR B 411 2.28 48.78 -28.20
CA TYR B 411 3.54 48.62 -28.98
C TYR B 411 4.36 47.44 -28.42
N LYS B 412 4.09 47.01 -27.18
CA LYS B 412 4.95 46.01 -26.47
C LYS B 412 4.66 44.60 -26.98
N LYS B 413 5.12 44.31 -28.20
CA LYS B 413 4.98 42.98 -28.83
C LYS B 413 5.93 41.99 -28.14
N PHE B 414 5.40 40.87 -27.67
CA PHE B 414 6.20 39.68 -27.29
C PHE B 414 6.63 38.99 -28.58
N VAL B 415 7.91 38.64 -28.70
CA VAL B 415 8.44 37.79 -29.81
C VAL B 415 9.07 36.55 -29.18
N ALA B 416 8.70 35.34 -29.65
CA ALA B 416 9.41 34.08 -29.38
C ALA B 416 9.80 33.40 -30.68
N LYS B 417 11.09 33.14 -30.88
CA LYS B 417 11.59 32.39 -32.06
C LYS B 417 12.46 31.22 -31.61
N ILE B 418 12.21 30.06 -32.22
CA ILE B 418 13.01 28.82 -32.12
C ILE B 418 13.60 28.53 -33.50
N VAL B 419 14.91 28.36 -33.57
CA VAL B 419 15.68 28.03 -34.79
C VAL B 419 16.13 26.56 -34.69
N THR B 420 15.72 25.71 -35.64
CA THR B 420 16.04 24.27 -35.62
C THR B 420 16.89 23.88 -36.83
N ASN B 421 17.64 22.81 -36.65
CA ASN B 421 18.13 21.95 -37.74
C ASN B 421 16.90 21.16 -38.20
N HIS B 422 16.34 21.48 -39.34
CA HIS B 422 15.07 20.87 -39.76
C HIS B 422 15.27 19.39 -40.12
N SER B 423 16.50 18.98 -40.45
CA SER B 423 16.86 17.56 -40.72
C SER B 423 16.53 16.66 -39.52
N ASP B 424 16.76 17.09 -38.28
CA ASP B 424 16.55 16.19 -37.10
C ASP B 424 15.74 16.84 -35.97
N GLY B 425 15.27 18.09 -36.10
CA GLY B 425 14.46 18.74 -35.06
C GLY B 425 15.28 19.48 -34.00
N THR B 426 16.61 19.37 -34.02
CA THR B 426 17.48 19.87 -32.92
C THR B 426 17.30 21.38 -32.82
N VAL B 427 16.92 21.87 -31.62
CA VAL B 427 16.87 23.32 -31.37
C VAL B 427 18.31 23.86 -31.36
N LEU B 428 18.56 24.85 -32.21
CA LEU B 428 19.86 25.53 -32.39
C LEU B 428 19.88 26.86 -31.65
N GLY B 429 18.71 27.50 -31.52
CA GLY B 429 18.58 28.86 -30.97
C GLY B 429 17.18 29.12 -30.50
N VAL B 430 17.07 29.83 -29.36
CA VAL B 430 15.78 30.42 -28.87
C VAL B 430 16.01 31.91 -28.61
N HIS B 431 15.10 32.75 -29.09
CA HIS B 431 15.23 34.23 -29.04
C HIS B 431 13.91 34.82 -28.61
N LEU B 432 13.93 35.56 -27.49
CA LEU B 432 12.72 36.06 -26.80
C LEU B 432 12.87 37.57 -26.66
N LEU B 433 11.78 38.28 -26.93
CA LEU B 433 11.65 39.71 -26.56
C LEU B 433 10.35 39.86 -25.78
N GLY B 434 10.44 40.36 -24.54
CA GLY B 434 9.28 40.75 -23.73
C GLY B 434 9.53 40.55 -22.25
N ASP B 435 8.62 41.00 -21.42
CA ASP B 435 8.73 40.91 -19.95
C ASP B 435 9.02 39.45 -19.58
N GLY B 436 10.02 39.22 -18.72
CA GLY B 436 10.44 37.89 -18.25
C GLY B 436 11.40 37.18 -19.20
N ALA B 437 11.68 37.72 -20.39
CA ALA B 437 12.53 37.01 -21.36
C ALA B 437 13.85 36.51 -20.73
N PRO B 438 14.63 37.32 -19.97
CA PRO B 438 15.86 36.84 -19.35
C PRO B 438 15.65 35.66 -18.40
N GLU B 439 14.53 35.63 -17.69
CA GLU B 439 14.16 34.57 -16.73
C GLU B 439 13.72 33.31 -17.49
N ILE B 440 12.99 33.48 -18.59
CA ILE B 440 12.47 32.32 -19.38
C ILE B 440 13.66 31.57 -19.96
N ILE B 441 14.72 32.30 -20.35
CA ILE B 441 15.74 31.73 -21.25
C ILE B 441 16.71 30.86 -20.44
N GLN B 442 16.82 31.05 -19.12
CA GLN B 442 17.90 30.37 -18.34
C GLN B 442 17.75 28.86 -18.54
N ALA B 443 16.56 28.30 -18.34
CA ALA B 443 16.37 26.83 -18.36
C ALA B 443 16.36 26.32 -19.81
N VAL B 444 16.16 27.21 -20.79
CA VAL B 444 16.32 26.91 -22.24
C VAL B 444 17.80 26.56 -22.48
N GLY B 445 18.69 27.30 -21.83
CA GLY B 445 20.13 27.01 -21.78
C GLY B 445 20.38 25.56 -21.40
N VAL B 446 19.68 25.07 -20.40
CA VAL B 446 19.80 23.67 -19.90
C VAL B 446 19.27 22.71 -20.99
N CYS B 447 18.15 23.04 -21.63
CA CYS B 447 17.48 22.23 -22.69
C CYS B 447 18.43 21.99 -23.86
N LEU B 448 19.17 23.02 -24.27
CA LEU B 448 20.16 22.94 -25.39
C LEU B 448 21.35 22.05 -25.00
N ARG B 449 21.55 21.72 -23.71
CA ARG B 449 22.60 20.78 -23.23
CA ARG B 449 22.62 20.77 -23.27
C ARG B 449 22.03 19.36 -23.14
N LEU B 450 20.74 19.18 -23.44
CA LEU B 450 20.04 17.86 -23.40
C LEU B 450 19.56 17.50 -24.81
N ASN B 451 20.17 18.09 -25.85
CA ASN B 451 19.82 18.00 -27.30
CA ASN B 451 19.81 17.84 -27.27
C ASN B 451 18.28 17.97 -27.45
N ALA B 452 17.67 18.98 -26.85
CA ALA B 452 16.22 19.26 -26.98
C ALA B 452 15.88 19.42 -28.47
N LYS B 453 14.83 18.72 -28.91
CA LYS B 453 14.26 18.85 -30.26
C LYS B 453 13.01 19.74 -30.13
N ILE B 454 12.56 20.34 -31.24
CA ILE B 454 11.34 21.21 -31.23
C ILE B 454 10.19 20.38 -30.66
N SER B 455 10.15 19.08 -30.93
CA SER B 455 9.08 18.19 -30.38
C SER B 455 9.20 18.05 -28.85
N ASP B 456 10.40 18.20 -28.28
CA ASP B 456 10.57 18.15 -26.80
C ASP B 456 9.86 19.37 -26.18
N PHE B 457 9.90 20.54 -26.82
CA PHE B 457 9.15 21.75 -26.39
C PHE B 457 7.65 21.52 -26.58
N TYR B 458 7.19 21.17 -27.77
CA TYR B 458 5.73 21.13 -28.05
C TYR B 458 5.08 19.92 -27.38
N ASN B 459 5.81 18.89 -26.96
CA ASN B 459 5.20 17.78 -26.18
C ASN B 459 5.22 18.08 -24.68
N THR B 460 5.87 19.16 -24.24
CA THR B 460 5.84 19.57 -22.82
C THR B 460 4.54 20.33 -22.55
N ILE B 461 3.90 20.03 -21.44
CA ILE B 461 2.64 20.72 -21.03
C ILE B 461 2.96 22.14 -20.54
N GLY B 462 2.17 23.11 -21.01
CA GLY B 462 2.42 24.54 -20.76
C GLY B 462 2.06 24.88 -19.33
N VAL B 463 2.68 25.95 -18.81
CA VAL B 463 2.25 26.68 -17.60
C VAL B 463 1.40 27.84 -18.13
N HIS B 464 0.14 27.90 -17.74
CA HIS B 464 -0.84 28.89 -18.22
C HIS B 464 -1.35 29.67 -17.02
N PRO B 465 -1.53 31.01 -17.14
CA PRO B 465 -1.09 31.77 -18.30
C PRO B 465 0.31 32.39 -18.10
N THR B 466 1.19 32.19 -19.08
CA THR B 466 2.56 32.74 -19.12
C THR B 466 2.92 33.12 -20.57
N SER B 467 3.96 33.91 -20.73
CA SER B 467 4.61 34.18 -22.03
C SER B 467 5.40 32.94 -22.44
N ALA B 468 6.07 32.31 -21.47
CA ALA B 468 6.98 31.17 -21.69
C ALA B 468 6.26 30.03 -22.41
N GLU B 469 4.98 29.78 -22.10
CA GLU B 469 4.22 28.64 -22.69
C GLU B 469 4.18 28.74 -24.22
N GLU B 470 4.40 29.92 -24.80
CA GLU B 470 4.49 30.09 -26.28
C GLU B 470 5.61 29.20 -26.84
N LEU B 471 6.67 28.95 -26.06
CA LEU B 471 7.76 28.03 -26.48
C LEU B 471 7.26 26.60 -26.71
N CYS B 472 6.21 26.19 -26.00
CA CYS B 472 5.66 24.81 -26.03
C CYS B 472 4.44 24.72 -26.96
N SER B 473 4.17 25.76 -27.77
CA SER B 473 2.96 25.89 -28.62
C SER B 473 3.31 26.11 -30.10
N MET B 474 4.58 25.99 -30.50
CA MET B 474 5.04 26.23 -31.90
C MET B 474 5.41 24.90 -32.54
N ARG B 475 4.56 24.44 -33.47
CA ARG B 475 4.60 23.06 -34.03
C ARG B 475 4.95 23.11 -35.52
N THR B 476 4.68 24.24 -36.19
CA THR B 476 4.86 24.39 -37.66
C THR B 476 5.83 25.52 -37.96
N PRO B 477 6.89 25.29 -38.74
CA PRO B 477 7.76 26.40 -39.12
C PRO B 477 6.99 27.56 -39.76
N SER B 478 7.41 28.79 -39.47
CA SER B 478 6.98 30.01 -40.18
C SER B 478 7.70 30.05 -41.52
N TYR B 479 8.97 29.68 -41.57
CA TYR B 479 9.79 29.69 -42.82
C TYR B 479 11.07 28.86 -42.61
N TYR B 480 11.96 28.86 -43.61
CA TYR B 480 13.16 27.98 -43.69
C TYR B 480 14.31 28.70 -44.36
N TYR B 481 15.52 28.18 -44.15
CA TYR B 481 16.73 28.50 -44.94
C TYR B 481 17.22 27.20 -45.55
N VAL B 482 17.36 27.17 -46.88
CA VAL B 482 17.91 25.99 -47.62
C VAL B 482 19.21 26.41 -48.29
N LYS B 483 20.29 25.70 -47.98
CA LYS B 483 21.65 25.99 -48.52
C LYS B 483 21.93 27.49 -48.33
N GLY B 484 21.35 28.10 -47.28
CA GLY B 484 21.69 29.45 -46.83
C GLY B 484 20.74 30.49 -47.38
N GLU B 485 19.67 30.08 -48.08
CA GLU B 485 18.74 31.03 -48.74
C GLU B 485 17.36 30.91 -48.07
N LYS B 486 16.76 32.05 -47.73
CA LYS B 486 15.47 32.15 -46.99
C LYS B 486 14.32 31.87 -47.96
N MET B 487 13.27 31.20 -47.48
CA MET B 487 12.08 30.85 -48.29
C MET B 487 10.98 30.33 -47.37
N GLU B 488 9.72 30.64 -47.69
CA GLU B 488 8.51 30.31 -46.91
C GLU B 488 8.32 28.78 -46.92
N LYS B 489 8.60 28.12 -48.05
CA LYS B 489 8.33 26.67 -48.27
C LYS B 489 9.65 25.97 -48.61
N LEU B 490 9.71 24.67 -48.33
CA LEU B 490 10.89 23.79 -48.58
C LEU B 490 11.02 23.55 -50.08
N PRO B 491 12.26 23.53 -50.63
CA PRO B 491 12.46 23.71 -52.07
C PRO B 491 12.25 22.46 -52.95
N SER C 5 -57.13 -20.74 17.19
CA SER C 5 -56.44 -21.57 18.22
C SER C 5 -55.95 -22.88 17.57
N LYS C 6 -56.87 -23.84 17.32
CA LYS C 6 -56.60 -25.28 17.09
C LYS C 6 -56.56 -25.63 15.59
N ALA C 7 -56.15 -24.68 14.74
CA ALA C 7 -55.97 -24.86 13.27
C ALA C 7 -54.53 -24.46 12.90
N PHE C 8 -53.85 -25.30 12.10
CA PHE C 8 -52.39 -25.21 11.82
C PHE C 8 -52.08 -25.59 10.36
N ASP C 9 -51.02 -24.97 9.84
CA ASP C 9 -50.47 -25.29 8.49
C ASP C 9 -49.83 -26.68 8.58
N LEU C 10 -49.21 -26.97 9.73
CA LEU C 10 -48.44 -28.22 9.97
C LEU C 10 -48.68 -28.73 11.40
N VAL C 11 -49.14 -29.96 11.55
CA VAL C 11 -49.02 -30.69 12.85
C VAL C 11 -47.93 -31.76 12.73
N VAL C 12 -47.03 -31.76 13.71
CA VAL C 12 -45.86 -32.68 13.84
C VAL C 12 -46.10 -33.59 15.04
N ILE C 13 -46.20 -34.90 14.79
CA ILE C 13 -46.32 -35.91 15.87
C ILE C 13 -44.90 -36.40 16.18
N GLY C 14 -44.34 -35.88 17.26
CA GLY C 14 -42.98 -36.17 17.75
C GLY C 14 -42.12 -34.92 17.84
N ALA C 15 -41.84 -34.44 19.04
CA ALA C 15 -40.95 -33.28 19.27
C ALA C 15 -39.49 -33.78 19.33
N GLY C 16 -39.08 -34.54 18.30
CA GLY C 16 -37.74 -35.15 18.24
C GLY C 16 -36.77 -34.39 17.34
N SER C 17 -35.59 -34.98 17.14
CA SER C 17 -34.53 -34.43 16.26
C SER C 17 -35.20 -33.90 14.99
N GLY C 18 -35.93 -34.76 14.28
CA GLY C 18 -36.55 -34.43 12.99
C GLY C 18 -37.74 -33.52 13.16
N GLY C 19 -38.61 -33.83 14.11
CA GLY C 19 -39.84 -33.06 14.38
C GLY C 19 -39.56 -31.61 14.66
N LEU C 20 -38.66 -31.30 15.60
CA LEU C 20 -38.34 -29.92 16.03
C LEU C 20 -37.67 -29.14 14.89
N GLU C 21 -36.96 -29.82 13.98
CA GLU C 21 -36.28 -29.14 12.84
C GLU C 21 -37.33 -28.75 11.81
N ALA C 22 -38.17 -29.72 11.38
CA ALA C 22 -39.35 -29.50 10.54
C ALA C 22 -40.19 -28.36 11.16
N GLY C 23 -40.50 -28.50 12.44
CA GLY C 23 -41.36 -27.57 13.19
C GLY C 23 -40.83 -26.16 13.11
N TRP C 24 -39.67 -25.92 13.73
CA TRP C 24 -38.96 -24.61 13.83
C TRP C 24 -38.69 -24.00 12.46
N ASN C 25 -38.41 -24.79 11.42
CA ASN C 25 -38.19 -24.28 10.05
C ASN C 25 -39.51 -23.78 9.45
N ALA C 26 -40.63 -24.46 9.72
CA ALA C 26 -41.96 -24.05 9.23
C ALA C 26 -42.32 -22.70 9.86
N ALA C 27 -42.14 -22.57 11.17
CA ALA C 27 -42.42 -21.36 11.95
C ALA C 27 -41.60 -20.19 11.40
N THR C 28 -40.27 -20.25 11.56
CA THR C 28 -39.35 -19.08 11.48
C THR C 28 -38.86 -18.84 10.04
N LEU C 29 -39.16 -19.69 9.05
CA LEU C 29 -38.57 -19.59 7.68
C LEU C 29 -39.66 -19.40 6.61
N TYR C 30 -40.85 -19.98 6.80
CA TYR C 30 -41.99 -19.85 5.86
C TYR C 30 -43.18 -19.24 6.60
N GLY C 31 -42.96 -18.75 7.83
CA GLY C 31 -43.92 -17.93 8.61
C GLY C 31 -45.17 -18.70 9.01
N LYS C 32 -45.16 -20.03 8.88
CA LYS C 32 -46.39 -20.87 8.99
C LYS C 32 -46.77 -21.09 10.47
N ARG C 33 -47.93 -21.71 10.67
CA ARG C 33 -48.54 -22.05 11.99
C ARG C 33 -48.35 -23.55 12.25
N VAL C 34 -47.55 -23.89 13.28
CA VAL C 34 -47.11 -25.29 13.59
C VAL C 34 -47.58 -25.68 14.99
N ALA C 35 -48.16 -26.87 15.11
CA ALA C 35 -48.29 -27.59 16.40
C ALA C 35 -47.29 -28.75 16.41
N VAL C 36 -46.74 -29.06 17.58
CA VAL C 36 -45.77 -30.17 17.82
C VAL C 36 -46.22 -30.94 19.06
N VAL C 37 -46.50 -32.24 18.91
CA VAL C 37 -46.98 -33.08 20.05
C VAL C 37 -45.83 -33.97 20.57
N ASP C 38 -45.68 -34.04 21.89
CA ASP C 38 -44.87 -35.12 22.53
C ASP C 38 -45.56 -35.51 23.84
N VAL C 39 -45.16 -36.68 24.37
CA VAL C 39 -45.79 -37.40 25.50
C VAL C 39 -45.23 -36.94 26.84
N GLN C 40 -44.12 -36.20 26.84
CA GLN C 40 -43.45 -35.75 28.09
C GLN C 40 -42.68 -34.45 27.85
N THR C 41 -42.53 -33.64 28.89
CA THR C 41 -41.87 -32.31 28.80
C THR C 41 -40.40 -32.48 29.14
N SER C 42 -40.05 -33.46 29.97
CA SER C 42 -38.65 -33.73 30.37
C SER C 42 -38.39 -35.24 30.35
N HIS C 43 -37.10 -35.59 30.48
CA HIS C 43 -36.56 -36.95 30.25
C HIS C 43 -37.02 -37.91 31.33
N GLY C 44 -37.12 -39.20 30.99
CA GLY C 44 -37.04 -40.30 31.95
C GLY C 44 -38.32 -41.11 31.99
N PRO C 45 -38.40 -42.10 32.91
CA PRO C 45 -39.61 -42.89 33.05
C PRO C 45 -40.78 -41.98 33.37
N PRO C 46 -42.03 -42.30 32.96
CA PRO C 46 -42.33 -43.56 32.28
C PRO C 46 -42.01 -43.66 30.78
N PHE C 47 -42.03 -42.58 30.00
CA PHE C 47 -41.99 -42.63 28.52
C PHE C 47 -40.56 -42.43 27.97
N TYR C 48 -39.58 -42.08 28.81
CA TYR C 48 -38.12 -42.04 28.48
C TYR C 48 -37.83 -40.93 27.46
N ALA C 49 -38.27 -41.08 26.21
CA ALA C 49 -38.21 -39.98 25.22
C ALA C 49 -39.20 -38.90 25.66
N ALA C 50 -39.06 -37.71 25.09
CA ALA C 50 -39.75 -36.48 25.55
C ALA C 50 -39.37 -35.34 24.59
N LEU C 51 -39.83 -34.14 24.90
CA LEU C 51 -39.46 -32.90 24.17
C LEU C 51 -37.93 -32.86 24.00
N GLY C 52 -37.46 -32.87 22.76
CA GLY C 52 -36.03 -33.03 22.43
C GLY C 52 -35.77 -34.32 21.66
N GLY C 53 -36.53 -35.36 21.97
CA GLY C 53 -36.52 -36.62 21.22
C GLY C 53 -35.63 -37.63 21.89
N THR C 54 -35.38 -38.74 21.23
CA THR C 54 -34.61 -39.88 21.81
C THR C 54 -33.18 -39.41 22.09
N CYS C 55 -32.62 -38.66 21.16
CA CYS C 55 -31.20 -38.25 21.17
C CYS C 55 -30.91 -37.43 22.42
N VAL C 56 -31.72 -36.41 22.66
CA VAL C 56 -31.57 -35.49 23.83
C VAL C 56 -31.77 -36.27 25.11
N ASN C 57 -32.81 -37.09 25.18
CA ASN C 57 -33.31 -37.63 26.48
C ASN C 57 -32.63 -38.96 26.82
N VAL C 58 -32.57 -39.90 25.87
CA VAL C 58 -32.10 -41.29 26.12
C VAL C 58 -31.36 -41.80 24.89
N GLY C 59 -30.40 -41.00 24.42
CA GLY C 59 -29.71 -41.24 23.15
C GLY C 59 -28.35 -40.57 23.11
N CYS C 60 -28.01 -39.96 21.98
CA CYS C 60 -26.67 -39.42 21.63
C CYS C 60 -26.15 -38.58 22.80
N VAL C 61 -26.98 -37.69 23.33
CA VAL C 61 -26.53 -36.69 24.34
C VAL C 61 -26.14 -37.39 25.64
N PRO C 62 -27.06 -38.07 26.38
CA PRO C 62 -26.68 -38.65 27.65
C PRO C 62 -25.57 -39.71 27.46
N LYS C 63 -25.65 -40.54 26.41
CA LYS C 63 -24.64 -41.61 26.17
C LYS C 63 -23.27 -40.96 25.95
N LYS C 64 -23.15 -39.85 25.23
CA LYS C 64 -21.82 -39.20 25.01
CA LYS C 64 -21.81 -39.22 25.01
C LYS C 64 -21.27 -38.72 26.36
N LEU C 65 -22.13 -38.09 27.18
CA LEU C 65 -21.69 -37.56 28.50
C LEU C 65 -21.19 -38.74 29.32
N MET C 66 -21.85 -39.88 29.20
CA MET C 66 -21.48 -41.10 29.97
C MET C 66 -20.21 -41.74 29.39
N VAL C 67 -20.02 -41.72 28.06
CA VAL C 67 -18.73 -42.19 27.47
C VAL C 67 -17.60 -41.27 27.96
N THR C 68 -17.86 -39.96 28.03
CA THR C 68 -16.92 -38.98 28.57
C THR C 68 -16.54 -39.38 29.99
N GLY C 69 -17.52 -39.77 30.82
CA GLY C 69 -17.24 -40.27 32.17
C GLY C 69 -16.35 -41.50 32.12
N ALA C 70 -16.69 -42.44 31.25
CA ALA C 70 -15.99 -43.75 31.13
C ALA C 70 -14.53 -43.55 30.70
N GLN C 71 -14.25 -42.56 29.86
CA GLN C 71 -12.88 -42.29 29.35
C GLN C 71 -11.91 -41.95 30.50
N TYR C 72 -12.39 -41.40 31.64
CA TYR C 72 -11.51 -41.07 32.79
C TYR C 72 -10.92 -42.36 33.35
N MET C 73 -11.56 -43.52 33.18
CA MET C 73 -10.89 -44.80 33.60
C MET C 73 -9.52 -44.83 32.91
N ASP C 74 -9.49 -44.61 31.59
CA ASP C 74 -8.24 -44.72 30.78
C ASP C 74 -7.32 -43.55 31.15
N HIS C 75 -7.86 -42.34 31.24
CA HIS C 75 -7.05 -41.11 31.47
C HIS C 75 -6.30 -41.27 32.79
N LEU C 76 -6.99 -41.70 33.87
CA LEU C 76 -6.35 -41.83 35.20
C LEU C 76 -5.16 -42.80 35.11
N ARG C 77 -5.34 -43.97 34.49
CA ARG C 77 -4.27 -45.00 34.37
C ARG C 77 -3.15 -44.45 33.49
N GLU C 78 -3.49 -43.82 32.36
CA GLU C 78 -2.54 -43.42 31.28
C GLU C 78 -1.65 -42.28 31.80
N SER C 79 -2.15 -41.49 32.74
CA SER C 79 -1.46 -40.32 33.35
C SER C 79 -0.12 -40.73 33.97
N ALA C 80 -0.03 -41.95 34.52
CA ALA C 80 1.17 -42.43 35.25
C ALA C 80 2.41 -42.39 34.35
N GLY C 81 2.28 -42.81 33.09
CA GLY C 81 3.38 -42.76 32.09
C GLY C 81 3.94 -41.37 31.89
N PHE C 82 3.11 -40.33 32.08
CA PHE C 82 3.46 -38.91 31.82
C PHE C 82 3.88 -38.21 33.12
N GLY C 83 4.05 -38.99 34.18
CA GLY C 83 4.64 -38.56 35.46
C GLY C 83 3.62 -38.23 36.51
N TRP C 84 2.33 -38.48 36.28
CA TRP C 84 1.28 -38.19 37.28
C TRP C 84 1.28 -39.29 38.33
N GLU C 85 1.42 -38.88 39.59
CA GLU C 85 1.46 -39.75 40.79
C GLU C 85 0.26 -39.40 41.68
N PHE C 86 -0.46 -40.41 42.13
CA PHE C 86 -1.54 -40.30 43.14
C PHE C 86 -1.85 -41.70 43.65
N ASP C 87 -2.59 -41.76 44.75
CA ASP C 87 -2.97 -43.02 45.44
C ASP C 87 -3.96 -43.76 44.52
N GLY C 88 -3.45 -44.70 43.74
CA GLY C 88 -4.23 -45.52 42.80
C GLY C 88 -5.33 -46.29 43.51
N SER C 89 -5.07 -46.72 44.74
CA SER C 89 -5.98 -47.58 45.54
C SER C 89 -7.15 -46.74 46.09
N SER C 90 -7.12 -45.42 45.94
CA SER C 90 -8.16 -44.47 46.44
C SER C 90 -9.19 -44.20 45.36
N VAL C 91 -8.96 -44.70 44.14
CA VAL C 91 -9.76 -44.38 42.93
C VAL C 91 -11.07 -45.17 42.97
N LYS C 92 -12.18 -44.47 42.86
CA LYS C 92 -13.53 -45.07 42.77
CA LYS C 92 -13.55 -45.04 42.80
C LYS C 92 -14.34 -44.28 41.73
N ALA C 93 -15.13 -45.01 40.95
CA ALA C 93 -16.06 -44.48 39.96
C ALA C 93 -17.45 -44.44 40.60
N ASN C 94 -18.07 -43.25 40.70
CA ASN C 94 -19.36 -43.03 41.39
C ASN C 94 -20.43 -42.86 40.32
N TRP C 95 -21.10 -43.96 39.97
CA TRP C 95 -22.21 -44.00 38.99
C TRP C 95 -23.30 -42.98 39.31
N LYS C 96 -23.70 -42.88 40.58
CA LYS C 96 -24.82 -42.01 41.04
C LYS C 96 -24.53 -40.55 40.68
N LYS C 97 -23.28 -40.11 40.89
CA LYS C 97 -22.86 -38.74 40.49
C LYS C 97 -22.99 -38.57 38.97
N LEU C 98 -22.50 -39.54 38.20
CA LEU C 98 -22.55 -39.47 36.72
C LEU C 98 -24.03 -39.33 36.31
N ILE C 99 -24.90 -40.19 36.84
CA ILE C 99 -26.33 -40.20 36.42
C ILE C 99 -26.99 -38.87 36.80
N ALA C 100 -26.69 -38.36 38.01
CA ALA C 100 -27.21 -37.07 38.53
C ALA C 100 -26.79 -35.93 37.61
N ALA C 101 -25.53 -35.93 37.19
CA ALA C 101 -24.91 -34.90 36.32
C ALA C 101 -25.52 -34.98 34.94
N LYS C 102 -25.64 -36.19 34.39
CA LYS C 102 -26.31 -36.41 33.08
C LYS C 102 -27.77 -35.93 33.17
N ASN C 103 -28.49 -36.30 34.25
CA ASN C 103 -29.92 -35.91 34.47
C ASN C 103 -30.10 -34.39 34.46
N GLU C 104 -29.24 -33.65 35.18
CA GLU C 104 -29.34 -32.17 35.23
CA GLU C 104 -29.27 -32.17 35.24
C GLU C 104 -29.05 -31.61 33.84
N ALA C 105 -28.05 -32.15 33.12
CA ALA C 105 -27.69 -31.65 31.76
C ALA C 105 -28.86 -31.86 30.80
N VAL C 106 -29.48 -33.03 30.83
CA VAL C 106 -30.62 -33.31 29.91
C VAL C 106 -31.80 -32.40 30.27
N LEU C 107 -32.05 -32.24 31.58
CA LEU C 107 -33.22 -31.46 32.07
C LEU C 107 -33.05 -30.00 31.65
N ASP C 108 -31.82 -29.47 31.64
CA ASP C 108 -31.51 -28.12 31.09
C ASP C 108 -31.95 -28.03 29.64
N ILE C 109 -31.70 -29.05 28.81
CA ILE C 109 -32.06 -29.01 27.37
C ILE C 109 -33.58 -29.04 27.26
N ASN C 110 -34.23 -29.94 28.01
CA ASN C 110 -35.70 -30.04 28.09
C ASN C 110 -36.29 -28.63 28.32
N LYS C 111 -35.83 -27.94 29.36
CA LYS C 111 -36.39 -26.64 29.82
C LYS C 111 -36.09 -25.56 28.79
N SER C 112 -34.83 -25.46 28.37
CA SER C 112 -34.40 -24.60 27.26
C SER C 112 -35.33 -24.82 26.05
N TYR C 113 -35.62 -26.06 25.69
CA TYR C 113 -36.48 -26.39 24.53
C TYR C 113 -37.93 -25.96 24.81
N GLU C 114 -38.44 -26.15 26.03
CA GLU C 114 -39.76 -25.61 26.46
C GLU C 114 -39.77 -24.08 26.25
N GLY C 115 -38.79 -23.39 26.85
CA GLY C 115 -38.55 -21.94 26.69
C GLY C 115 -38.74 -21.48 25.25
N MET C 116 -38.14 -22.18 24.30
CA MET C 116 -38.13 -21.77 22.87
C MET C 116 -39.57 -21.77 22.34
N PHE C 117 -40.40 -22.72 22.77
CA PHE C 117 -41.82 -22.86 22.33
C PHE C 117 -42.63 -21.64 22.82
N ASN C 118 -42.44 -21.28 24.09
CA ASN C 118 -43.06 -20.08 24.72
C ASN C 118 -42.78 -18.86 23.85
N ASP C 119 -41.49 -18.60 23.58
CA ASP C 119 -40.98 -17.31 23.04
C ASP C 119 -41.04 -17.27 21.50
N THR C 120 -41.70 -18.22 20.84
CA THR C 120 -41.71 -18.31 19.36
C THR C 120 -43.15 -18.29 18.82
N GLU C 121 -43.50 -17.17 18.19
CA GLU C 121 -44.66 -16.92 17.28
C GLU C 121 -44.90 -18.12 16.37
N GLY C 122 -46.11 -18.71 16.41
CA GLY C 122 -46.61 -19.65 15.39
C GLY C 122 -46.12 -21.08 15.58
N LEU C 123 -45.45 -21.35 16.71
CA LEU C 123 -44.90 -22.68 17.10
C LEU C 123 -45.40 -23.06 18.50
N ASP C 124 -46.39 -23.96 18.58
CA ASP C 124 -47.06 -24.36 19.86
C ASP C 124 -46.82 -25.84 20.16
N PHE C 125 -46.53 -26.15 21.43
CA PHE C 125 -46.25 -27.51 21.97
C PHE C 125 -47.51 -28.07 22.64
N PHE C 126 -47.84 -29.34 22.39
CA PHE C 126 -48.98 -30.02 23.06
C PHE C 126 -48.47 -31.31 23.74
N LEU C 127 -48.73 -31.41 25.04
CA LEU C 127 -48.43 -32.61 25.87
C LEU C 127 -49.50 -33.68 25.60
N GLY C 128 -49.08 -34.88 25.23
CA GLY C 128 -49.95 -36.07 25.13
C GLY C 128 -49.67 -36.86 23.88
N TRP C 129 -50.61 -37.70 23.47
CA TRP C 129 -50.37 -38.79 22.49
C TRP C 129 -51.10 -38.48 21.18
N GLY C 130 -50.32 -38.20 20.13
CA GLY C 130 -50.79 -37.92 18.77
C GLY C 130 -51.19 -39.19 18.04
N SER C 131 -52.34 -39.17 17.37
CA SER C 131 -52.80 -40.19 16.40
C SER C 131 -53.63 -39.50 15.32
N LEU C 132 -53.84 -40.18 14.21
CA LEU C 132 -54.63 -39.64 13.07
C LEU C 132 -56.10 -40.04 13.24
N GLU C 133 -56.98 -39.06 13.44
CA GLU C 133 -58.46 -39.21 13.31
C GLU C 133 -58.82 -39.26 11.82
N SER C 134 -58.34 -38.29 11.04
CA SER C 134 -58.60 -38.20 9.59
C SER C 134 -57.42 -37.54 8.87
N LYS C 135 -57.45 -37.63 7.54
CA LYS C 135 -56.56 -36.96 6.56
C LYS C 135 -56.08 -35.60 7.06
N ASN C 136 -56.92 -34.85 7.79
CA ASN C 136 -56.67 -33.43 8.15
C ASN C 136 -56.89 -33.17 9.65
N VAL C 137 -57.04 -34.20 10.48
CA VAL C 137 -57.30 -34.05 11.94
C VAL C 137 -56.33 -34.95 12.73
N VAL C 138 -55.52 -34.32 13.59
CA VAL C 138 -54.67 -35.03 14.59
C VAL C 138 -55.34 -34.92 15.95
N VAL C 139 -55.59 -36.06 16.60
CA VAL C 139 -56.13 -36.12 18.00
C VAL C 139 -54.95 -36.30 18.95
N VAL C 140 -54.94 -35.51 20.01
CA VAL C 140 -54.05 -35.66 21.19
C VAL C 140 -54.90 -36.26 22.31
N ARG C 141 -54.56 -37.47 22.77
CA ARG C 141 -55.24 -38.16 23.89
C ARG C 141 -54.29 -38.25 25.09
N GLU C 142 -54.88 -38.52 26.26
CA GLU C 142 -54.23 -38.50 27.60
C GLU C 142 -53.14 -39.58 27.64
N THR C 143 -53.39 -40.75 27.04
CA THR C 143 -52.45 -41.91 27.03
C THR C 143 -52.40 -42.54 25.64
N ALA C 144 -51.52 -43.54 25.46
CA ALA C 144 -51.33 -44.32 24.20
C ALA C 144 -52.56 -45.18 23.93
N ASP C 145 -53.45 -45.38 24.91
CA ASP C 145 -54.78 -46.04 24.74
C ASP C 145 -55.64 -45.16 23.83
N PRO C 146 -56.02 -45.65 22.62
CA PRO C 146 -56.85 -44.86 21.71
C PRO C 146 -58.24 -44.54 22.31
N LYS C 147 -58.62 -45.24 23.37
CA LYS C 147 -59.91 -45.02 24.07
C LYS C 147 -59.73 -44.00 25.20
N SER C 148 -58.50 -43.53 25.44
CA SER C 148 -58.21 -42.51 26.47
C SER C 148 -58.85 -41.17 26.08
N ALA C 149 -58.92 -40.25 27.05
CA ALA C 149 -59.65 -38.98 26.94
C ALA C 149 -58.94 -38.10 25.92
N VAL C 150 -59.73 -37.43 25.06
CA VAL C 150 -59.22 -36.43 24.10
C VAL C 150 -58.77 -35.23 24.94
N LYS C 151 -57.63 -34.62 24.58
CA LYS C 151 -57.13 -33.36 25.19
C LYS C 151 -57.28 -32.23 24.17
N GLU C 152 -57.17 -32.57 22.88
CA GLU C 152 -57.11 -31.63 21.73
C GLU C 152 -57.52 -32.35 20.45
N ARG C 153 -58.18 -31.62 19.56
CA ARG C 153 -58.27 -31.96 18.12
C ARG C 153 -57.53 -30.84 17.41
N LEU C 154 -56.59 -31.19 16.52
CA LEU C 154 -55.81 -30.21 15.73
C LEU C 154 -56.13 -30.44 14.25
N GLN C 155 -56.65 -29.41 13.59
CA GLN C 155 -56.87 -29.37 12.11
C GLN C 155 -55.51 -29.15 11.47
N ALA C 156 -55.19 -29.88 10.40
CA ALA C 156 -53.87 -29.84 9.73
C ALA C 156 -54.05 -29.89 8.20
N ASP C 157 -53.48 -28.91 7.50
CA ASP C 157 -53.25 -29.00 6.03
C ASP C 157 -52.26 -30.14 5.79
N HIS C 158 -51.20 -30.13 6.59
CA HIS C 158 -50.01 -31.03 6.47
C HIS C 158 -49.73 -31.72 7.82
N ILE C 159 -49.58 -33.04 7.79
CA ILE C 159 -49.28 -33.88 8.99
C ILE C 159 -47.90 -34.53 8.79
N LEU C 160 -46.98 -34.26 9.70
CA LEU C 160 -45.63 -34.87 9.74
C LEU C 160 -45.57 -35.96 10.81
N LEU C 161 -45.40 -37.21 10.40
CA LEU C 161 -45.12 -38.35 11.32
C LEU C 161 -43.62 -38.34 11.67
N ALA C 162 -43.28 -38.12 12.93
CA ALA C 162 -41.88 -38.07 13.41
C ALA C 162 -41.76 -38.66 14.82
N THR C 163 -42.29 -39.86 15.03
CA THR C 163 -42.41 -40.51 16.37
C THR C 163 -41.17 -41.35 16.70
N GLY C 164 -40.23 -41.43 15.75
CA GLY C 164 -38.95 -42.14 15.89
C GLY C 164 -39.11 -43.66 16.05
N SER C 165 -38.20 -44.25 16.81
CA SER C 165 -38.06 -45.71 16.99
C SER C 165 -38.13 -46.09 18.48
N TRP C 166 -37.94 -47.37 18.76
CA TRP C 166 -38.13 -47.98 20.10
C TRP C 166 -37.31 -49.26 20.15
N PRO C 167 -36.78 -49.64 21.33
CA PRO C 167 -35.90 -50.80 21.40
C PRO C 167 -36.65 -52.07 20.99
N GLN C 168 -35.98 -52.89 20.21
CA GLN C 168 -36.50 -54.20 19.81
C GLN C 168 -36.17 -55.17 20.94
N MET C 169 -37.14 -55.95 21.42
CA MET C 169 -36.95 -56.96 22.48
C MET C 169 -37.33 -58.31 21.88
N PRO C 170 -36.39 -59.26 21.75
CA PRO C 170 -36.69 -60.56 21.14
C PRO C 170 -37.72 -61.26 22.01
N ALA C 171 -38.61 -62.04 21.40
CA ALA C 171 -39.71 -62.73 22.11
C ALA C 171 -39.14 -64.04 22.65
N ILE C 172 -38.26 -63.96 23.63
CA ILE C 172 -37.69 -65.15 24.32
C ILE C 172 -38.36 -65.23 25.69
N PRO C 173 -38.41 -66.44 26.27
CA PRO C 173 -38.89 -66.60 27.64
C PRO C 173 -37.97 -65.80 28.57
N GLY C 174 -38.55 -64.96 29.42
CA GLY C 174 -37.82 -64.18 30.43
C GLY C 174 -37.41 -62.82 29.91
N ILE C 175 -37.93 -62.41 28.75
CA ILE C 175 -37.59 -61.09 28.14
C ILE C 175 -37.90 -59.99 29.15
N GLU C 176 -38.90 -60.20 30.01
CA GLU C 176 -39.37 -59.17 30.96
C GLU C 176 -38.31 -58.92 32.06
N HIS C 177 -37.30 -59.78 32.22
CA HIS C 177 -36.18 -59.62 33.19
C HIS C 177 -35.04 -58.78 32.58
N CYS C 178 -35.17 -58.41 31.31
CA CYS C 178 -34.10 -57.70 30.56
C CYS C 178 -34.50 -56.22 30.51
N ILE C 179 -33.51 -55.34 30.31
CA ILE C 179 -33.76 -53.90 30.07
C ILE C 179 -33.32 -53.55 28.64
N SER C 180 -33.65 -52.34 28.23
CA SER C 180 -33.15 -51.71 26.99
C SER C 180 -32.22 -50.55 27.39
N SER C 181 -31.63 -49.84 26.42
CA SER C 181 -30.85 -48.60 26.66
C SER C 181 -31.68 -47.65 27.53
N ASN C 182 -33.00 -47.64 27.35
CA ASN C 182 -33.91 -46.69 28.07
C ASN C 182 -33.68 -46.81 29.57
N GLU C 183 -33.69 -48.02 30.13
CA GLU C 183 -33.57 -48.24 31.59
C GLU C 183 -32.10 -48.11 32.03
N ALA C 184 -31.16 -48.42 31.13
CA ALA C 184 -29.72 -48.38 31.44
C ALA C 184 -29.36 -46.98 31.94
N PHE C 185 -29.97 -45.96 31.35
CA PHE C 185 -29.74 -44.52 31.63
C PHE C 185 -30.16 -44.16 33.05
N TYR C 186 -30.99 -44.98 33.73
CA TYR C 186 -31.56 -44.66 35.06
C TYR C 186 -31.24 -45.75 36.06
N LEU C 187 -30.34 -46.69 35.77
CA LEU C 187 -29.96 -47.70 36.80
C LEU C 187 -29.50 -46.97 38.06
N PRO C 188 -30.06 -47.29 39.25
CA PRO C 188 -29.58 -46.65 40.48
C PRO C 188 -28.14 -47.04 40.86
N GLU C 189 -27.74 -48.28 40.55
CA GLU C 189 -26.37 -48.79 40.83
C GLU C 189 -25.79 -49.29 39.52
N PRO C 190 -24.45 -49.21 39.34
CA PRO C 190 -23.81 -49.71 38.12
C PRO C 190 -23.72 -51.20 38.33
N PRO C 191 -24.06 -52.02 37.32
CA PRO C 191 -24.09 -53.47 37.52
C PRO C 191 -22.69 -54.05 37.71
N ARG C 192 -22.56 -55.02 38.62
CA ARG C 192 -21.28 -55.73 38.86
C ARG C 192 -21.01 -56.64 37.65
N ARG C 193 -22.03 -57.41 37.25
CA ARG C 193 -21.98 -58.21 36.02
C ARG C 193 -23.09 -57.71 35.08
N VAL C 194 -22.75 -57.37 33.83
CA VAL C 194 -23.75 -56.97 32.82
C VAL C 194 -23.48 -57.73 31.52
N LEU C 195 -24.54 -58.26 30.90
CA LEU C 195 -24.53 -58.75 29.52
C LEU C 195 -25.17 -57.69 28.64
N THR C 196 -24.42 -57.14 27.69
CA THR C 196 -25.00 -56.33 26.59
C THR C 196 -25.25 -57.28 25.43
N VAL C 197 -26.48 -57.32 24.94
CA VAL C 197 -26.86 -58.24 23.83
C VAL C 197 -26.96 -57.42 22.54
N GLY C 198 -26.12 -57.73 21.56
CA GLY C 198 -26.11 -57.06 20.25
C GLY C 198 -24.70 -56.65 19.91
N GLY C 199 -24.41 -56.51 18.63
CA GLY C 199 -23.08 -56.14 18.12
C GLY C 199 -23.04 -54.75 17.55
N GLY C 200 -24.17 -54.03 17.55
CA GLY C 200 -24.29 -52.65 17.05
C GLY C 200 -23.70 -51.62 17.99
N PHE C 201 -23.79 -50.34 17.62
CA PHE C 201 -23.10 -49.24 18.33
C PHE C 201 -23.62 -49.11 19.76
N ILE C 202 -24.92 -49.28 19.99
CA ILE C 202 -25.53 -49.07 21.34
C ILE C 202 -24.93 -50.07 22.33
N SER C 203 -24.90 -51.35 21.96
CA SER C 203 -24.31 -52.43 22.79
C SER C 203 -22.84 -52.11 23.09
N VAL C 204 -22.05 -51.81 22.06
CA VAL C 204 -20.58 -51.56 22.18
C VAL C 204 -20.35 -50.35 23.08
N GLU C 205 -21.12 -49.31 22.88
CA GLU C 205 -20.95 -48.04 23.61
C GLU C 205 -21.31 -48.26 25.07
N PHE C 206 -22.42 -48.94 25.36
CA PHE C 206 -22.79 -49.24 26.77
C PHE C 206 -21.78 -50.21 27.40
N ALA C 207 -21.22 -51.17 26.64
CA ALA C 207 -20.25 -52.11 27.22
C ALA C 207 -19.08 -51.31 27.83
N GLY C 208 -18.71 -50.21 27.17
CA GLY C 208 -17.58 -49.35 27.57
C GLY C 208 -17.90 -48.49 28.79
N ILE C 209 -19.09 -47.89 28.79
CA ILE C 209 -19.61 -47.15 29.97
C ILE C 209 -19.62 -48.08 31.20
N PHE C 210 -20.29 -49.23 31.11
CA PHE C 210 -20.44 -50.19 32.22
C PHE C 210 -19.06 -50.63 32.70
N ASN C 211 -18.13 -50.82 31.76
CA ASN C 211 -16.79 -51.35 32.07
C ASN C 211 -16.04 -50.34 32.95
N ALA C 212 -16.29 -49.04 32.77
CA ALA C 212 -15.58 -47.98 33.52
C ALA C 212 -16.18 -47.82 34.91
N TYR C 213 -17.50 -48.01 35.07
CA TYR C 213 -18.19 -47.71 36.36
C TYR C 213 -18.48 -48.98 37.14
N LYS C 214 -18.08 -50.15 36.64
CA LYS C 214 -18.39 -51.44 37.32
C LYS C 214 -17.72 -51.43 38.68
N PRO C 215 -18.39 -51.94 39.74
CA PRO C 215 -17.74 -52.16 41.01
C PRO C 215 -16.55 -53.11 40.90
N PRO C 216 -15.64 -53.03 41.91
CA PRO C 216 -14.35 -53.74 41.94
C PRO C 216 -14.15 -55.07 41.19
N GLY C 217 -14.86 -56.14 41.51
CA GLY C 217 -14.59 -57.43 40.83
C GLY C 217 -15.49 -57.66 39.62
N GLY C 218 -16.10 -56.59 39.10
CA GLY C 218 -17.16 -56.70 38.08
C GLY C 218 -16.63 -57.18 36.75
N LYS C 219 -17.54 -57.54 35.85
CA LYS C 219 -17.24 -58.05 34.50
C LYS C 219 -18.36 -57.63 33.54
N VAL C 220 -17.97 -57.01 32.43
CA VAL C 220 -18.87 -56.72 31.28
C VAL C 220 -18.70 -57.81 30.24
N THR C 221 -19.80 -58.38 29.79
CA THR C 221 -19.86 -59.34 28.66
C THR C 221 -20.75 -58.76 27.58
N LEU C 222 -20.26 -58.79 26.34
CA LEU C 222 -21.05 -58.41 25.16
C LEU C 222 -21.24 -59.68 24.35
N CYS C 223 -22.47 -60.04 24.00
CA CYS C 223 -22.69 -61.17 23.07
C CYS C 223 -23.28 -60.67 21.76
N TYR C 224 -22.94 -61.39 20.69
CA TYR C 224 -23.46 -61.14 19.33
C TYR C 224 -23.61 -62.47 18.59
N ARG C 225 -24.75 -62.63 17.92
CA ARG C 225 -25.15 -63.92 17.29
C ARG C 225 -24.26 -64.19 16.06
N ASN C 226 -23.53 -63.22 15.54
CA ASN C 226 -22.61 -63.44 14.39
C ASN C 226 -21.17 -63.47 14.90
N ASN C 227 -20.18 -63.64 14.02
CA ASN C 227 -18.82 -63.98 14.50
C ASN C 227 -17.99 -62.69 14.62
N LEU C 228 -18.54 -61.54 14.28
CA LEU C 228 -17.83 -60.24 14.40
C LEU C 228 -18.83 -59.10 14.64
N ILE C 229 -18.64 -58.34 15.73
CA ILE C 229 -19.48 -57.17 16.11
C ILE C 229 -19.42 -56.10 15.02
N LEU C 230 -20.39 -55.20 15.01
CA LEU C 230 -20.40 -53.96 14.23
C LEU C 230 -20.46 -54.26 12.72
N ARG C 231 -21.42 -55.11 12.30
CA ARG C 231 -21.67 -55.33 10.84
CA ARG C 231 -21.77 -55.34 10.86
C ARG C 231 -21.98 -53.98 10.21
N GLY C 232 -21.54 -53.79 8.97
CA GLY C 232 -21.74 -52.52 8.24
C GLY C 232 -20.53 -51.63 8.37
N PHE C 233 -19.66 -51.89 9.36
CA PHE C 233 -18.42 -51.11 9.57
C PHE C 233 -17.25 -51.80 8.87
N ASP C 234 -16.17 -51.05 8.64
CA ASP C 234 -14.92 -51.55 8.00
C ASP C 234 -14.41 -52.79 8.75
N GLU C 235 -14.07 -53.85 8.01
CA GLU C 235 -13.77 -55.16 8.64
C GLU C 235 -12.49 -55.06 9.48
N THR C 236 -11.46 -54.34 9.02
CA THR C 236 -10.22 -54.12 9.83
C THR C 236 -10.61 -53.53 11.19
N ILE C 237 -11.45 -52.49 11.19
CA ILE C 237 -11.89 -51.74 12.41
C ILE C 237 -12.75 -52.67 13.30
N ARG C 238 -13.67 -53.43 12.72
CA ARG C 238 -14.48 -54.41 13.50
C ARG C 238 -13.53 -55.31 14.28
N GLU C 239 -12.50 -55.84 13.62
CA GLU C 239 -11.52 -56.78 14.22
C GLU C 239 -10.73 -56.05 15.31
N GLU C 240 -10.28 -54.83 15.04
CA GLU C 240 -9.43 -54.07 15.99
C GLU C 240 -10.24 -53.65 17.20
N VAL C 241 -11.45 -53.12 17.00
CA VAL C 241 -12.25 -52.63 18.16
CA VAL C 241 -12.35 -52.67 18.12
C VAL C 241 -12.53 -53.84 19.08
N THR C 242 -12.76 -55.03 18.54
CA THR C 242 -12.92 -56.31 19.31
C THR C 242 -11.64 -56.55 20.15
N LYS C 243 -10.45 -56.41 19.56
CA LYS C 243 -9.18 -56.58 20.34
C LYS C 243 -9.11 -55.52 21.45
N GLN C 244 -9.53 -54.30 21.16
CA GLN C 244 -9.34 -53.15 22.06
C GLN C 244 -10.37 -53.22 23.20
N LEU C 245 -11.58 -53.77 22.95
CA LEU C 245 -12.57 -54.00 24.03
C LEU C 245 -12.03 -55.11 24.93
N THR C 246 -11.55 -56.21 24.32
CA THR C 246 -10.93 -57.36 25.04
C THR C 246 -9.79 -56.84 25.91
N ALA C 247 -8.92 -55.97 25.40
CA ALA C 247 -7.73 -55.55 26.15
C ALA C 247 -8.13 -54.68 27.36
N ASN C 248 -9.30 -54.05 27.31
CA ASN C 248 -9.77 -53.18 28.42
C ASN C 248 -10.73 -53.96 29.35
N GLY C 249 -10.80 -55.28 29.23
CA GLY C 249 -11.44 -56.16 30.22
C GLY C 249 -12.84 -56.60 29.83
N ILE C 250 -13.34 -56.27 28.65
CA ILE C 250 -14.71 -56.67 28.21
C ILE C 250 -14.64 -58.07 27.57
N GLU C 251 -15.53 -58.97 27.97
CA GLU C 251 -15.64 -60.33 27.40
C GLU C 251 -16.57 -60.28 26.19
N ILE C 252 -16.03 -60.59 25.01
CA ILE C 252 -16.82 -60.63 23.74
CA ILE C 252 -16.81 -60.64 23.74
C ILE C 252 -17.20 -62.10 23.47
N MET C 253 -18.49 -62.40 23.51
CA MET C 253 -19.05 -63.75 23.22
C MET C 253 -19.67 -63.70 21.83
N THR C 254 -18.93 -64.11 20.79
CA THR C 254 -19.45 -64.11 19.40
C THR C 254 -20.13 -65.45 19.12
N ASN C 255 -21.04 -65.45 18.17
CA ASN C 255 -21.83 -66.64 17.74
C ASN C 255 -22.65 -67.16 18.92
N GLU C 256 -23.18 -66.24 19.73
CA GLU C 256 -23.99 -66.58 20.94
C GLU C 256 -25.19 -65.65 21.00
N ASN C 257 -26.35 -66.19 21.31
CA ASN C 257 -27.61 -65.44 21.43
C ASN C 257 -28.43 -66.02 22.57
N PRO C 258 -28.96 -65.18 23.49
CA PRO C 258 -29.85 -65.66 24.55
C PRO C 258 -31.08 -66.39 24.00
N ALA C 259 -31.37 -67.57 24.57
CA ALA C 259 -32.61 -68.32 24.29
C ALA C 259 -33.63 -68.10 25.42
N LYS C 260 -33.17 -67.78 26.64
CA LYS C 260 -34.03 -67.74 27.85
C LYS C 260 -33.34 -66.88 28.92
N VAL C 261 -34.11 -66.14 29.71
CA VAL C 261 -33.57 -65.46 30.92
C VAL C 261 -34.48 -65.82 32.09
N SER C 262 -33.92 -66.38 33.15
CA SER C 262 -34.69 -66.64 34.40
CA SER C 262 -34.66 -66.67 34.40
C SER C 262 -34.20 -65.69 35.50
N LEU C 263 -35.12 -65.29 36.38
CA LEU C 263 -34.86 -64.43 37.57
C LEU C 263 -34.37 -65.36 38.68
N ASN C 264 -33.17 -65.10 39.19
CA ASN C 264 -32.65 -65.81 40.39
C ASN C 264 -33.34 -65.19 41.61
N THR C 265 -33.45 -65.95 42.68
CA THR C 265 -34.04 -65.44 43.96
C THR C 265 -33.33 -64.15 44.37
N ASP C 266 -32.02 -64.08 44.20
CA ASP C 266 -31.21 -62.93 44.70
C ASP C 266 -31.30 -61.72 43.76
N GLY C 267 -32.11 -61.78 42.71
CA GLY C 267 -32.38 -60.65 41.80
C GLY C 267 -31.45 -60.64 40.57
N SER C 268 -30.44 -61.50 40.54
CA SER C 268 -29.58 -61.68 39.35
C SER C 268 -30.35 -62.46 38.27
N LYS C 269 -29.83 -62.48 37.05
CA LYS C 269 -30.46 -63.12 35.88
C LYS C 269 -29.58 -64.30 35.42
N HIS C 270 -30.23 -65.42 35.13
CA HIS C 270 -29.57 -66.64 34.61
C HIS C 270 -29.91 -66.72 33.13
N VAL C 271 -28.94 -66.38 32.29
CA VAL C 271 -29.12 -66.40 30.82
C VAL C 271 -28.75 -67.79 30.30
N THR C 272 -29.64 -68.41 29.54
CA THR C 272 -29.31 -69.61 28.72
C THR C 272 -29.19 -69.15 27.28
N PHE C 273 -28.06 -69.47 26.65
CA PHE C 273 -27.78 -69.16 25.22
C PHE C 273 -28.30 -70.31 24.35
N GLU C 274 -28.40 -70.08 23.04
CA GLU C 274 -28.93 -71.07 22.06
C GLU C 274 -27.98 -72.27 22.04
N SER C 275 -26.69 -72.04 22.30
CA SER C 275 -25.66 -73.10 22.46
C SER C 275 -25.94 -73.96 23.69
N GLY C 276 -26.78 -73.50 24.62
CA GLY C 276 -26.93 -74.12 25.95
C GLY C 276 -25.84 -73.68 26.90
N LYS C 277 -24.98 -72.73 26.51
CA LYS C 277 -24.08 -72.04 27.47
C LYS C 277 -24.95 -71.22 28.44
N THR C 278 -24.51 -71.03 29.68
CA THR C 278 -25.23 -70.20 30.66
C THR C 278 -24.29 -69.15 31.23
N LEU C 279 -24.84 -68.01 31.64
CA LEU C 279 -24.14 -66.90 32.32
C LEU C 279 -25.09 -66.26 33.32
N ASP C 280 -24.62 -66.01 34.56
CA ASP C 280 -25.33 -65.22 35.59
C ASP C 280 -24.83 -63.77 35.55
N VAL C 281 -25.75 -62.81 35.46
CA VAL C 281 -25.43 -61.36 35.48
C VAL C 281 -26.46 -60.63 36.34
N ASP C 282 -26.13 -59.40 36.72
CA ASP C 282 -27.04 -58.48 37.46
C ASP C 282 -28.00 -57.80 36.49
N VAL C 283 -27.57 -57.53 35.25
CA VAL C 283 -28.35 -56.78 34.24
C VAL C 283 -28.12 -57.45 32.89
N VAL C 284 -29.22 -57.72 32.19
CA VAL C 284 -29.18 -58.07 30.75
C VAL C 284 -29.73 -56.87 29.95
N MET C 285 -28.85 -56.18 29.22
CA MET C 285 -29.29 -55.06 28.37
C MET C 285 -29.42 -55.53 26.92
N MET C 286 -30.66 -55.54 26.42
CA MET C 286 -30.99 -55.94 25.05
C MET C 286 -30.75 -54.73 24.17
N ALA C 287 -29.84 -54.83 23.21
CA ALA C 287 -29.56 -53.77 22.23
C ALA C 287 -29.39 -54.41 20.85
N ILE C 288 -30.37 -55.18 20.40
CA ILE C 288 -30.31 -55.98 19.15
C ILE C 288 -30.94 -55.19 18.00
N GLY C 289 -31.62 -54.08 18.27
CA GLY C 289 -32.19 -53.27 17.19
C GLY C 289 -33.20 -52.25 17.71
N ARG C 290 -33.65 -51.38 16.82
CA ARG C 290 -34.68 -50.36 17.08
C ARG C 290 -35.66 -50.45 15.94
N ILE C 291 -36.95 -50.38 16.25
CA ILE C 291 -38.05 -50.59 15.26
C ILE C 291 -38.89 -49.33 15.22
N PRO C 292 -39.44 -48.98 14.05
CA PRO C 292 -40.30 -47.80 13.95
C PRO C 292 -41.44 -47.83 14.98
N ARG C 293 -41.78 -46.65 15.50
CA ARG C 293 -42.85 -46.44 16.49
C ARG C 293 -44.15 -45.96 15.80
N THR C 294 -44.88 -46.90 15.20
CA THR C 294 -46.10 -46.67 14.37
C THR C 294 -47.39 -47.10 15.07
N ASN C 295 -47.31 -47.92 16.13
CA ASN C 295 -48.50 -48.65 16.67
CA ASN C 295 -48.48 -48.65 16.71
C ASN C 295 -49.49 -47.66 17.30
N ASP C 296 -49.02 -46.57 17.88
CA ASP C 296 -49.87 -45.61 18.64
C ASP C 296 -50.50 -44.56 17.72
N LEU C 297 -50.12 -44.52 16.44
CA LEU C 297 -50.52 -43.42 15.51
C LEU C 297 -51.92 -43.67 14.92
N GLN C 298 -52.41 -44.92 14.91
CA GLN C 298 -53.74 -45.27 14.35
C GLN C 298 -53.72 -44.98 12.85
N LEU C 299 -52.63 -45.33 12.18
CA LEU C 299 -52.41 -45.09 10.74
C LEU C 299 -53.58 -45.68 9.94
N GLY C 300 -54.19 -46.76 10.44
CA GLY C 300 -55.32 -47.47 9.82
C GLY C 300 -56.54 -46.58 9.59
N ASN C 301 -56.78 -45.65 10.50
CA ASN C 301 -57.84 -44.61 10.38
C ASN C 301 -57.75 -43.94 9.00
N VAL C 302 -56.56 -43.60 8.51
CA VAL C 302 -56.42 -42.88 7.21
C VAL C 302 -55.69 -43.76 6.19
N GLY C 303 -55.31 -44.99 6.53
CA GLY C 303 -54.65 -45.93 5.60
C GLY C 303 -53.25 -45.52 5.17
N VAL C 304 -52.45 -44.92 6.06
CA VAL C 304 -50.99 -44.69 5.79
C VAL C 304 -50.32 -46.06 5.70
N LYS C 305 -49.69 -46.34 4.57
CA LYS C 305 -49.08 -47.65 4.29
CA LYS C 305 -49.05 -47.64 4.24
C LYS C 305 -47.76 -47.79 5.09
N LEU C 306 -47.44 -49.04 5.45
CA LEU C 306 -46.15 -49.46 6.07
C LEU C 306 -45.48 -50.43 5.12
N THR C 307 -44.15 -50.50 5.15
CA THR C 307 -43.37 -51.50 4.38
C THR C 307 -43.44 -52.84 5.11
N PRO C 308 -43.04 -53.95 4.46
CA PRO C 308 -42.87 -55.24 5.14
C PRO C 308 -42.03 -55.16 6.43
N LYS C 309 -41.09 -54.21 6.50
CA LYS C 309 -40.16 -54.03 7.65
C LYS C 309 -40.81 -53.19 8.77
N GLY C 310 -41.96 -52.56 8.53
CA GLY C 310 -42.72 -51.84 9.57
C GLY C 310 -42.50 -50.33 9.53
N GLY C 311 -41.57 -49.84 8.71
CA GLY C 311 -41.40 -48.41 8.44
C GLY C 311 -42.61 -47.84 7.72
N VAL C 312 -42.92 -46.57 7.96
CA VAL C 312 -43.87 -45.80 7.10
C VAL C 312 -43.24 -45.72 5.70
N GLN C 313 -43.97 -46.17 4.66
CA GLN C 313 -43.55 -46.14 3.23
C GLN C 313 -43.57 -44.68 2.74
N VAL C 314 -42.39 -44.12 2.44
CA VAL C 314 -42.23 -42.78 1.82
C VAL C 314 -41.53 -42.92 0.46
N ASP C 315 -41.62 -41.88 -0.36
CA ASP C 315 -40.75 -41.64 -1.55
C ASP C 315 -39.54 -40.84 -1.06
N GLU C 316 -38.66 -40.41 -1.96
CA GLU C 316 -37.43 -39.65 -1.63
C GLU C 316 -37.75 -38.31 -0.98
N PHE C 317 -38.99 -37.81 -1.10
CA PHE C 317 -39.40 -36.47 -0.62
C PHE C 317 -40.17 -36.59 0.72
N SER C 318 -40.19 -37.79 1.30
CA SER C 318 -40.80 -38.11 2.62
C SER C 318 -42.34 -38.13 2.54
N ARG C 319 -42.92 -38.36 1.35
CA ARG C 319 -44.39 -38.35 1.16
C ARG C 319 -44.92 -39.78 1.30
N THR C 320 -45.97 -39.94 2.09
CA THR C 320 -46.71 -41.22 2.26
C THR C 320 -47.63 -41.42 1.05
N ASN C 321 -48.37 -42.53 1.01
CA ASN C 321 -49.38 -42.84 -0.03
C ASN C 321 -50.55 -41.85 0.06
N VAL C 322 -50.68 -41.19 1.22
CA VAL C 322 -51.76 -40.21 1.56
C VAL C 322 -51.23 -38.81 1.25
N PRO C 323 -51.71 -38.17 0.17
CA PRO C 323 -51.12 -36.93 -0.37
C PRO C 323 -50.46 -35.95 0.62
N ASN C 324 -51.14 -35.64 1.73
CA ASN C 324 -50.76 -34.52 2.66
C ASN C 324 -50.15 -35.04 3.98
N ILE C 325 -49.77 -36.32 4.08
CA ILE C 325 -49.10 -36.85 5.31
C ILE C 325 -47.67 -37.28 4.96
N TYR C 326 -46.73 -36.87 5.81
CA TYR C 326 -45.27 -37.06 5.64
C TYR C 326 -44.71 -37.80 6.84
N ALA C 327 -43.56 -38.44 6.63
CA ALA C 327 -42.81 -39.23 7.63
C ALA C 327 -41.32 -39.03 7.39
N ILE C 328 -40.62 -38.66 8.47
CA ILE C 328 -39.15 -38.48 8.53
C ILE C 328 -38.64 -39.21 9.77
N GLY C 329 -37.33 -39.42 9.82
CA GLY C 329 -36.65 -39.89 11.03
C GLY C 329 -36.72 -41.39 11.11
N ASP C 330 -36.61 -41.92 12.31
CA ASP C 330 -36.44 -43.39 12.50
C ASP C 330 -37.72 -44.10 12.05
N ILE C 331 -38.86 -43.40 12.10
CA ILE C 331 -40.18 -43.98 11.70
C ILE C 331 -40.07 -44.50 10.25
N THR C 332 -39.18 -43.94 9.44
CA THR C 332 -39.00 -44.38 8.02
C THR C 332 -38.05 -45.58 7.93
N ASP C 333 -37.29 -45.89 8.98
CA ASP C 333 -36.41 -47.10 9.03
C ASP C 333 -35.38 -47.07 7.88
N ARG C 334 -34.94 -45.88 7.43
CA ARG C 334 -33.76 -45.70 6.53
C ARG C 334 -32.50 -45.65 7.41
N LEU C 335 -31.87 -44.48 7.56
CA LEU C 335 -30.66 -44.34 8.40
C LEU C 335 -31.09 -43.78 9.75
N MET C 336 -30.93 -44.56 10.82
CA MET C 336 -31.40 -44.16 12.16
C MET C 336 -30.34 -43.28 12.84
N LEU C 337 -30.25 -42.03 12.41
CA LEU C 337 -29.25 -41.04 12.91
C LEU C 337 -29.96 -39.69 13.09
N THR C 338 -29.65 -38.96 14.15
CA THR C 338 -30.23 -37.64 14.48
C THR C 338 -30.07 -36.67 13.31
N PRO C 339 -28.84 -36.46 12.78
CA PRO C 339 -28.63 -35.48 11.71
C PRO C 339 -29.35 -35.83 10.38
N VAL C 340 -29.59 -37.10 10.11
CA VAL C 340 -30.38 -37.54 8.92
C VAL C 340 -31.86 -37.17 9.13
N ALA C 341 -32.38 -37.35 10.35
CA ALA C 341 -33.77 -36.94 10.70
C ALA C 341 -33.89 -35.42 10.48
N ILE C 342 -32.91 -34.67 10.99
CA ILE C 342 -32.86 -33.19 10.91
C ILE C 342 -32.88 -32.79 9.43
N ASN C 343 -31.98 -33.37 8.64
CA ASN C 343 -31.88 -33.09 7.18
C ASN C 343 -33.19 -33.43 6.48
N GLU C 344 -33.82 -34.58 6.78
CA GLU C 344 -35.12 -34.99 6.19
C GLU C 344 -36.19 -33.97 6.58
N GLY C 345 -36.20 -33.54 7.85
CA GLY C 345 -37.12 -32.53 8.39
C GLY C 345 -37.09 -31.25 7.58
N ALA C 346 -35.89 -30.66 7.44
CA ALA C 346 -35.63 -29.42 6.67
C ALA C 346 -36.09 -29.60 5.22
N ALA C 347 -35.62 -30.65 4.56
CA ALA C 347 -35.87 -30.92 3.12
C ALA C 347 -37.38 -31.04 2.85
N LEU C 348 -38.15 -31.68 3.75
CA LEU C 348 -39.61 -31.89 3.56
C LEU C 348 -40.31 -30.53 3.52
N VAL C 349 -39.95 -29.65 4.45
CA VAL C 349 -40.59 -28.33 4.70
C VAL C 349 -40.35 -27.42 3.49
N ASP C 350 -39.15 -27.47 2.87
CA ASP C 350 -38.85 -26.77 1.59
C ASP C 350 -39.73 -27.31 0.45
N THR C 351 -39.82 -28.62 0.31
CA THR C 351 -40.71 -29.28 -0.70
C THR C 351 -42.16 -28.83 -0.47
N VAL C 352 -42.59 -28.73 0.80
CA VAL C 352 -44.01 -28.50 1.20
C VAL C 352 -44.32 -27.00 1.08
N PHE C 353 -43.54 -26.15 1.75
CA PHE C 353 -43.80 -24.70 2.00
C PHE C 353 -42.71 -23.79 1.41
N GLY C 354 -41.88 -24.27 0.50
CA GLY C 354 -40.85 -23.46 -0.18
C GLY C 354 -40.89 -23.61 -1.69
N ASN C 355 -41.89 -24.36 -2.19
CA ASN C 355 -41.89 -25.08 -3.49
C ASN C 355 -40.52 -24.90 -4.18
N LYS C 356 -39.47 -25.39 -3.51
CA LYS C 356 -38.16 -25.78 -4.08
C LYS C 356 -37.90 -27.21 -3.63
N PRO C 357 -38.47 -28.23 -4.29
CA PRO C 357 -38.37 -29.61 -3.82
C PRO C 357 -36.89 -29.93 -3.51
N ARG C 358 -36.62 -30.48 -2.33
CA ARG C 358 -35.29 -31.04 -1.98
C ARG C 358 -35.49 -32.40 -1.28
N LYS C 359 -34.72 -33.40 -1.71
CA LYS C 359 -34.69 -34.75 -1.10
C LYS C 359 -33.34 -34.90 -0.38
N THR C 360 -33.34 -35.58 0.76
CA THR C 360 -32.14 -35.93 1.55
C THR C 360 -31.27 -36.92 0.74
N ASP C 361 -29.95 -36.73 0.79
CA ASP C 361 -28.94 -37.70 0.29
C ASP C 361 -28.57 -38.63 1.46
N HIS C 362 -28.89 -39.93 1.30
CA HIS C 362 -28.61 -41.04 2.27
C HIS C 362 -27.26 -41.70 1.99
N THR C 363 -26.56 -41.31 0.93
CA THR C 363 -25.19 -41.79 0.63
C THR C 363 -24.18 -40.89 1.36
N ARG C 364 -23.00 -41.43 1.62
CA ARG C 364 -21.82 -40.67 2.10
C ARG C 364 -22.18 -39.93 3.40
N VAL C 365 -23.03 -40.54 4.23
CA VAL C 365 -23.36 -39.93 5.55
C VAL C 365 -22.28 -40.34 6.54
N ALA C 366 -21.57 -39.34 7.06
CA ALA C 366 -20.57 -39.48 8.14
C ALA C 366 -21.27 -39.96 9.42
N SER C 367 -20.69 -40.92 10.11
CA SER C 367 -21.20 -41.38 11.43
C SER C 367 -20.04 -41.81 12.33
N ALA C 368 -20.36 -42.13 13.58
CA ALA C 368 -19.38 -42.41 14.65
C ALA C 368 -19.87 -43.55 15.55
N VAL C 369 -18.93 -44.24 16.18
CA VAL C 369 -19.22 -45.12 17.34
C VAL C 369 -18.34 -44.61 18.47
N PHE C 370 -18.93 -44.28 19.63
CA PHE C 370 -18.19 -43.75 20.81
C PHE C 370 -17.81 -44.92 21.70
N SER C 371 -17.25 -45.94 21.05
CA SER C 371 -16.32 -46.93 21.62
C SER C 371 -15.11 -46.17 22.19
N ILE C 372 -14.34 -46.84 23.00
CA ILE C 372 -13.06 -46.33 23.55
C ILE C 372 -11.97 -47.26 23.03
N PRO C 373 -11.10 -46.81 22.09
CA PRO C 373 -11.28 -45.56 21.34
C PRO C 373 -12.38 -45.60 20.29
N PRO C 374 -12.83 -44.43 19.78
CA PRO C 374 -14.01 -44.35 18.93
C PRO C 374 -13.78 -44.62 17.44
N ILE C 375 -14.87 -44.84 16.72
CA ILE C 375 -14.92 -45.03 15.24
C ILE C 375 -15.47 -43.78 14.60
N GLY C 376 -14.89 -43.40 13.46
CA GLY C 376 -15.36 -42.38 12.52
C GLY C 376 -15.32 -42.95 11.11
N THR C 377 -16.42 -42.82 10.36
CA THR C 377 -16.58 -43.45 9.04
C THR C 377 -17.50 -42.60 8.16
N CYS C 378 -17.26 -42.58 6.86
CA CYS C 378 -18.11 -41.95 5.83
C CYS C 378 -17.96 -42.69 4.51
N GLY C 379 -19.09 -43.05 3.89
CA GLY C 379 -19.13 -43.77 2.60
C GLY C 379 -18.92 -45.27 2.76
N LEU C 380 -18.45 -45.91 1.68
CA LEU C 380 -18.57 -47.37 1.46
C LEU C 380 -17.42 -48.11 2.10
N ILE C 381 -17.67 -49.26 2.70
CA ILE C 381 -16.60 -50.22 3.07
C ILE C 381 -16.18 -50.94 1.79
N GLU C 382 -14.97 -51.51 1.79
CA GLU C 382 -14.32 -52.01 0.56
C GLU C 382 -15.16 -53.14 -0.06
N GLU C 383 -15.79 -54.02 0.74
CA GLU C 383 -16.56 -55.17 0.19
CA GLU C 383 -16.58 -55.16 0.21
C GLU C 383 -17.80 -54.63 -0.55
N VAL C 384 -18.39 -53.51 -0.13
CA VAL C 384 -19.55 -52.94 -0.87
C VAL C 384 -19.03 -52.25 -2.13
N ALA C 385 -17.98 -51.46 -2.03
CA ALA C 385 -17.35 -50.79 -3.18
C ALA C 385 -16.99 -51.83 -4.26
N ALA C 386 -16.35 -52.94 -3.88
CA ALA C 386 -15.81 -54.02 -4.74
C ALA C 386 -16.90 -54.66 -5.62
N LYS C 387 -18.16 -54.53 -5.21
CA LYS C 387 -19.35 -55.12 -5.87
C LYS C 387 -20.00 -54.06 -6.78
N GLU C 388 -19.65 -52.78 -6.64
CA GLU C 388 -20.14 -51.65 -7.49
C GLU C 388 -19.08 -51.20 -8.50
N PHE C 389 -17.80 -51.47 -8.25
CA PHE C 389 -16.68 -50.88 -9.05
C PHE C 389 -15.71 -51.99 -9.45
N GLU C 390 -15.33 -52.02 -10.73
CA GLU C 390 -14.37 -53.02 -11.31
CA GLU C 390 -14.38 -53.04 -11.28
C GLU C 390 -13.06 -52.99 -10.52
N LYS C 391 -12.52 -51.80 -10.31
CA LYS C 391 -11.21 -51.60 -9.67
C LYS C 391 -11.38 -50.73 -8.42
N VAL C 392 -11.16 -51.33 -7.26
CA VAL C 392 -11.17 -50.60 -5.96
C VAL C 392 -9.77 -50.67 -5.36
N ALA C 393 -9.22 -49.53 -4.95
CA ALA C 393 -7.97 -49.46 -4.18
C ALA C 393 -8.31 -49.23 -2.70
N VAL C 394 -7.56 -49.89 -1.82
CA VAL C 394 -7.61 -49.72 -0.35
C VAL C 394 -6.27 -49.18 0.13
N TYR C 395 -6.29 -47.98 0.72
CA TYR C 395 -5.13 -47.33 1.38
C TYR C 395 -5.30 -47.51 2.89
N MET C 396 -4.26 -47.97 3.56
CA MET C 396 -4.37 -48.35 4.98
CA MET C 396 -4.29 -48.49 4.95
C MET C 396 -3.10 -47.91 5.71
N SER C 397 -3.32 -47.30 6.87
CA SER C 397 -2.28 -46.88 7.82
C SER C 397 -2.73 -47.31 9.21
N SER C 398 -1.80 -47.90 9.96
CA SER C 398 -2.07 -48.48 11.30
C SER C 398 -0.81 -48.36 12.16
N PHE C 399 -0.95 -47.90 13.40
CA PHE C 399 0.21 -47.71 14.30
C PHE C 399 -0.32 -47.53 15.73
N THR C 400 0.54 -47.81 16.70
CA THR C 400 0.38 -47.40 18.10
C THR C 400 0.79 -45.95 18.20
N PRO C 401 -0.15 -45.03 18.55
CA PRO C 401 0.21 -43.64 18.81
C PRO C 401 1.38 -43.61 19.80
N LEU C 402 2.36 -42.73 19.57
CA LEU C 402 3.54 -42.52 20.46
C LEU C 402 3.07 -42.29 21.89
N MET C 403 2.02 -41.52 22.10
CA MET C 403 1.58 -41.18 23.48
C MET C 403 1.20 -42.47 24.22
N HIS C 404 0.80 -43.54 23.52
CA HIS C 404 0.34 -44.80 24.14
C HIS C 404 1.52 -45.74 24.41
N ASN C 405 2.68 -45.51 23.78
CA ASN C 405 3.93 -46.18 24.22
C ASN C 405 4.29 -45.69 25.61
N ILE C 406 4.04 -44.43 25.90
CA ILE C 406 4.34 -43.83 27.23
C ILE C 406 3.20 -44.18 28.20
N SER C 407 1.96 -44.17 27.73
CA SER C 407 0.76 -44.41 28.58
C SER C 407 0.75 -45.86 29.06
N GLY C 408 1.28 -46.78 28.25
CA GLY C 408 1.21 -48.23 28.48
C GLY C 408 -0.02 -48.87 27.82
N SER C 409 -0.90 -48.08 27.17
CA SER C 409 -2.04 -48.61 26.40
C SER C 409 -1.58 -48.99 24.98
N LYS C 410 -0.67 -49.97 24.85
CA LYS C 410 -0.02 -50.26 23.54
C LYS C 410 -1.01 -50.94 22.60
N TYR C 411 -2.14 -51.42 23.14
CA TYR C 411 -3.21 -52.11 22.39
C TYR C 411 -4.00 -51.10 21.56
N LYS C 412 -3.88 -49.80 21.83
CA LYS C 412 -4.71 -48.75 21.17
C LYS C 412 -4.13 -48.40 19.79
N LYS C 413 -4.26 -49.29 18.83
CA LYS C 413 -3.82 -49.04 17.43
C LYS C 413 -4.78 -48.06 16.76
N PHE C 414 -4.28 -46.96 16.23
CA PHE C 414 -5.00 -46.08 15.29
C PHE C 414 -5.10 -46.75 13.91
N VAL C 415 -6.28 -46.78 13.32
CA VAL C 415 -6.45 -47.30 11.94
C VAL C 415 -7.10 -46.21 11.07
N ALA C 416 -6.52 -45.95 9.91
CA ALA C 416 -7.04 -45.03 8.88
C ALA C 416 -7.11 -45.78 7.55
N LYS C 417 -8.29 -45.90 6.96
CA LYS C 417 -8.44 -46.57 5.65
C LYS C 417 -9.19 -45.65 4.67
N ILE C 418 -8.65 -45.54 3.47
CA ILE C 418 -9.31 -44.85 2.32
C ILE C 418 -9.60 -45.91 1.25
N VAL C 419 -10.86 -45.97 0.81
CA VAL C 419 -11.32 -46.84 -0.30
C VAL C 419 -11.60 -45.96 -1.52
N THR C 420 -10.97 -46.28 -2.66
CA THR C 420 -11.15 -45.50 -3.91
C THR C 420 -11.64 -46.39 -5.03
N ASN C 421 -12.35 -45.77 -5.95
CA ASN C 421 -12.46 -46.23 -7.36
C ASN C 421 -11.09 -45.99 -8.00
N HIS C 422 -10.28 -47.02 -8.15
CA HIS C 422 -8.87 -46.91 -8.61
C HIS C 422 -8.81 -46.39 -10.05
N SER C 423 -9.91 -46.52 -10.80
CA SER C 423 -10.02 -46.10 -12.23
C SER C 423 -9.93 -44.57 -12.37
N ASP C 424 -10.52 -43.80 -11.46
CA ASP C 424 -10.44 -42.31 -11.51
C ASP C 424 -9.95 -41.70 -10.16
N GLY C 425 -9.70 -42.50 -9.11
CA GLY C 425 -9.16 -41.99 -7.84
C GLY C 425 -10.21 -41.47 -6.86
N THR C 426 -11.50 -41.43 -7.25
CA THR C 426 -12.62 -40.95 -6.40
C THR C 426 -12.59 -41.70 -5.06
N VAL C 427 -12.59 -40.96 -3.95
CA VAL C 427 -12.72 -41.53 -2.59
C VAL C 427 -14.17 -41.97 -2.40
N LEU C 428 -14.34 -43.27 -2.16
CA LEU C 428 -15.66 -43.91 -1.96
CA LEU C 428 -15.66 -43.93 -1.96
C LEU C 428 -15.97 -44.03 -0.47
N GLY C 429 -14.92 -44.15 0.36
CA GLY C 429 -15.05 -44.44 1.80
C GLY C 429 -13.81 -44.05 2.56
N VAL C 430 -13.99 -43.53 3.77
CA VAL C 430 -12.94 -43.23 4.77
C VAL C 430 -13.38 -43.85 6.09
N HIS C 431 -12.54 -44.67 6.69
CA HIS C 431 -12.83 -45.39 7.95
C HIS C 431 -11.69 -45.18 8.94
N LEU C 432 -12.02 -44.74 10.16
CA LEU C 432 -11.02 -44.33 11.18
C LEU C 432 -11.34 -45.00 12.51
N LEU C 433 -10.32 -45.49 13.21
CA LEU C 433 -10.46 -45.94 14.60
C LEU C 433 -9.33 -45.29 15.39
N GLY C 434 -9.70 -44.56 16.43
CA GLY C 434 -8.74 -43.94 17.36
C GLY C 434 -9.28 -42.61 17.83
N ASP C 435 -8.60 -42.00 18.81
CA ASP C 435 -9.07 -40.75 19.47
C ASP C 435 -9.21 -39.69 18.40
N GLY C 436 -10.29 -38.94 18.46
CA GLY C 436 -10.60 -37.86 17.52
C GLY C 436 -11.26 -38.35 16.25
N ALA C 437 -11.39 -39.66 16.04
CA ALA C 437 -11.93 -40.21 14.76
C ALA C 437 -13.28 -39.59 14.43
N PRO C 438 -14.24 -39.45 15.38
CA PRO C 438 -15.52 -38.80 15.09
C PRO C 438 -15.34 -37.33 14.66
N GLU C 439 -14.40 -36.60 15.24
CA GLU C 439 -14.11 -35.19 14.88
C GLU C 439 -13.45 -35.11 13.49
N ILE C 440 -12.55 -36.03 13.17
CA ILE C 440 -11.75 -36.04 11.90
C ILE C 440 -12.72 -36.25 10.74
N ILE C 441 -13.72 -37.13 10.90
CA ILE C 441 -14.53 -37.62 9.76
C ILE C 441 -15.49 -36.53 9.27
N GLN C 442 -15.86 -35.55 10.10
CA GLN C 442 -16.94 -34.60 9.72
C GLN C 442 -16.60 -33.93 8.39
N ALA C 443 -15.40 -33.37 8.28
CA ALA C 443 -14.97 -32.55 7.12
C ALA C 443 -14.71 -33.49 5.95
N VAL C 444 -14.38 -34.75 6.22
CA VAL C 444 -14.27 -35.80 5.17
C VAL C 444 -15.62 -35.93 4.49
N GLY C 445 -16.72 -35.89 5.26
CA GLY C 445 -18.07 -35.92 4.69
C GLY C 445 -18.24 -34.84 3.62
N VAL C 446 -17.72 -33.65 3.89
CA VAL C 446 -17.75 -32.49 2.94
C VAL C 446 -16.92 -32.88 1.72
N CYS C 447 -15.72 -33.44 1.93
CA CYS C 447 -14.80 -33.87 0.84
C CYS C 447 -15.54 -34.84 -0.08
N LEU C 448 -16.26 -35.81 0.46
CA LEU C 448 -16.94 -36.83 -0.38
C LEU C 448 -18.07 -36.14 -1.16
N ARG C 449 -18.68 -35.06 -0.66
CA ARG C 449 -19.75 -34.35 -1.44
CA ARG C 449 -19.74 -34.32 -1.41
C ARG C 449 -19.10 -33.55 -2.57
N LEU C 450 -17.80 -33.26 -2.47
CA LEU C 450 -17.02 -32.51 -3.50
C LEU C 450 -16.30 -33.48 -4.44
N ASN C 451 -16.58 -34.79 -4.31
CA ASN C 451 -16.01 -35.86 -5.17
C ASN C 451 -14.49 -35.81 -5.13
N ALA C 452 -13.95 -35.59 -3.92
CA ALA C 452 -12.52 -35.64 -3.61
C ALA C 452 -11.92 -36.95 -4.15
N LYS C 453 -10.69 -36.85 -4.65
CA LYS C 453 -9.88 -37.99 -5.13
C LYS C 453 -8.79 -38.25 -4.09
N ILE C 454 -8.19 -39.44 -4.10
CA ILE C 454 -7.04 -39.73 -3.21
C ILE C 454 -6.00 -38.62 -3.38
N SER C 455 -5.77 -38.13 -4.60
CA SER C 455 -4.73 -37.10 -4.87
C SER C 455 -5.11 -35.78 -4.18
N ASP C 456 -6.39 -35.48 -3.99
CA ASP C 456 -6.81 -34.26 -3.26
C ASP C 456 -6.39 -34.36 -1.78
N PHE C 457 -6.46 -35.56 -1.20
CA PHE C 457 -5.93 -35.85 0.16
C PHE C 457 -4.41 -35.75 0.20
N TYR C 458 -3.68 -36.47 -0.65
CA TYR C 458 -2.21 -36.56 -0.48
C TYR C 458 -1.56 -35.26 -0.99
N ASN C 459 -2.26 -34.41 -1.74
CA ASN C 459 -1.70 -33.09 -2.14
C ASN C 459 -2.04 -32.00 -1.11
N THR C 460 -2.86 -32.27 -0.11
CA THR C 460 -3.13 -31.31 1.00
C THR C 460 -1.98 -31.39 1.99
N ILE C 461 -1.51 -30.25 2.47
CA ILE C 461 -0.42 -30.20 3.46
C ILE C 461 -0.98 -30.59 4.84
N GLY C 462 -0.26 -31.47 5.55
CA GLY C 462 -0.68 -31.98 6.85
C GLY C 462 -0.60 -30.91 7.91
N VAL C 463 -1.39 -31.10 8.97
CA VAL C 463 -1.26 -30.48 10.30
C VAL C 463 -0.55 -31.50 11.18
N HIS C 464 0.55 -31.12 11.78
CA HIS C 464 1.44 -32.03 12.55
C HIS C 464 1.64 -31.47 13.95
N PRO C 465 1.68 -32.31 15.01
CA PRO C 465 1.37 -33.73 14.94
C PRO C 465 -0.11 -34.02 15.27
N THR C 466 -0.76 -34.73 14.36
CA THR C 466 -2.17 -35.19 14.49
C THR C 466 -2.30 -36.61 13.97
N SER C 467 -3.39 -37.28 14.32
CA SER C 467 -3.82 -38.56 13.73
C SER C 467 -4.34 -38.27 12.32
N ALA C 468 -5.12 -37.20 12.18
CA ALA C 468 -5.81 -36.81 10.94
C ALA C 468 -4.83 -36.73 9.75
N GLU C 469 -3.62 -36.20 9.97
CA GLU C 469 -2.62 -35.99 8.89
C GLU C 469 -2.33 -37.32 8.19
N GLU C 470 -2.56 -38.44 8.86
CA GLU C 470 -2.37 -39.78 8.24
C GLU C 470 -3.18 -39.92 6.93
N LEU C 471 -4.36 -39.30 6.85
CA LEU C 471 -5.24 -39.28 5.64
C LEU C 471 -4.57 -38.56 4.45
N CYS C 472 -3.55 -37.75 4.69
CA CYS C 472 -2.90 -36.91 3.67
C CYS C 472 -1.52 -37.47 3.33
N SER C 473 -1.18 -38.65 3.83
CA SER C 473 0.15 -39.29 3.71
C SER C 473 0.07 -40.63 2.98
N MET C 474 -1.06 -40.99 2.39
CA MET C 474 -1.29 -42.33 1.79
C MET C 474 -1.36 -42.20 0.26
N ARG C 475 -0.30 -42.62 -0.45
CA ARG C 475 -0.13 -42.44 -1.93
C ARG C 475 -0.24 -43.77 -2.68
N THR C 476 0.13 -44.89 -2.05
CA THR C 476 0.23 -46.22 -2.68
C THR C 476 -0.79 -47.14 -2.05
N PRO C 477 -1.72 -47.74 -2.83
CA PRO C 477 -2.69 -48.66 -2.26
C PRO C 477 -1.94 -49.79 -1.53
N SER C 478 -2.52 -50.27 -0.42
CA SER C 478 -2.08 -51.48 0.31
C SER C 478 -2.51 -52.71 -0.48
N TYR C 479 -3.67 -52.62 -1.13
CA TYR C 479 -4.26 -53.73 -1.91
C TYR C 479 -5.47 -53.23 -2.69
N TYR C 480 -5.99 -54.12 -3.51
CA TYR C 480 -7.01 -53.80 -4.52
C TYR C 480 -8.09 -54.88 -4.47
N TYR C 481 -9.26 -54.53 -5.00
CA TYR C 481 -10.32 -55.47 -5.44
C TYR C 481 -10.46 -55.26 -6.93
N VAL C 482 -10.23 -56.31 -7.72
CA VAL C 482 -10.45 -56.34 -9.19
C VAL C 482 -11.56 -57.35 -9.47
N LYS C 483 -12.68 -56.89 -10.03
CA LYS C 483 -13.91 -57.69 -10.27
C LYS C 483 -14.28 -58.42 -8.97
N GLY C 484 -14.07 -57.79 -7.81
CA GLY C 484 -14.47 -58.35 -6.50
C GLY C 484 -13.41 -59.26 -5.89
N GLU C 485 -12.37 -59.62 -6.65
CA GLU C 485 -11.25 -60.45 -6.13
C GLU C 485 -10.29 -59.53 -5.37
N LYS C 486 -10.26 -59.66 -4.04
CA LYS C 486 -9.22 -59.04 -3.18
C LYS C 486 -7.86 -59.52 -3.68
N MET C 487 -6.93 -58.61 -3.99
CA MET C 487 -5.54 -58.99 -4.33
CA MET C 487 -5.56 -58.95 -4.46
C MET C 487 -4.59 -57.83 -4.05
N GLU C 488 -3.34 -58.19 -3.75
CA GLU C 488 -2.29 -57.27 -3.25
C GLU C 488 -1.84 -56.31 -4.36
N LYS C 489 -1.75 -56.82 -5.59
CA LYS C 489 -1.21 -56.12 -6.79
C LYS C 489 -2.28 -56.14 -7.90
N LEU C 490 -2.24 -55.15 -8.81
CA LEU C 490 -3.06 -55.17 -10.05
C LEU C 490 -2.53 -56.26 -10.98
N PRO C 491 -3.41 -56.97 -11.73
CA PRO C 491 -2.99 -58.11 -12.55
C PRO C 491 -2.19 -57.72 -13.80
N GLY D 1 49.67 -39.99 -3.42
CA GLY D 1 48.96 -39.10 -4.37
C GLY D 1 47.52 -38.86 -3.94
N SER D 2 46.74 -38.26 -4.82
CA SER D 2 45.34 -37.84 -4.58
C SER D 2 44.41 -39.05 -4.76
N HIS D 3 43.20 -38.98 -4.20
CA HIS D 3 42.14 -40.02 -4.37
C HIS D 3 40.76 -39.35 -4.29
N MET D 4 39.78 -39.97 -4.91
CA MET D 4 38.51 -39.32 -5.30
C MET D 4 37.60 -39.16 -4.08
N SER D 5 36.94 -38.01 -3.98
CA SER D 5 35.90 -37.77 -2.95
CA SER D 5 35.88 -37.75 -2.96
C SER D 5 34.68 -38.63 -3.28
N LYS D 6 33.92 -39.00 -2.26
CA LYS D 6 32.55 -39.55 -2.44
C LYS D 6 31.75 -38.53 -3.25
N ALA D 7 31.04 -39.00 -4.28
CA ALA D 7 30.25 -38.20 -5.26
C ALA D 7 28.76 -38.55 -5.15
N PHE D 8 27.89 -37.54 -5.28
CA PHE D 8 26.44 -37.62 -5.04
C PHE D 8 25.71 -36.81 -6.09
N ASP D 9 24.55 -37.31 -6.52
CA ASP D 9 23.54 -36.51 -7.27
C ASP D 9 23.10 -35.35 -6.40
N LEU D 10 22.89 -35.61 -5.09
CA LEU D 10 22.25 -34.63 -4.21
C LEU D 10 22.98 -34.69 -2.88
N VAL D 11 23.45 -33.56 -2.41
CA VAL D 11 23.91 -33.41 -1.00
C VAL D 11 22.94 -32.50 -0.32
N VAL D 12 22.33 -33.02 0.74
CA VAL D 12 21.38 -32.29 1.60
C VAL D 12 22.12 -31.90 2.86
N ILE D 13 22.14 -30.61 3.16
CA ILE D 13 22.66 -30.12 4.47
C ILE D 13 21.45 -29.89 5.37
N GLY D 14 21.31 -30.77 6.36
CA GLY D 14 20.26 -30.75 7.40
C GLY D 14 19.35 -31.93 7.25
N ALA D 15 19.42 -32.88 8.18
CA ALA D 15 18.66 -34.14 8.17
C ALA D 15 17.35 -33.92 8.94
N GLY D 16 16.61 -32.89 8.51
CA GLY D 16 15.36 -32.42 9.14
C GLY D 16 14.14 -32.77 8.32
N SER D 17 13.02 -32.12 8.65
CA SER D 17 11.69 -32.42 8.05
C SER D 17 11.78 -32.34 6.52
N GLY D 18 12.32 -31.23 6.01
CA GLY D 18 12.45 -31.04 4.56
C GLY D 18 13.56 -31.89 3.98
N GLY D 19 14.72 -31.90 4.64
CA GLY D 19 15.93 -32.56 4.11
C GLY D 19 15.77 -34.07 4.01
N LEU D 20 15.15 -34.70 5.00
CA LEU D 20 14.95 -36.17 5.00
C LEU D 20 13.91 -36.54 3.94
N GLU D 21 12.83 -35.76 3.77
CA GLU D 21 11.80 -36.02 2.73
C GLU D 21 12.51 -35.98 1.36
N ALA D 22 13.26 -34.91 1.13
CA ALA D 22 13.97 -34.70 -0.14
C ALA D 22 14.92 -35.87 -0.36
N GLY D 23 15.74 -36.18 0.65
CA GLY D 23 16.76 -37.23 0.59
C GLY D 23 16.14 -38.58 0.28
N TRP D 24 15.12 -38.94 1.07
CA TRP D 24 14.45 -40.25 0.97
C TRP D 24 13.87 -40.42 -0.45
N ASN D 25 13.14 -39.42 -0.92
CA ASN D 25 12.41 -39.49 -2.22
C ASN D 25 13.42 -39.55 -3.35
N ALA D 26 14.49 -38.77 -3.26
CA ALA D 26 15.52 -38.73 -4.32
C ALA D 26 16.13 -40.12 -4.46
N ALA D 27 16.43 -40.77 -3.35
CA ALA D 27 17.12 -42.08 -3.32
C ALA D 27 16.15 -43.19 -3.72
N THR D 28 14.91 -43.18 -3.18
CA THR D 28 14.00 -44.35 -3.24
C THR D 28 13.06 -44.28 -4.46
N LEU D 29 12.64 -43.09 -4.86
CA LEU D 29 11.68 -42.89 -5.97
C LEU D 29 12.42 -42.73 -7.28
N TYR D 30 13.61 -42.10 -7.25
CA TYR D 30 14.32 -41.66 -8.47
C TYR D 30 15.74 -42.23 -8.54
N GLY D 31 16.13 -43.14 -7.65
CA GLY D 31 17.35 -43.95 -7.82
C GLY D 31 18.62 -43.09 -7.77
N LYS D 32 18.58 -41.95 -7.09
CA LYS D 32 19.72 -41.01 -7.00
C LYS D 32 20.62 -41.40 -5.83
N ARG D 33 21.91 -41.12 -5.96
CA ARG D 33 22.87 -41.28 -4.84
CA ARG D 33 22.93 -41.24 -4.88
C ARG D 33 22.82 -39.98 -4.00
N VAL D 34 22.50 -40.12 -2.72
CA VAL D 34 22.18 -38.98 -1.83
C VAL D 34 23.02 -39.01 -0.58
N ALA D 35 23.56 -37.86 -0.20
CA ALA D 35 24.22 -37.63 1.09
C ALA D 35 23.35 -36.66 1.87
N VAL D 36 23.15 -36.95 3.15
CA VAL D 36 22.47 -36.05 4.11
C VAL D 36 23.40 -35.79 5.29
N VAL D 37 23.58 -34.52 5.64
CA VAL D 37 24.51 -34.08 6.72
C VAL D 37 23.69 -33.58 7.91
N ASP D 38 24.07 -33.99 9.11
CA ASP D 38 23.55 -33.32 10.34
C ASP D 38 24.65 -33.34 11.40
N VAL D 39 24.50 -32.50 12.43
CA VAL D 39 25.53 -32.20 13.46
C VAL D 39 25.46 -33.23 14.62
N GLN D 40 24.39 -34.02 14.66
CA GLN D 40 24.18 -35.01 15.76
C GLN D 40 23.35 -36.17 15.24
N THR D 41 23.59 -37.37 15.74
CA THR D 41 22.83 -38.59 15.38
C THR D 41 21.63 -38.80 16.32
N SER D 42 21.56 -38.11 17.46
CA SER D 42 20.44 -38.21 18.43
C SER D 42 20.27 -36.88 19.19
N HIS D 43 19.09 -36.68 19.79
CA HIS D 43 18.61 -35.40 20.36
C HIS D 43 19.51 -34.88 21.49
N GLY D 44 19.50 -33.57 21.68
CA GLY D 44 19.84 -32.97 22.98
C GLY D 44 21.14 -32.18 22.94
N PRO D 45 21.57 -31.67 24.11
CA PRO D 45 22.80 -30.87 24.19
C PRO D 45 23.92 -31.70 23.58
N PRO D 46 24.92 -31.08 22.92
CA PRO D 46 24.99 -29.62 22.82
C PRO D 46 24.24 -28.89 21.68
N PHE D 47 23.82 -29.55 20.61
CA PHE D 47 23.31 -28.87 19.39
C PHE D 47 21.79 -29.03 19.29
N TYR D 48 21.19 -29.83 20.18
CA TYR D 48 19.72 -29.93 20.38
C TYR D 48 19.05 -30.65 19.21
N ALA D 49 18.92 -29.98 18.08
CA ALA D 49 18.47 -30.61 16.82
C ALA D 49 19.53 -31.62 16.39
N ALA D 50 19.14 -32.53 15.52
CA ALA D 50 19.91 -33.75 15.17
C ALA D 50 19.21 -34.43 14.00
N LEU D 51 19.76 -35.56 13.56
CA LEU D 51 19.07 -36.53 12.70
C LEU D 51 17.58 -36.56 13.07
N GLY D 52 16.72 -36.26 12.09
CA GLY D 52 15.26 -36.15 12.26
C GLY D 52 14.81 -34.70 12.14
N GLY D 53 15.63 -33.77 12.60
CA GLY D 53 15.35 -32.34 12.53
C GLY D 53 14.87 -31.76 13.84
N THR D 54 14.42 -30.52 13.78
CA THR D 54 13.97 -29.75 14.95
C THR D 54 12.66 -30.36 15.44
N CYS D 55 11.77 -30.73 14.52
CA CYS D 55 10.43 -31.24 14.87
C CYS D 55 10.60 -32.47 15.76
N VAL D 56 11.39 -33.41 15.27
CA VAL D 56 11.59 -34.72 15.93
C VAL D 56 12.28 -34.52 17.29
N ASN D 57 13.28 -33.65 17.36
CA ASN D 57 14.24 -33.65 18.50
C ASN D 57 13.83 -32.62 19.54
N VAL D 58 13.40 -31.42 19.14
CA VAL D 58 13.18 -30.25 20.04
C VAL D 58 12.09 -29.37 19.44
N GLY D 59 11.02 -29.99 18.94
CA GLY D 59 9.88 -29.24 18.37
C GLY D 59 8.60 -30.02 18.52
N CYS D 60 7.87 -30.20 17.41
CA CYS D 60 6.49 -30.75 17.38
C CYS D 60 6.41 -32.00 18.27
N VAL D 61 7.30 -32.96 18.07
CA VAL D 61 7.11 -34.32 18.65
C VAL D 61 7.22 -34.25 20.18
N PRO D 62 8.38 -33.88 20.78
CA PRO D 62 8.49 -33.80 22.24
C PRO D 62 7.47 -32.83 22.88
N LYS D 63 7.25 -31.67 22.25
CA LYS D 63 6.31 -30.68 22.80
C LYS D 63 4.92 -31.33 22.81
N LYS D 64 4.54 -32.11 21.80
CA LYS D 64 3.19 -32.70 21.81
C LYS D 64 3.09 -33.71 22.97
N LEU D 65 4.09 -34.57 23.15
CA LEU D 65 4.10 -35.53 24.27
C LEU D 65 4.00 -34.76 25.61
N MET D 66 4.67 -33.61 25.70
CA MET D 66 4.70 -32.82 26.95
C MET D 66 3.38 -32.11 27.16
N VAL D 67 2.77 -31.59 26.09
CA VAL D 67 1.38 -31.05 26.17
C VAL D 67 0.40 -32.15 26.60
N THR D 68 0.55 -33.36 26.07
CA THR D 68 -0.33 -34.50 26.44
C THR D 68 -0.20 -34.69 27.95
N GLY D 69 1.04 -34.70 28.45
CA GLY D 69 1.33 -34.81 29.88
C GLY D 69 0.63 -33.70 30.64
N ALA D 70 0.71 -32.47 30.14
CA ALA D 70 0.11 -31.30 30.82
C ALA D 70 -1.40 -31.46 30.88
N GLN D 71 -2.01 -32.07 29.88
CA GLN D 71 -3.48 -32.24 29.79
C GLN D 71 -4.02 -33.04 30.98
N TYR D 72 -3.22 -33.91 31.60
CA TYR D 72 -3.69 -34.75 32.74
C TYR D 72 -4.05 -33.87 33.94
N MET D 73 -3.43 -32.68 34.10
CA MET D 73 -3.85 -31.76 35.18
CA MET D 73 -3.84 -31.69 35.13
C MET D 73 -5.35 -31.47 35.03
N ASP D 74 -5.81 -31.16 33.81
CA ASP D 74 -7.22 -30.82 33.54
C ASP D 74 -8.06 -32.10 33.68
N HIS D 75 -7.60 -33.22 33.15
CA HIS D 75 -8.36 -34.51 33.21
C HIS D 75 -8.59 -34.90 34.67
N LEU D 76 -7.56 -34.85 35.52
CA LEU D 76 -7.69 -35.24 36.95
C LEU D 76 -8.77 -34.38 37.64
N ARG D 77 -8.77 -33.07 37.37
CA ARG D 77 -9.74 -32.12 37.98
CA ARG D 77 -9.73 -32.10 37.97
C ARG D 77 -11.16 -32.36 37.42
N GLU D 78 -11.25 -32.51 36.10
CA GLU D 78 -12.53 -32.59 35.36
C GLU D 78 -13.22 -33.93 35.64
N SER D 79 -12.47 -34.96 35.98
CA SER D 79 -13.00 -36.31 36.24
C SER D 79 -14.04 -36.25 37.37
N ALA D 80 -13.84 -35.41 38.39
CA ALA D 80 -14.69 -35.39 39.61
C ALA D 80 -16.14 -35.18 39.20
N GLY D 81 -16.45 -34.27 38.28
CA GLY D 81 -17.85 -33.97 37.86
C GLY D 81 -18.54 -35.21 37.29
N PHE D 82 -17.77 -36.12 36.68
CA PHE D 82 -18.29 -37.38 36.08
C PHE D 82 -18.24 -38.49 37.13
N GLY D 83 -17.97 -38.16 38.39
CA GLY D 83 -18.11 -39.08 39.53
C GLY D 83 -16.82 -39.82 39.87
N TRP D 84 -15.68 -39.38 39.33
CA TRP D 84 -14.38 -39.98 39.71
C TRP D 84 -13.90 -39.39 41.02
N GLU D 85 -13.49 -40.27 41.93
CA GLU D 85 -13.14 -39.96 43.33
C GLU D 85 -11.74 -40.54 43.55
N PHE D 86 -10.86 -39.74 44.15
CA PHE D 86 -9.54 -40.20 44.60
C PHE D 86 -8.99 -39.13 45.55
N ASP D 87 -7.89 -39.49 46.20
CA ASP D 87 -7.22 -38.62 47.19
C ASP D 87 -6.51 -37.49 46.43
N GLY D 88 -7.21 -36.37 46.23
CA GLY D 88 -6.69 -35.12 45.64
C GLY D 88 -5.36 -34.67 46.23
N SER D 89 -5.16 -34.91 47.53
CA SER D 89 -3.95 -34.48 48.30
CA SER D 89 -3.94 -34.45 48.26
C SER D 89 -2.74 -35.32 47.89
N SER D 90 -2.93 -36.45 47.23
CA SER D 90 -1.81 -37.36 46.83
C SER D 90 -1.24 -36.97 45.45
N VAL D 91 -1.87 -36.04 44.72
CA VAL D 91 -1.60 -35.80 43.27
C VAL D 91 -0.31 -34.98 43.14
N LYS D 92 0.72 -35.51 42.47
CA LYS D 92 1.91 -34.70 42.09
CA LYS D 92 1.93 -34.72 42.10
C LYS D 92 2.33 -35.05 40.66
N ALA D 93 2.81 -34.02 39.95
CA ALA D 93 3.32 -34.07 38.57
C ALA D 93 4.84 -34.25 38.64
N ASN D 94 5.32 -35.37 38.12
CA ASN D 94 6.75 -35.75 38.13
C ASN D 94 7.36 -35.45 36.76
N TRP D 95 7.88 -34.24 36.63
CA TRP D 95 8.59 -33.71 35.45
C TRP D 95 9.69 -34.67 34.98
N LYS D 96 10.52 -35.15 35.90
CA LYS D 96 11.68 -36.02 35.57
C LYS D 96 11.18 -37.22 34.79
N LYS D 97 10.07 -37.80 35.24
CA LYS D 97 9.45 -38.98 34.59
CA LYS D 97 9.46 -38.98 34.58
C LYS D 97 9.02 -38.56 33.18
N LEU D 98 8.39 -37.41 33.04
CA LEU D 98 7.90 -36.90 31.74
C LEU D 98 9.09 -36.78 30.78
N ILE D 99 10.14 -36.09 31.22
CA ILE D 99 11.34 -35.80 30.38
C ILE D 99 11.99 -37.14 30.01
N ALA D 100 12.14 -38.07 30.95
CA ALA D 100 12.75 -39.38 30.64
C ALA D 100 11.89 -40.11 29.59
N ALA D 101 10.57 -40.06 29.72
CA ALA D 101 9.65 -40.73 28.78
C ALA D 101 9.81 -40.04 27.40
N LYS D 102 9.85 -38.71 27.39
CA LYS D 102 9.98 -37.94 26.14
C LYS D 102 11.35 -38.29 25.51
N ASN D 103 12.41 -38.38 26.32
CA ASN D 103 13.79 -38.64 25.82
C ASN D 103 13.84 -39.99 25.14
N GLU D 104 13.14 -41.00 25.69
CA GLU D 104 13.15 -42.38 25.16
C GLU D 104 12.42 -42.41 23.82
N ALA D 105 11.26 -41.75 23.71
CA ALA D 105 10.46 -41.68 22.47
C ALA D 105 11.29 -41.03 21.36
N VAL D 106 11.97 -39.92 21.67
CA VAL D 106 12.79 -39.17 20.67
C VAL D 106 13.97 -40.05 20.27
N LEU D 107 14.67 -40.66 21.20
CA LEU D 107 15.82 -41.52 20.86
C LEU D 107 15.35 -42.68 19.97
N ASP D 108 14.18 -43.24 20.26
CA ASP D 108 13.66 -44.37 19.43
C ASP D 108 13.53 -43.89 17.98
N ILE D 109 13.07 -42.64 17.74
CA ILE D 109 12.92 -42.06 16.39
C ILE D 109 14.33 -41.83 15.81
N ASN D 110 15.25 -41.30 16.60
CA ASN D 110 16.66 -41.09 16.16
C ASN D 110 17.22 -42.43 15.62
N LYS D 111 17.11 -43.49 16.41
CA LYS D 111 17.69 -44.82 16.08
C LYS D 111 16.98 -45.38 14.84
N SER D 112 15.66 -45.23 14.78
CA SER D 112 14.86 -45.66 13.61
CA SER D 112 14.85 -45.64 13.61
C SER D 112 15.44 -45.01 12.34
N TYR D 113 15.70 -43.72 12.37
CA TYR D 113 16.25 -42.95 11.23
C TYR D 113 17.64 -43.48 10.88
N GLU D 114 18.48 -43.82 11.84
CA GLU D 114 19.83 -44.38 11.56
C GLU D 114 19.66 -45.69 10.81
N GLY D 115 18.76 -46.54 11.27
CA GLY D 115 18.48 -47.83 10.62
C GLY D 115 18.08 -47.65 9.17
N MET D 116 17.28 -46.63 8.87
CA MET D 116 16.80 -46.32 7.50
CA MET D 116 16.80 -46.30 7.50
C MET D 116 18.02 -46.02 6.60
N PHE D 117 18.96 -45.20 7.06
CA PHE D 117 20.21 -44.89 6.33
C PHE D 117 20.96 -46.20 6.08
N ASN D 118 21.15 -46.95 7.15
CA ASN D 118 21.94 -48.21 7.13
C ASN D 118 21.36 -49.18 6.10
N ASP D 119 20.04 -49.25 5.98
CA ASP D 119 19.31 -50.28 5.18
C ASP D 119 19.03 -49.82 3.75
N THR D 120 19.12 -48.51 3.44
CA THR D 120 18.73 -47.96 2.11
C THR D 120 19.97 -47.67 1.26
N GLU D 121 20.12 -48.43 0.18
CA GLU D 121 21.20 -48.23 -0.82
C GLU D 121 20.98 -46.86 -1.48
N GLY D 122 22.06 -46.09 -1.66
CA GLY D 122 22.02 -44.76 -2.30
C GLY D 122 21.71 -43.62 -1.33
N LEU D 123 21.51 -43.90 -0.05
CA LEU D 123 21.14 -42.88 0.95
C LEU D 123 22.14 -42.95 2.11
N ASP D 124 23.08 -41.99 2.15
CA ASP D 124 24.23 -41.97 3.08
C ASP D 124 24.08 -40.79 4.05
N PHE D 125 24.38 -41.04 5.32
CA PHE D 125 24.33 -39.98 6.35
C PHE D 125 25.77 -39.61 6.68
N PHE D 126 26.04 -38.32 6.87
CA PHE D 126 27.35 -37.80 7.31
C PHE D 126 27.16 -36.96 8.57
N LEU D 127 27.88 -37.32 9.62
CA LEU D 127 27.88 -36.57 10.89
C LEU D 127 28.81 -35.39 10.75
N GLY D 128 28.29 -34.17 10.92
CA GLY D 128 29.17 -33.00 11.01
C GLY D 128 28.47 -31.75 10.61
N TRP D 129 29.25 -30.68 10.45
CA TRP D 129 28.81 -29.34 10.02
C TRP D 129 29.06 -29.19 8.52
N GLY D 130 28.00 -29.13 7.73
CA GLY D 130 28.10 -28.94 6.28
C GLY D 130 28.20 -27.45 5.94
N SER D 131 29.05 -27.12 4.97
CA SER D 131 29.24 -25.75 4.42
C SER D 131 29.54 -25.86 2.93
N LEU D 132 29.24 -24.80 2.18
CA LEU D 132 29.50 -24.71 0.74
C LEU D 132 30.94 -24.22 0.56
N GLU D 133 31.83 -25.11 0.10
CA GLU D 133 33.21 -24.72 -0.27
C GLU D 133 33.19 -24.12 -1.68
N SER D 134 32.50 -24.76 -2.61
CA SER D 134 32.25 -24.19 -3.96
C SER D 134 30.91 -24.74 -4.46
N LYS D 135 30.49 -24.30 -5.64
CA LYS D 135 29.17 -24.54 -6.27
C LYS D 135 28.76 -26.03 -6.23
N ASN D 136 29.75 -26.94 -6.25
CA ASN D 136 29.52 -28.40 -6.36
C ASN D 136 30.40 -29.14 -5.35
N VAL D 137 30.81 -28.45 -4.29
CA VAL D 137 31.63 -29.06 -3.21
C VAL D 137 30.98 -28.69 -1.89
N VAL D 138 30.53 -29.71 -1.17
CA VAL D 138 30.13 -29.57 0.24
C VAL D 138 31.25 -30.16 1.08
N VAL D 139 31.66 -29.39 2.06
CA VAL D 139 32.65 -29.80 3.09
CA VAL D 139 32.65 -29.84 3.07
C VAL D 139 31.88 -30.09 4.37
N VAL D 140 32.24 -31.18 5.05
CA VAL D 140 31.71 -31.57 6.38
C VAL D 140 32.86 -31.42 7.37
N ARG D 141 32.74 -30.48 8.31
CA ARG D 141 33.78 -30.18 9.31
C ARG D 141 33.35 -30.67 10.70
N GLU D 142 34.33 -30.73 11.60
CA GLU D 142 34.20 -31.22 12.99
C GLU D 142 33.25 -30.31 13.77
N THR D 143 33.30 -29.00 13.57
CA THR D 143 32.47 -28.01 14.31
C THR D 143 31.96 -26.94 13.36
N ALA D 144 31.13 -26.06 13.88
CA ALA D 144 30.56 -24.88 13.19
C ALA D 144 31.67 -23.92 12.79
N ASP D 145 32.81 -24.00 13.47
CA ASP D 145 34.01 -23.17 13.15
C ASP D 145 34.53 -23.55 11.77
N PRO D 146 34.53 -22.63 10.78
CA PRO D 146 35.07 -22.95 9.45
C PRO D 146 36.57 -23.24 9.43
N LYS D 147 37.27 -23.12 10.56
CA LYS D 147 38.71 -23.48 10.71
C LYS D 147 38.86 -24.88 11.30
N SER D 148 37.77 -25.50 11.78
CA SER D 148 37.78 -26.89 12.34
C SER D 148 38.12 -27.86 11.20
N ALA D 149 38.52 -29.08 11.54
CA ALA D 149 39.04 -30.09 10.60
C ALA D 149 37.93 -30.50 9.63
N VAL D 150 38.33 -30.69 8.38
CA VAL D 150 37.47 -31.24 7.31
C VAL D 150 37.38 -32.75 7.55
N LYS D 151 36.19 -33.25 7.82
CA LYS D 151 36.00 -34.72 7.93
C LYS D 151 35.90 -35.32 6.53
N GLU D 152 35.06 -34.73 5.68
CA GLU D 152 34.71 -35.24 4.33
C GLU D 152 34.53 -34.01 3.44
N ARG D 153 35.02 -34.12 2.21
CA ARG D 153 34.74 -33.19 1.10
C ARG D 153 33.93 -33.98 0.08
N LEU D 154 32.69 -33.59 -0.16
CA LEU D 154 31.69 -34.32 -0.98
C LEU D 154 31.47 -33.54 -2.28
N GLN D 155 31.54 -34.27 -3.39
CA GLN D 155 31.19 -33.78 -4.73
C GLN D 155 29.68 -33.85 -4.85
N ALA D 156 29.04 -32.75 -5.24
CA ALA D 156 27.57 -32.65 -5.30
C ALA D 156 27.18 -32.10 -6.66
N ASP D 157 26.33 -32.80 -7.40
CA ASP D 157 25.75 -32.23 -8.64
C ASP D 157 24.74 -31.16 -8.26
N HIS D 158 24.03 -31.41 -7.15
CA HIS D 158 22.90 -30.60 -6.64
C HIS D 158 23.07 -30.48 -5.12
N ILE D 159 22.81 -29.30 -4.59
CA ILE D 159 22.93 -29.07 -3.12
C ILE D 159 21.59 -28.52 -2.63
N LEU D 160 21.10 -29.11 -1.54
CA LEU D 160 19.86 -28.67 -0.87
C LEU D 160 20.24 -28.12 0.50
N LEU D 161 19.94 -26.85 0.70
CA LEU D 161 20.10 -26.17 2.00
C LEU D 161 18.79 -26.36 2.79
N ALA D 162 18.87 -27.10 3.90
CA ALA D 162 17.68 -27.47 4.71
C ALA D 162 18.10 -27.48 6.18
N THR D 163 18.73 -26.39 6.66
CA THR D 163 19.39 -26.29 7.99
C THR D 163 18.41 -25.73 9.03
N GLY D 164 17.24 -25.29 8.60
CA GLY D 164 16.13 -24.93 9.50
C GLY D 164 16.34 -23.54 10.09
N SER D 165 15.85 -23.36 11.31
CA SER D 165 15.84 -22.08 12.05
C SER D 165 16.46 -22.31 13.42
N TRP D 166 16.53 -21.25 14.21
CA TRP D 166 17.18 -21.22 15.54
C TRP D 166 16.48 -20.16 16.38
N PRO D 167 16.39 -20.33 17.72
CA PRO D 167 15.70 -19.34 18.56
C PRO D 167 16.40 -17.98 18.47
N GLN D 168 15.61 -16.93 18.26
CA GLN D 168 16.04 -15.52 18.27
C GLN D 168 16.19 -15.08 19.73
N MET D 169 17.36 -14.58 20.07
CA MET D 169 17.69 -14.13 21.44
C MET D 169 17.96 -12.64 21.37
N PRO D 170 17.08 -11.78 21.94
CA PRO D 170 17.27 -10.34 21.80
C PRO D 170 18.62 -9.95 22.44
N ALA D 171 19.31 -8.98 21.86
CA ALA D 171 20.57 -8.43 22.39
C ALA D 171 20.22 -7.48 23.55
N ILE D 172 19.90 -8.04 24.70
CA ILE D 172 19.68 -7.24 25.94
C ILE D 172 20.75 -7.65 26.93
N PRO D 173 21.08 -6.77 27.91
CA PRO D 173 21.93 -7.16 29.03
C PRO D 173 21.31 -8.33 29.81
N GLY D 174 22.11 -9.37 30.04
CA GLY D 174 21.72 -10.57 30.79
C GLY D 174 21.05 -11.64 29.94
N ILE D 175 21.07 -11.53 28.61
CA ILE D 175 20.50 -12.57 27.70
C ILE D 175 21.16 -13.91 28.03
N GLU D 176 22.40 -13.92 28.52
CA GLU D 176 23.12 -15.19 28.83
C GLU D 176 22.46 -15.91 30.03
N HIS D 177 21.59 -15.26 30.81
CA HIS D 177 20.87 -15.87 31.97
C HIS D 177 19.55 -16.51 31.52
N CYS D 178 19.22 -16.39 30.24
CA CYS D 178 17.92 -16.79 29.63
C CYS D 178 18.15 -18.05 28.81
N ILE D 179 17.08 -18.82 28.57
CA ILE D 179 17.16 -20.05 27.74
C ILE D 179 16.23 -19.84 26.55
N SER D 180 16.17 -20.85 25.68
CA SER D 180 15.18 -20.95 24.58
C SER D 180 14.40 -22.24 24.78
N SER D 181 13.45 -22.54 23.88
CA SER D 181 12.70 -23.82 23.86
C SER D 181 13.69 -25.00 23.91
N ASN D 182 14.84 -24.88 23.24
CA ASN D 182 15.90 -25.92 23.18
C ASN D 182 16.20 -26.44 24.58
N GLU D 183 16.59 -25.56 25.52
CA GLU D 183 17.01 -25.95 26.90
C GLU D 183 15.79 -26.34 27.75
N ALA D 184 14.64 -25.76 27.48
CA ALA D 184 13.37 -26.08 28.20
C ALA D 184 13.11 -27.59 28.20
N PHE D 185 13.46 -28.29 27.12
CA PHE D 185 13.19 -29.73 26.90
C PHE D 185 14.09 -30.59 27.80
N TYR D 186 15.15 -30.03 28.41
CA TYR D 186 16.17 -30.77 29.20
C TYR D 186 16.30 -30.21 30.63
N LEU D 187 15.48 -29.26 31.06
CA LEU D 187 15.51 -28.80 32.48
C LEU D 187 15.48 -30.03 33.39
N PRO D 188 16.42 -30.17 34.36
CA PRO D 188 16.39 -31.29 35.30
C PRO D 188 15.16 -31.22 36.23
N GLU D 189 14.72 -30.01 36.58
CA GLU D 189 13.56 -29.80 37.51
CA GLU D 189 13.58 -29.78 37.52
C GLU D 189 12.63 -28.78 36.86
N PRO D 190 11.31 -28.91 37.09
CA PRO D 190 10.35 -27.98 36.50
C PRO D 190 10.50 -26.66 37.24
N PRO D 191 10.57 -25.51 36.55
CA PRO D 191 10.77 -24.24 37.26
C PRO D 191 9.56 -23.92 38.16
N ARG D 192 9.83 -23.30 39.30
CA ARG D 192 8.78 -22.84 40.24
C ARG D 192 8.13 -21.63 39.58
N ARG D 193 8.97 -20.70 39.17
CA ARG D 193 8.54 -19.45 38.50
C ARG D 193 9.23 -19.43 37.12
N VAL D 194 8.44 -19.28 36.07
CA VAL D 194 8.99 -19.17 34.69
C VAL D 194 8.33 -17.96 34.04
N LEU D 195 9.12 -17.16 33.33
CA LEU D 195 8.64 -16.18 32.35
C LEU D 195 8.85 -16.76 30.95
N THR D 196 7.77 -16.96 30.20
CA THR D 196 7.87 -17.23 28.75
CA THR D 196 7.82 -17.24 28.75
C THR D 196 7.67 -15.91 28.01
N VAL D 197 8.67 -15.55 27.19
CA VAL D 197 8.73 -14.29 26.43
C VAL D 197 8.30 -14.54 24.98
N GLY D 198 7.21 -13.92 24.56
CA GLY D 198 6.62 -14.11 23.23
C GLY D 198 5.14 -14.43 23.33
N GLY D 199 4.37 -14.03 22.31
CA GLY D 199 2.93 -14.36 22.19
C GLY D 199 2.64 -15.39 21.11
N GLY D 200 3.65 -16.00 20.51
CA GLY D 200 3.45 -17.03 19.46
C GLY D 200 3.19 -18.41 20.05
N PHE D 201 3.02 -19.42 19.20
CA PHE D 201 2.56 -20.77 19.60
C PHE D 201 3.54 -21.38 20.61
N ILE D 202 4.85 -21.18 20.41
CA ILE D 202 5.88 -21.83 21.29
C ILE D 202 5.73 -21.33 22.74
N SER D 203 5.68 -20.02 22.94
CA SER D 203 5.48 -19.40 24.28
C SER D 203 4.17 -19.93 24.89
N VAL D 204 3.10 -19.90 24.11
CA VAL D 204 1.75 -20.32 24.57
C VAL D 204 1.77 -21.81 24.97
N GLU D 205 2.37 -22.68 24.15
CA GLU D 205 2.39 -24.15 24.43
C GLU D 205 3.22 -24.44 25.67
N PHE D 206 4.41 -23.86 25.78
CA PHE D 206 5.29 -24.05 26.96
C PHE D 206 4.64 -23.47 28.23
N ALA D 207 3.93 -22.35 28.15
CA ALA D 207 3.29 -21.77 29.35
C ALA D 207 2.34 -22.83 29.97
N GLY D 208 1.56 -23.51 29.14
CA GLY D 208 0.65 -24.60 29.56
C GLY D 208 1.39 -25.80 30.11
N ILE D 209 2.51 -26.18 29.49
CA ILE D 209 3.36 -27.33 29.95
C ILE D 209 3.90 -27.01 31.34
N PHE D 210 4.53 -25.85 31.48
CA PHE D 210 5.14 -25.39 32.76
C PHE D 210 4.06 -25.23 33.81
N ASN D 211 2.89 -24.73 33.43
CA ASN D 211 1.76 -24.49 34.37
C ASN D 211 1.34 -25.83 35.00
N ALA D 212 1.33 -26.93 34.24
CA ALA D 212 0.91 -28.26 34.72
C ALA D 212 1.95 -28.91 35.64
N TYR D 213 3.24 -28.73 35.38
CA TYR D 213 4.32 -29.49 36.07
C TYR D 213 5.01 -28.67 37.15
N LYS D 214 4.59 -27.41 37.34
CA LYS D 214 5.26 -26.50 38.31
C LYS D 214 5.11 -27.05 39.73
N PRO D 215 6.13 -26.87 40.59
CA PRO D 215 6.01 -27.29 41.99
C PRO D 215 5.01 -26.41 42.74
N PRO D 216 4.67 -26.74 44.01
CA PRO D 216 3.68 -25.99 44.78
C PRO D 216 3.99 -24.50 44.93
N GLY D 217 2.95 -23.67 44.87
CA GLY D 217 3.02 -22.19 44.79
C GLY D 217 3.89 -21.70 43.65
N GLY D 218 3.99 -22.47 42.57
CA GLY D 218 4.69 -22.05 41.35
C GLY D 218 3.82 -21.07 40.58
N LYS D 219 4.42 -20.26 39.71
CA LYS D 219 3.68 -19.27 38.89
C LYS D 219 4.29 -19.21 37.49
N VAL D 220 3.46 -19.44 36.48
CA VAL D 220 3.84 -19.18 35.05
C VAL D 220 3.37 -17.78 34.66
N THR D 221 4.30 -17.00 34.14
CA THR D 221 4.08 -15.67 33.54
C THR D 221 4.46 -15.76 32.06
N LEU D 222 3.59 -15.28 31.19
CA LEU D 222 3.89 -15.10 29.75
C LEU D 222 3.79 -13.62 29.47
N CYS D 223 4.80 -13.04 28.82
CA CYS D 223 4.78 -11.63 28.37
C CYS D 223 4.85 -11.57 26.84
N TYR D 224 4.25 -10.52 26.28
CA TYR D 224 4.24 -10.25 24.82
C TYR D 224 4.22 -8.75 24.62
N ARG D 225 4.97 -8.26 23.64
CA ARG D 225 5.28 -6.81 23.53
C ARG D 225 4.04 -6.06 23.02
N ASN D 226 3.10 -6.71 22.35
CA ASN D 226 1.87 -6.04 21.87
C ASN D 226 0.66 -6.41 22.74
N ASN D 227 -0.52 -6.02 22.28
CA ASN D 227 -1.75 -5.92 23.10
C ASN D 227 -2.36 -7.32 23.33
N LEU D 228 -2.14 -8.25 22.41
CA LEU D 228 -2.90 -9.52 22.34
C LEU D 228 -2.00 -10.65 21.82
N ILE D 229 -1.87 -11.76 22.56
CA ILE D 229 -1.06 -12.92 22.09
C ILE D 229 -1.58 -13.43 20.72
N LEU D 230 -0.75 -14.20 20.03
CA LEU D 230 -1.10 -15.06 18.86
C LEU D 230 -1.51 -14.18 17.68
N ARG D 231 -0.69 -13.18 17.35
CA ARG D 231 -0.80 -12.39 16.09
C ARG D 231 -0.92 -13.37 14.91
N GLY D 232 -1.84 -13.10 13.98
CA GLY D 232 -2.04 -13.93 12.77
C GLY D 232 -3.22 -14.87 12.90
N PHE D 233 -3.62 -15.19 14.14
CA PHE D 233 -4.79 -16.02 14.46
C PHE D 233 -6.03 -15.13 14.54
N ASP D 234 -7.19 -15.74 14.34
CA ASP D 234 -8.54 -15.13 14.46
C ASP D 234 -8.64 -14.35 15.78
N GLU D 235 -9.16 -13.14 15.72
CA GLU D 235 -9.19 -12.20 16.85
C GLU D 235 -10.00 -12.82 17.99
N THR D 236 -11.18 -13.38 17.69
CA THR D 236 -12.05 -14.00 18.72
C THR D 236 -11.24 -15.09 19.44
N ILE D 237 -10.47 -15.85 18.68
CA ILE D 237 -9.69 -16.98 19.27
C ILE D 237 -8.54 -16.42 20.12
N ARG D 238 -7.90 -15.34 19.70
CA ARG D 238 -6.78 -14.73 20.47
C ARG D 238 -7.31 -14.25 21.83
N GLU D 239 -8.53 -13.70 21.85
CA GLU D 239 -9.18 -13.20 23.08
C GLU D 239 -9.57 -14.38 23.96
N GLU D 240 -10.17 -15.42 23.39
CA GLU D 240 -10.63 -16.58 24.20
C GLU D 240 -9.41 -17.32 24.75
N VAL D 241 -8.36 -17.50 23.98
CA VAL D 241 -7.17 -18.28 24.45
CA VAL D 241 -7.17 -18.28 24.45
C VAL D 241 -6.54 -17.53 25.63
N THR D 242 -6.50 -16.20 25.57
CA THR D 242 -5.99 -15.32 26.65
C THR D 242 -6.80 -15.62 27.93
N LYS D 243 -8.13 -15.55 27.84
CA LYS D 243 -9.05 -15.83 28.97
C LYS D 243 -8.78 -17.24 29.51
N GLN D 244 -8.57 -18.23 28.65
CA GLN D 244 -8.46 -19.65 29.06
C GLN D 244 -7.10 -19.89 29.74
N LEU D 245 -6.01 -19.29 29.27
CA LEU D 245 -4.71 -19.34 30.01
C LEU D 245 -4.92 -18.67 31.38
N THR D 246 -5.57 -17.49 31.42
CA THR D 246 -5.78 -16.76 32.71
C THR D 246 -6.55 -17.67 33.68
N ALA D 247 -7.63 -18.30 33.20
CA ALA D 247 -8.51 -19.15 34.04
C ALA D 247 -7.70 -20.37 34.54
N ASN D 248 -6.62 -20.76 33.84
CA ASN D 248 -5.81 -21.93 34.28
C ASN D 248 -4.61 -21.48 35.15
N GLY D 249 -4.57 -20.20 35.57
CA GLY D 249 -3.61 -19.65 36.55
C GLY D 249 -2.36 -19.04 35.93
N ILE D 250 -2.30 -18.90 34.61
CA ILE D 250 -1.11 -18.30 33.90
C ILE D 250 -1.28 -16.78 33.88
N GLU D 251 -0.28 -16.02 34.31
CA GLU D 251 -0.35 -14.53 34.31
C GLU D 251 0.10 -13.99 32.93
N ILE D 252 -0.78 -13.27 32.23
CA ILE D 252 -0.47 -12.66 30.90
C ILE D 252 -0.02 -11.21 31.13
N MET D 253 1.21 -10.87 30.76
CA MET D 253 1.70 -9.47 30.72
C MET D 253 1.78 -8.99 29.27
N THR D 254 0.73 -8.38 28.77
CA THR D 254 0.66 -7.81 27.40
C THR D 254 1.28 -6.41 27.43
N ASN D 255 1.76 -5.93 26.28
CA ASN D 255 2.44 -4.61 26.13
C ASN D 255 3.66 -4.54 27.06
N GLU D 256 4.33 -5.67 27.30
CA GLU D 256 5.49 -5.80 28.21
C GLU D 256 6.58 -6.57 27.47
N ASN D 257 7.83 -6.13 27.64
CA ASN D 257 9.01 -6.69 26.96
C ASN D 257 10.23 -6.53 27.85
N PRO D 258 10.97 -7.62 28.14
CA PRO D 258 12.19 -7.52 28.95
C PRO D 258 13.25 -6.59 28.34
N ALA D 259 13.87 -5.76 29.18
CA ALA D 259 14.97 -4.82 28.82
C ALA D 259 16.30 -5.36 29.34
N LYS D 260 16.31 -6.13 30.43
CA LYS D 260 17.54 -6.79 30.93
C LYS D 260 17.21 -7.83 31.98
N VAL D 261 18.17 -8.72 32.23
CA VAL D 261 18.05 -9.78 33.27
C VAL D 261 19.35 -9.78 34.05
N SER D 262 19.27 -9.90 35.38
CA SER D 262 20.46 -10.04 36.25
C SER D 262 20.30 -11.28 37.11
N LEU D 263 21.42 -11.85 37.60
CA LEU D 263 21.41 -13.00 38.53
C LEU D 263 21.23 -12.48 39.96
N ASN D 264 20.12 -12.77 40.61
CA ASN D 264 19.97 -12.59 42.07
C ASN D 264 21.02 -13.46 42.76
N THR D 265 21.29 -13.18 44.03
CA THR D 265 22.30 -13.90 44.84
C THR D 265 21.90 -15.36 45.01
N ASP D 266 20.61 -15.71 44.93
CA ASP D 266 20.15 -17.12 45.11
C ASP D 266 20.11 -17.90 43.79
N GLY D 267 20.54 -17.34 42.65
CA GLY D 267 20.55 -18.03 41.34
C GLY D 267 19.33 -17.68 40.48
N SER D 268 18.26 -17.14 41.07
CA SER D 268 17.03 -16.75 40.33
C SER D 268 17.35 -15.54 39.45
N LYS D 269 16.42 -15.17 38.56
CA LYS D 269 16.65 -14.11 37.55
C LYS D 269 15.73 -12.95 37.88
N HIS D 270 16.29 -11.76 37.83
CA HIS D 270 15.60 -10.47 38.06
C HIS D 270 15.44 -9.82 36.68
N VAL D 271 14.21 -9.85 36.18
CA VAL D 271 13.84 -9.30 34.85
C VAL D 271 13.34 -7.88 35.08
N THR D 272 13.90 -6.92 34.35
CA THR D 272 13.37 -5.54 34.24
C THR D 272 12.72 -5.40 32.88
N PHE D 273 11.45 -4.98 32.82
CA PHE D 273 10.72 -4.73 31.55
C PHE D 273 11.01 -3.30 31.10
N GLU D 274 10.80 -3.04 29.80
CA GLU D 274 10.95 -1.70 29.20
C GLU D 274 10.15 -0.69 30.02
N SER D 275 8.97 -1.07 30.52
CA SER D 275 8.05 -0.22 31.33
C SER D 275 8.64 0.14 32.69
N GLY D 276 9.69 -0.55 33.15
CA GLY D 276 10.21 -0.38 34.53
C GLY D 276 9.63 -1.39 35.50
N LYS D 277 8.56 -2.10 35.12
CA LYS D 277 8.08 -3.27 35.92
CA LYS D 277 8.08 -3.27 35.92
C LYS D 277 9.25 -4.27 36.05
N THR D 278 9.23 -5.08 37.09
CA THR D 278 10.27 -6.10 37.34
C THR D 278 9.57 -7.41 37.74
N LEU D 279 10.25 -8.53 37.55
CA LEU D 279 9.76 -9.88 37.90
C LEU D 279 10.97 -10.76 38.23
N ASP D 280 10.86 -11.54 39.30
CA ASP D 280 11.85 -12.57 39.68
C ASP D 280 11.28 -13.93 39.27
N VAL D 281 12.09 -14.70 38.54
CA VAL D 281 11.72 -16.06 38.06
C VAL D 281 12.93 -16.98 38.22
N ASP D 282 12.68 -18.28 38.20
CA ASP D 282 13.75 -19.33 38.18
C ASP D 282 14.22 -19.53 36.75
N VAL D 283 13.36 -19.29 35.76
CA VAL D 283 13.69 -19.51 34.32
C VAL D 283 13.09 -18.40 33.46
N VAL D 284 13.88 -17.85 32.55
CA VAL D 284 13.38 -16.91 31.52
C VAL D 284 13.52 -17.63 30.20
N MET D 285 12.39 -18.03 29.58
CA MET D 285 12.41 -18.72 28.27
C MET D 285 12.03 -17.72 27.17
N MET D 286 13.01 -17.36 26.36
CA MET D 286 12.82 -16.47 25.18
C MET D 286 12.24 -17.30 24.03
N ALA D 287 11.03 -16.97 23.60
CA ALA D 287 10.33 -17.56 22.46
C ALA D 287 9.74 -16.43 21.62
N ILE D 288 10.58 -15.44 21.25
CA ILE D 288 10.13 -14.20 20.56
C ILE D 288 10.18 -14.42 19.05
N GLY D 289 10.86 -15.47 18.60
CA GLY D 289 10.95 -15.81 17.17
C GLY D 289 12.00 -16.87 16.90
N ARG D 290 12.07 -17.32 15.66
CA ARG D 290 13.09 -18.24 15.15
C ARG D 290 13.63 -17.66 13.85
N ILE D 291 14.94 -17.69 13.66
CA ILE D 291 15.60 -17.05 12.49
CA ILE D 291 15.57 -17.06 12.47
C ILE D 291 16.31 -18.11 11.65
N PRO D 292 16.40 -17.90 10.32
CA PRO D 292 17.01 -18.86 9.41
C PRO D 292 18.44 -19.15 9.85
N ARG D 293 18.85 -20.42 9.75
CA ARG D 293 20.17 -20.88 10.22
C ARG D 293 21.12 -20.90 9.02
N THR D 294 21.60 -19.72 8.63
CA THR D 294 22.40 -19.48 7.40
C THR D 294 23.88 -19.27 7.74
N ASN D 295 24.20 -18.89 8.98
CA ASN D 295 25.57 -18.45 9.39
C ASN D 295 26.63 -19.51 9.12
N ASP D 296 26.36 -20.78 9.36
CA ASP D 296 27.44 -21.80 9.33
C ASP D 296 27.64 -22.34 7.90
N LEU D 297 26.79 -22.01 6.93
CA LEU D 297 26.81 -22.60 5.57
C LEU D 297 27.87 -21.93 4.68
N GLN D 298 28.46 -20.82 5.13
CA GLN D 298 29.49 -20.03 4.38
CA GLN D 298 29.50 -20.07 4.36
C GLN D 298 28.94 -19.76 2.97
N LEU D 299 27.71 -19.25 2.89
CA LEU D 299 27.01 -19.01 1.60
C LEU D 299 27.80 -18.03 0.73
N GLY D 300 28.63 -17.18 1.34
CA GLY D 300 29.49 -16.19 0.67
C GLY D 300 30.42 -16.85 -0.34
N ASN D 301 30.84 -18.09 -0.07
CA ASN D 301 31.74 -18.88 -0.94
C ASN D 301 31.15 -19.04 -2.32
N VAL D 302 29.82 -18.99 -2.48
CA VAL D 302 29.18 -19.29 -3.78
C VAL D 302 28.20 -18.17 -4.17
N GLY D 303 27.97 -17.18 -3.31
CA GLY D 303 27.12 -16.00 -3.57
C GLY D 303 25.64 -16.32 -3.52
N VAL D 304 25.25 -17.31 -2.72
CA VAL D 304 23.81 -17.60 -2.50
C VAL D 304 23.25 -16.40 -1.75
N LYS D 305 22.22 -15.78 -2.31
CA LYS D 305 21.66 -14.47 -1.89
CA LYS D 305 21.72 -14.47 -1.82
C LYS D 305 20.62 -14.69 -0.79
N LEU D 306 20.64 -13.84 0.23
CA LEU D 306 19.66 -13.77 1.33
C LEU D 306 18.63 -12.69 1.00
N THR D 307 17.45 -12.80 1.60
CA THR D 307 16.42 -11.73 1.69
C THR D 307 16.89 -10.75 2.74
N PRO D 308 16.32 -9.52 2.80
CA PRO D 308 16.66 -8.57 3.85
C PRO D 308 16.47 -9.19 5.24
N LYS D 309 15.39 -9.97 5.42
CA LYS D 309 15.00 -10.63 6.71
C LYS D 309 16.03 -11.70 7.11
N GLY D 310 16.83 -12.23 6.16
CA GLY D 310 17.92 -13.16 6.45
C GLY D 310 17.62 -14.58 5.97
N GLY D 311 16.48 -14.81 5.34
CA GLY D 311 16.17 -16.10 4.69
C GLY D 311 16.98 -16.31 3.41
N VAL D 312 17.30 -17.54 3.05
CA VAL D 312 17.82 -17.82 1.69
C VAL D 312 16.69 -17.48 0.71
N GLN D 313 16.97 -16.62 -0.26
CA GLN D 313 15.97 -16.23 -1.30
C GLN D 313 15.74 -17.41 -2.23
N VAL D 314 14.48 -17.69 -2.56
CA VAL D 314 14.17 -18.81 -3.48
C VAL D 314 13.03 -18.34 -4.38
N ASP D 315 12.94 -18.92 -5.57
CA ASP D 315 11.76 -18.79 -6.47
C ASP D 315 10.69 -19.77 -5.97
N GLU D 316 9.56 -19.89 -6.65
CA GLU D 316 8.44 -20.77 -6.25
C GLU D 316 8.88 -22.24 -6.30
N PHE D 317 9.99 -22.53 -6.97
CA PHE D 317 10.51 -23.91 -7.14
C PHE D 317 11.65 -24.17 -6.16
N SER D 318 11.84 -23.29 -5.18
CA SER D 318 12.87 -23.43 -4.12
C SER D 318 14.28 -23.31 -4.73
N ARG D 319 14.43 -22.71 -5.92
CA ARG D 319 15.76 -22.43 -6.53
C ARG D 319 16.35 -21.15 -5.94
N THR D 320 17.63 -21.17 -5.57
CA THR D 320 18.38 -19.94 -5.21
C THR D 320 18.83 -19.24 -6.51
N ASN D 321 19.59 -18.16 -6.40
CA ASN D 321 20.24 -17.48 -7.55
C ASN D 321 21.34 -18.38 -8.16
N VAL D 322 21.81 -19.41 -7.46
CA VAL D 322 22.96 -20.25 -7.90
C VAL D 322 22.37 -21.55 -8.42
N PRO D 323 22.57 -21.88 -9.72
CA PRO D 323 22.07 -23.12 -10.28
C PRO D 323 22.57 -24.34 -9.48
N ASN D 324 21.67 -25.33 -9.36
CA ASN D 324 21.93 -26.63 -8.70
CA ASN D 324 21.92 -26.63 -8.68
C ASN D 324 22.02 -26.44 -7.17
N ILE D 325 21.72 -25.25 -6.66
CA ILE D 325 21.59 -25.01 -5.20
C ILE D 325 20.17 -24.57 -4.87
N TYR D 326 19.53 -25.32 -3.96
CA TYR D 326 18.12 -25.13 -3.55
C TYR D 326 18.05 -24.92 -2.04
N ALA D 327 16.92 -24.39 -1.60
CA ALA D 327 16.64 -24.12 -0.18
C ALA D 327 15.17 -24.39 0.08
N ILE D 328 14.89 -25.22 1.08
CA ILE D 328 13.51 -25.51 1.59
C ILE D 328 13.46 -25.33 3.10
N GLY D 329 12.22 -25.23 3.60
CA GLY D 329 11.90 -25.25 5.04
C GLY D 329 12.17 -23.91 5.67
N ASP D 330 12.43 -23.93 6.98
CA ASP D 330 12.59 -22.73 7.84
C ASP D 330 13.72 -21.83 7.33
N ILE D 331 14.71 -22.38 6.62
CA ILE D 331 15.84 -21.54 6.12
C ILE D 331 15.29 -20.49 5.14
N THR D 332 14.13 -20.68 4.52
CA THR D 332 13.50 -19.73 3.55
C THR D 332 12.68 -18.66 4.30
N ASP D 333 12.42 -18.84 5.59
CA ASP D 333 11.79 -17.83 6.48
C ASP D 333 10.42 -17.41 5.97
N ARG D 334 9.66 -18.37 5.47
CA ARG D 334 8.26 -18.21 5.02
C ARG D 334 7.33 -18.77 6.11
N LEU D 335 6.77 -19.94 5.84
CA LEU D 335 5.91 -20.70 6.77
C LEU D 335 6.78 -21.72 7.48
N MET D 336 7.01 -21.51 8.77
CA MET D 336 7.88 -22.38 9.57
C MET D 336 7.04 -23.50 10.19
N LEU D 337 6.68 -24.48 9.36
CA LEU D 337 5.87 -25.66 9.73
C LEU D 337 6.53 -26.88 9.13
N THR D 338 6.55 -27.98 9.87
CA THR D 338 7.16 -29.26 9.43
C THR D 338 6.52 -29.71 8.11
N PRO D 339 5.18 -29.81 8.03
CA PRO D 339 4.53 -30.33 6.81
C PRO D 339 4.78 -29.46 5.57
N VAL D 340 4.97 -28.16 5.74
CA VAL D 340 5.38 -27.25 4.62
C VAL D 340 6.81 -27.60 4.17
N ALA D 341 7.81 -27.68 5.06
CA ALA D 341 9.18 -28.15 4.74
C ALA D 341 9.13 -29.48 3.97
N ILE D 342 8.26 -30.39 4.41
CA ILE D 342 8.16 -31.74 3.79
C ILE D 342 7.60 -31.56 2.39
N ASN D 343 6.53 -30.79 2.25
CA ASN D 343 5.88 -30.54 0.94
C ASN D 343 6.89 -29.89 -0.02
N GLU D 344 7.68 -28.94 0.46
CA GLU D 344 8.73 -28.25 -0.32
C GLU D 344 9.81 -29.24 -0.80
N GLY D 345 10.25 -30.16 0.07
CA GLY D 345 11.34 -31.10 -0.26
C GLY D 345 10.87 -32.11 -1.31
N ALA D 346 9.65 -32.62 -1.18
CA ALA D 346 9.06 -33.56 -2.16
C ALA D 346 8.86 -32.86 -3.51
N ALA D 347 8.34 -31.62 -3.48
CA ALA D 347 8.08 -30.79 -4.68
C ALA D 347 9.41 -30.60 -5.42
N LEU D 348 10.43 -30.17 -4.69
CA LEU D 348 11.78 -29.91 -5.27
C LEU D 348 12.33 -31.18 -5.90
N VAL D 349 12.25 -32.31 -5.21
CA VAL D 349 12.83 -33.60 -5.73
C VAL D 349 12.01 -34.02 -6.96
N ASP D 350 10.67 -33.90 -6.92
CA ASP D 350 9.84 -34.18 -8.12
C ASP D 350 10.30 -33.31 -9.30
N THR D 351 10.65 -32.05 -9.03
CA THR D 351 10.99 -31.07 -10.10
C THR D 351 12.37 -31.40 -10.67
N VAL D 352 13.37 -31.64 -9.82
CA VAL D 352 14.80 -31.77 -10.24
C VAL D 352 15.11 -33.19 -10.71
N PHE D 353 14.60 -34.23 -10.03
CA PHE D 353 14.97 -35.67 -10.25
C PHE D 353 13.79 -36.50 -10.79
N GLY D 354 12.57 -36.18 -10.40
CA GLY D 354 11.34 -36.72 -11.02
C GLY D 354 11.11 -35.95 -12.30
N ASN D 355 10.02 -36.18 -12.99
CA ASN D 355 9.86 -35.50 -14.30
C ASN D 355 8.58 -34.69 -14.23
N LYS D 356 8.15 -34.36 -13.00
CA LYS D 356 6.87 -33.65 -12.69
C LYS D 356 7.20 -32.34 -11.99
N PRO D 357 7.49 -31.24 -12.73
CA PRO D 357 7.76 -29.94 -12.10
C PRO D 357 6.54 -29.59 -11.24
N ARG D 358 6.78 -29.11 -10.01
CA ARG D 358 5.75 -28.91 -8.98
C ARG D 358 6.24 -27.88 -7.96
N LYS D 359 5.35 -26.97 -7.55
CA LYS D 359 5.68 -25.94 -6.54
C LYS D 359 4.69 -26.07 -5.38
N THR D 360 5.19 -25.83 -4.17
CA THR D 360 4.38 -25.88 -2.95
C THR D 360 3.34 -24.77 -3.04
N ASP D 361 2.10 -25.05 -2.66
CA ASP D 361 1.06 -24.03 -2.39
C ASP D 361 1.18 -23.62 -0.93
N HIS D 362 1.45 -22.33 -0.67
CA HIS D 362 1.73 -21.80 0.69
C HIS D 362 0.46 -21.18 1.24
N THR D 363 -0.63 -21.20 0.45
CA THR D 363 -1.97 -20.71 0.83
C THR D 363 -2.77 -21.88 1.38
N ARG D 364 -3.76 -21.56 2.21
CA ARG D 364 -4.76 -22.53 2.75
C ARG D 364 -4.02 -23.67 3.46
N VAL D 365 -2.88 -23.38 4.10
CA VAL D 365 -2.15 -24.41 4.91
C VAL D 365 -2.80 -24.47 6.29
N ALA D 366 -3.21 -25.68 6.69
CA ALA D 366 -3.87 -25.94 7.99
C ALA D 366 -2.76 -25.96 9.04
N SER D 367 -3.01 -25.40 10.22
CA SER D 367 -2.03 -25.41 11.34
C SER D 367 -2.78 -25.44 12.66
N ALA D 368 -2.06 -25.75 13.73
CA ALA D 368 -2.61 -25.93 15.09
C ALA D 368 -1.74 -25.22 16.11
N VAL D 369 -2.35 -24.87 17.22
CA VAL D 369 -1.63 -24.50 18.47
C VAL D 369 -2.14 -25.43 19.57
N PHE D 370 -1.20 -26.09 20.26
CA PHE D 370 -1.49 -27.08 21.33
C PHE D 370 -1.51 -26.36 22.70
N SER D 371 -2.27 -25.26 22.74
CA SER D 371 -2.95 -24.76 23.96
C SER D 371 -3.91 -25.83 24.45
N ILE D 372 -4.45 -25.64 25.66
CA ILE D 372 -5.40 -26.58 26.32
C ILE D 372 -6.62 -25.79 26.77
N PRO D 373 -7.72 -25.74 25.98
CA PRO D 373 -7.84 -26.46 24.71
C PRO D 373 -7.14 -25.84 23.50
N PRO D 374 -6.93 -26.62 22.42
CA PRO D 374 -6.13 -26.20 21.27
C PRO D 374 -6.85 -25.47 20.14
N ILE D 375 -6.07 -24.82 19.29
CA ILE D 375 -6.51 -24.07 18.09
C ILE D 375 -6.24 -24.94 16.87
N GLY D 376 -7.20 -25.02 15.97
CA GLY D 376 -7.04 -25.51 14.58
C GLY D 376 -7.48 -24.42 13.63
N THR D 377 -6.68 -24.10 12.63
CA THR D 377 -7.00 -23.01 11.67
C THR D 377 -6.56 -23.43 10.27
N CYS D 378 -7.22 -22.87 9.25
CA CYS D 378 -6.84 -23.00 7.83
C CYS D 378 -7.39 -21.78 7.06
N GLY D 379 -6.53 -21.12 6.30
CA GLY D 379 -6.95 -20.01 5.42
C GLY D 379 -7.00 -18.66 6.13
N LEU D 380 -7.83 -17.76 5.62
CA LEU D 380 -7.78 -16.30 5.94
C LEU D 380 -8.61 -16.01 7.19
N ILE D 381 -8.06 -15.18 8.09
CA ILE D 381 -8.84 -14.49 9.14
C ILE D 381 -9.58 -13.33 8.46
N GLU D 382 -10.67 -12.87 9.09
CA GLU D 382 -11.70 -11.99 8.49
C GLU D 382 -11.11 -10.61 8.18
N GLU D 383 -10.25 -10.06 9.02
CA GLU D 383 -9.65 -8.72 8.78
C GLU D 383 -8.85 -8.75 7.47
N VAL D 384 -8.09 -9.81 7.20
CA VAL D 384 -7.30 -9.95 5.94
C VAL D 384 -8.26 -10.17 4.78
N ALA D 385 -9.25 -11.04 4.94
CA ALA D 385 -10.22 -11.38 3.87
C ALA D 385 -10.93 -10.10 3.41
N ALA D 386 -11.26 -9.22 4.34
CA ALA D 386 -12.06 -7.99 4.09
C ALA D 386 -11.25 -6.99 3.25
N LYS D 387 -9.92 -7.11 3.20
CA LYS D 387 -9.03 -6.25 2.38
C LYS D 387 -8.88 -6.82 0.97
N GLU D 388 -9.02 -8.14 0.77
CA GLU D 388 -8.84 -8.78 -0.57
C GLU D 388 -10.19 -8.89 -1.29
N PHE D 389 -11.32 -8.86 -0.57
CA PHE D 389 -12.65 -9.19 -1.14
C PHE D 389 -13.66 -8.14 -0.68
N GLU D 390 -14.56 -7.77 -1.60
CA GLU D 390 -15.54 -6.67 -1.45
C GLU D 390 -16.61 -7.09 -0.43
N LYS D 391 -17.14 -8.30 -0.56
CA LYS D 391 -18.18 -8.83 0.37
C LYS D 391 -17.67 -10.12 1.02
N VAL D 392 -17.62 -10.11 2.35
CA VAL D 392 -17.11 -11.21 3.23
C VAL D 392 -18.20 -11.51 4.26
N ALA D 393 -18.57 -12.77 4.42
CA ALA D 393 -19.51 -13.17 5.49
C ALA D 393 -18.73 -13.94 6.56
N VAL D 394 -19.08 -13.71 7.82
CA VAL D 394 -18.54 -14.45 8.99
C VAL D 394 -19.68 -15.22 9.67
N TYR D 395 -19.48 -16.53 9.78
CA TYR D 395 -20.39 -17.50 10.42
C TYR D 395 -19.70 -17.93 11.70
N MET D 396 -20.29 -17.61 12.85
CA MET D 396 -19.64 -17.83 14.15
C MET D 396 -20.55 -18.70 15.02
N SER D 397 -19.98 -19.74 15.61
CA SER D 397 -20.64 -20.60 16.61
C SER D 397 -19.73 -20.67 17.84
N SER D 398 -20.31 -20.45 19.02
CA SER D 398 -19.56 -20.37 20.29
C SER D 398 -20.49 -20.83 21.41
N PHE D 399 -19.97 -21.66 22.30
CA PHE D 399 -20.72 -22.17 23.48
C PHE D 399 -19.73 -22.82 24.43
N THR D 400 -20.14 -23.01 25.68
CA THR D 400 -19.49 -23.90 26.66
C THR D 400 -19.89 -25.33 26.30
N PRO D 401 -18.95 -26.24 25.97
CA PRO D 401 -19.33 -27.64 25.76
C PRO D 401 -20.10 -28.17 26.99
N LEU D 402 -21.16 -28.94 26.72
CA LEU D 402 -22.00 -29.65 27.73
C LEU D 402 -21.12 -30.33 28.76
N MET D 403 -20.07 -31.02 28.34
CA MET D 403 -19.21 -31.83 29.25
C MET D 403 -18.54 -30.91 30.29
N HIS D 404 -18.34 -29.63 29.96
CA HIS D 404 -17.62 -28.66 30.83
C HIS D 404 -18.55 -27.95 31.81
N ASN D 405 -19.87 -28.04 31.62
CA ASN D 405 -20.83 -27.75 32.73
C ASN D 405 -20.69 -28.83 33.80
N ILE D 406 -20.47 -30.07 33.41
CA ILE D 406 -20.32 -31.21 34.36
C ILE D 406 -18.90 -31.18 34.96
N SER D 407 -17.87 -30.98 34.14
CA SER D 407 -16.44 -30.95 34.56
C SER D 407 -16.19 -29.78 35.52
N GLY D 408 -16.85 -28.65 35.29
CA GLY D 408 -16.63 -27.38 36.02
C GLY D 408 -15.76 -26.40 35.26
N SER D 409 -15.18 -26.79 34.11
CA SER D 409 -14.28 -25.95 33.28
C SER D 409 -15.11 -25.07 32.34
N LYS D 410 -15.99 -24.24 32.91
CA LYS D 410 -17.06 -23.49 32.17
C LYS D 410 -16.45 -22.34 31.37
N TYR D 411 -15.21 -21.97 31.69
CA TYR D 411 -14.40 -20.95 30.97
C TYR D 411 -13.94 -21.49 29.61
N LYS D 412 -14.00 -22.80 29.40
CA LYS D 412 -13.49 -23.45 28.17
C LYS D 412 -14.51 -23.29 27.05
N LYS D 413 -14.64 -22.09 26.50
CA LYS D 413 -15.59 -21.82 25.39
C LYS D 413 -15.06 -22.43 24.09
N PHE D 414 -15.90 -23.19 23.41
CA PHE D 414 -15.66 -23.65 22.02
C PHE D 414 -15.97 -22.47 21.10
N VAL D 415 -15.17 -22.32 20.04
CA VAL D 415 -15.36 -21.27 18.99
C VAL D 415 -15.15 -21.92 17.63
N ALA D 416 -16.13 -21.78 16.73
CA ALA D 416 -15.99 -22.15 15.29
C ALA D 416 -16.39 -20.95 14.45
N LYS D 417 -15.55 -20.60 13.48
CA LYS D 417 -15.75 -19.45 12.57
C LYS D 417 -15.41 -19.85 11.15
N ILE D 418 -16.37 -19.61 10.24
CA ILE D 418 -16.14 -19.75 8.77
C ILE D 418 -16.17 -18.34 8.19
N VAL D 419 -15.16 -18.05 7.37
CA VAL D 419 -15.03 -16.78 6.61
C VAL D 419 -15.18 -17.13 5.13
N THR D 420 -16.15 -16.49 4.47
CA THR D 420 -16.47 -16.73 3.04
C THR D 420 -16.36 -15.44 2.23
N ASN D 421 -16.05 -15.62 0.97
CA ASN D 421 -16.34 -14.62 -0.08
C ASN D 421 -17.85 -14.71 -0.33
N HIS D 422 -18.61 -13.73 0.13
CA HIS D 422 -20.09 -13.76 0.10
C HIS D 422 -20.60 -13.72 -1.35
N SER D 423 -19.81 -13.16 -2.27
CA SER D 423 -20.18 -13.06 -3.71
CA SER D 423 -20.13 -13.07 -3.72
C SER D 423 -20.46 -14.45 -4.27
N ASP D 424 -19.62 -15.45 -4.01
CA ASP D 424 -19.82 -16.81 -4.58
C ASP D 424 -19.91 -17.91 -3.50
N GLY D 425 -19.80 -17.58 -2.20
CA GLY D 425 -19.89 -18.56 -1.10
C GLY D 425 -18.58 -19.30 -0.81
N THR D 426 -17.51 -19.02 -1.55
CA THR D 426 -16.20 -19.71 -1.39
C THR D 426 -15.74 -19.55 0.07
N VAL D 427 -15.40 -20.67 0.72
CA VAL D 427 -14.79 -20.63 2.09
C VAL D 427 -13.34 -20.17 1.96
N LEU D 428 -13.00 -19.07 2.65
CA LEU D 428 -11.66 -18.43 2.61
C LEU D 428 -10.83 -18.89 3.82
N GLY D 429 -11.49 -19.10 4.97
CA GLY D 429 -10.82 -19.57 6.18
C GLY D 429 -11.77 -20.25 7.14
N VAL D 430 -11.23 -21.16 7.96
CA VAL D 430 -11.93 -21.86 9.07
C VAL D 430 -11.04 -21.76 10.33
N HIS D 431 -11.65 -21.40 11.46
CA HIS D 431 -10.92 -21.07 12.72
C HIS D 431 -11.64 -21.72 13.89
N LEU D 432 -10.96 -22.62 14.60
CA LEU D 432 -11.54 -23.45 15.69
C LEU D 432 -10.70 -23.28 16.95
N LEU D 433 -11.37 -23.14 18.09
CA LEU D 433 -10.79 -23.28 19.44
C LEU D 433 -11.63 -24.32 20.18
N GLY D 434 -11.03 -25.44 20.56
CA GLY D 434 -11.70 -26.47 21.36
C GLY D 434 -11.07 -27.82 21.18
N ASP D 435 -11.48 -28.76 22.03
CA ASP D 435 -10.90 -30.12 22.00
C ASP D 435 -11.08 -30.66 20.57
N GLY D 436 -10.02 -31.24 20.01
CA GLY D 436 -10.03 -31.89 18.69
C GLY D 436 -9.90 -30.92 17.54
N ALA D 437 -9.72 -29.62 17.78
CA ALA D 437 -9.65 -28.60 16.71
C ALA D 437 -8.57 -28.95 15.69
N PRO D 438 -7.33 -29.31 16.09
CA PRO D 438 -6.30 -29.73 15.13
C PRO D 438 -6.71 -30.97 14.31
N GLU D 439 -7.42 -31.91 14.94
CA GLU D 439 -7.94 -33.13 14.26
C GLU D 439 -9.04 -32.70 13.27
N ILE D 440 -9.92 -31.80 13.68
CA ILE D 440 -11.05 -31.35 12.82
C ILE D 440 -10.49 -30.67 11.57
N ILE D 441 -9.46 -29.84 11.72
CA ILE D 441 -9.10 -28.84 10.67
C ILE D 441 -8.41 -29.53 9.47
N GLN D 442 -7.84 -30.72 9.65
CA GLN D 442 -7.03 -31.37 8.59
C GLN D 442 -7.88 -31.59 7.34
N ALA D 443 -9.06 -32.20 7.49
CA ALA D 443 -9.92 -32.48 6.32
C ALA D 443 -10.53 -31.16 5.82
N VAL D 444 -10.63 -30.14 6.67
CA VAL D 444 -11.03 -28.76 6.24
C VAL D 444 -9.98 -28.25 5.24
N GLY D 445 -8.71 -28.57 5.48
CA GLY D 445 -7.62 -28.19 4.57
C GLY D 445 -7.83 -28.80 3.21
N VAL D 446 -8.31 -30.03 3.15
CA VAL D 446 -8.70 -30.66 1.86
C VAL D 446 -9.88 -29.87 1.26
N CYS D 447 -10.92 -29.56 2.04
CA CYS D 447 -12.13 -28.83 1.54
C CYS D 447 -11.69 -27.53 0.85
N LEU D 448 -10.81 -26.76 1.47
CA LEU D 448 -10.38 -25.45 0.91
C LEU D 448 -9.57 -25.66 -0.36
N ARG D 449 -8.75 -26.72 -0.44
CA ARG D 449 -7.98 -27.08 -1.67
CA ARG D 449 -7.98 -27.01 -1.68
C ARG D 449 -8.98 -27.38 -2.79
N LEU D 450 -10.16 -27.88 -2.44
CA LEU D 450 -11.26 -28.23 -3.39
C LEU D 450 -12.18 -27.03 -3.64
N ASN D 451 -11.90 -25.85 -3.07
CA ASN D 451 -12.70 -24.62 -3.26
C ASN D 451 -14.11 -24.86 -2.74
N ALA D 452 -14.22 -25.56 -1.60
CA ALA D 452 -15.50 -25.71 -0.88
C ALA D 452 -16.16 -24.34 -0.72
N LYS D 453 -17.48 -24.32 -0.90
CA LYS D 453 -18.37 -23.18 -0.55
C LYS D 453 -19.10 -23.49 0.76
N ILE D 454 -19.60 -22.47 1.43
CA ILE D 454 -20.35 -22.62 2.71
C ILE D 454 -21.48 -23.67 2.52
N SER D 455 -22.14 -23.69 1.35
CA SER D 455 -23.28 -24.60 1.09
C SER D 455 -22.78 -26.05 1.05
N ASP D 456 -21.54 -26.28 0.63
CA ASP D 456 -20.94 -27.62 0.64
C ASP D 456 -20.86 -28.11 2.09
N PHE D 457 -20.57 -27.20 3.03
CA PHE D 457 -20.54 -27.50 4.48
C PHE D 457 -21.97 -27.71 5.02
N TYR D 458 -22.92 -26.80 4.79
CA TYR D 458 -24.25 -26.87 5.48
C TYR D 458 -25.16 -27.90 4.79
N ASN D 459 -24.80 -28.38 3.58
CA ASN D 459 -25.54 -29.46 2.88
C ASN D 459 -24.96 -30.82 3.24
N THR D 460 -23.79 -30.85 3.89
CA THR D 460 -23.19 -32.11 4.42
C THR D 460 -23.92 -32.46 5.74
N ILE D 461 -24.36 -33.70 5.86
CA ILE D 461 -25.03 -34.18 7.10
C ILE D 461 -24.01 -34.27 8.22
N GLY D 462 -24.40 -33.80 9.41
CA GLY D 462 -23.53 -33.72 10.58
C GLY D 462 -23.26 -35.11 11.13
N VAL D 463 -22.14 -35.26 11.85
CA VAL D 463 -21.81 -36.36 12.77
C VAL D 463 -22.16 -35.87 14.17
N HIS D 464 -23.07 -36.55 14.85
CA HIS D 464 -23.61 -36.08 16.16
C HIS D 464 -23.34 -37.15 17.21
N PRO D 465 -22.94 -36.79 18.44
CA PRO D 465 -22.59 -35.41 18.80
C PRO D 465 -21.08 -35.16 18.72
N THR D 466 -20.68 -34.14 17.98
CA THR D 466 -19.26 -33.69 17.85
C THR D 466 -19.22 -32.17 17.96
N SER D 467 -18.03 -31.60 18.14
CA SER D 467 -17.77 -30.16 17.92
C SER D 467 -17.78 -29.85 16.42
N ALA D 468 -17.22 -30.74 15.59
CA ALA D 468 -17.03 -30.55 14.13
C ALA D 468 -18.35 -30.29 13.42
N GLU D 469 -19.46 -30.88 13.85
CA GLU D 469 -20.78 -30.71 13.18
C GLU D 469 -21.18 -29.22 13.17
N GLU D 470 -20.63 -28.39 14.07
CA GLU D 470 -20.92 -26.94 14.13
C GLU D 470 -20.56 -26.31 12.77
N LEU D 471 -19.53 -26.82 12.10
CA LEU D 471 -19.07 -26.35 10.76
C LEU D 471 -20.14 -26.58 9.70
N CYS D 472 -21.06 -27.52 9.93
CA CYS D 472 -22.08 -27.99 8.95
C CYS D 472 -23.48 -27.48 9.33
N SER D 473 -23.60 -26.72 10.42
CA SER D 473 -24.87 -26.20 11.02
C SER D 473 -25.00 -24.68 10.82
N MET D 474 -24.12 -24.06 10.04
CA MET D 474 -24.05 -22.57 9.95
C MET D 474 -24.56 -22.17 8.56
N ARG D 475 -25.82 -21.71 8.51
CA ARG D 475 -26.62 -21.42 7.30
CA ARG D 475 -26.57 -21.42 7.26
C ARG D 475 -26.59 -19.91 7.02
N THR D 476 -26.58 -19.09 8.08
CA THR D 476 -26.77 -17.62 8.03
C THR D 476 -25.58 -16.89 8.64
N PRO D 477 -24.92 -15.96 7.93
CA PRO D 477 -23.79 -15.21 8.50
C PRO D 477 -24.18 -14.52 9.81
N SER D 478 -23.25 -14.40 10.74
CA SER D 478 -23.43 -13.63 12.00
C SER D 478 -23.17 -12.15 11.72
N TYR D 479 -22.28 -11.84 10.77
CA TYR D 479 -22.03 -10.46 10.30
C TYR D 479 -21.23 -10.49 8.99
N TYR D 480 -21.06 -9.31 8.38
CA TYR D 480 -20.35 -9.14 7.09
C TYR D 480 -19.24 -8.10 7.22
N TYR D 481 -18.36 -8.08 6.23
CA TYR D 481 -17.49 -6.93 5.88
C TYR D 481 -17.82 -6.57 4.43
N VAL D 482 -18.20 -5.32 4.18
CA VAL D 482 -18.47 -4.77 2.82
C VAL D 482 -17.46 -3.65 2.59
N LYS D 483 -16.58 -3.81 1.59
CA LYS D 483 -15.38 -2.96 1.32
C LYS D 483 -14.69 -2.61 2.65
N GLY D 484 -14.39 -3.62 3.46
CA GLY D 484 -13.53 -3.48 4.65
C GLY D 484 -14.27 -3.07 5.92
N GLU D 485 -15.56 -2.72 5.86
CA GLU D 485 -16.26 -2.20 7.07
C GLU D 485 -17.26 -3.27 7.57
N LYS D 486 -17.25 -3.49 8.89
CA LYS D 486 -18.10 -4.48 9.60
C LYS D 486 -19.55 -3.98 9.68
N MET D 487 -20.53 -4.85 9.41
CA MET D 487 -21.99 -4.52 9.54
C MET D 487 -22.80 -5.77 9.86
N GLU D 488 -23.96 -5.58 10.51
CA GLU D 488 -24.88 -6.67 10.95
CA GLU D 488 -24.90 -6.65 10.94
C GLU D 488 -25.59 -7.23 9.70
N LYS D 489 -26.10 -6.35 8.84
CA LYS D 489 -26.85 -6.70 7.61
C LYS D 489 -26.05 -6.19 6.40
N LEU D 490 -26.37 -6.64 5.18
CA LEU D 490 -25.68 -6.22 3.91
C LEU D 490 -26.17 -4.84 3.48
N PRO D 491 -25.29 -4.01 2.87
CA PRO D 491 -25.60 -2.60 2.56
C PRO D 491 -26.71 -2.37 1.52
PA FAD E . -13.69 23.98 -18.82
O1A FAD E . -14.17 24.36 -17.48
O2A FAD E . -12.58 24.72 -19.48
O5B FAD E . -14.91 23.88 -19.85
C5B FAD E . -16.08 23.16 -19.51
C4B FAD E . -17.25 23.81 -20.20
O4B FAD E . -18.41 22.94 -20.15
C3B FAD E . -17.70 25.16 -19.61
O3B FAD E . -17.55 26.17 -20.60
C2B FAD E . -19.17 24.91 -19.23
O2B FAD E . -20.00 26.01 -19.51
C1B FAD E . -19.57 23.74 -20.13
N9A FAD E . -20.70 22.86 -19.72
C8A FAD E . -20.86 22.29 -18.48
N7A FAD E . -21.86 21.45 -18.44
C5A FAD E . -22.35 21.43 -19.72
C6A FAD E . -23.39 20.70 -20.35
N6A FAD E . -24.09 19.77 -19.71
N1A FAD E . -23.61 20.89 -21.67
C2A FAD E . -22.85 21.78 -22.31
N3A FAD E . -21.83 22.51 -21.84
C4A FAD E . -21.63 22.29 -20.52
N1 FAD E . -5.77 26.47 -14.64
C2 FAD E . -4.54 26.77 -15.07
O2 FAD E . -3.91 25.99 -15.79
N3 FAD E . -3.92 27.95 -14.70
C4 FAD E . -4.51 28.89 -13.91
O4 FAD E . -3.92 29.95 -13.67
C4X FAD E . -5.84 28.62 -13.49
N5 FAD E . -6.48 29.50 -12.76
C5X FAD E . -7.78 29.21 -12.40
C6 FAD E . -8.50 30.12 -11.61
C7 FAD E . -9.81 29.88 -11.25
C7M FAD E . -10.57 30.89 -10.43
C8 FAD E . -10.45 28.67 -11.69
C8M FAD E . -11.89 28.38 -11.33
C9 FAD E . -9.76 27.77 -12.41
C9A FAD E . -8.43 28.02 -12.80
N10 FAD E . -7.70 27.09 -13.53
C10 FAD E . -6.39 27.36 -13.91
C1' FAD E . -8.29 25.80 -13.90
C2' FAD E . -8.80 25.73 -15.32
O2' FAD E . -9.80 26.73 -15.51
C3' FAD E . -9.38 24.35 -15.60
O3' FAD E . -8.49 23.31 -15.24
C4' FAD E . -9.78 24.16 -17.07
O4' FAD E . -10.58 25.26 -17.48
C5' FAD E . -10.59 22.88 -17.24
O5' FAD E . -10.77 22.63 -18.64
P FAD E . -11.93 21.62 -19.11
O1P FAD E . -11.77 21.44 -20.58
O2P FAD E . -11.87 20.43 -18.22
O3P FAD E . -13.25 22.45 -18.72
F1 YIA F . 21.64 43.78 -8.62
C1 YIA F . 21.02 42.60 -8.92
C2 YIA F . 19.77 42.65 -9.46
C3 YIA F . 19.14 41.46 -9.76
C4 YIA F . 19.75 40.24 -9.52
C5 YIA F . 19.03 38.95 -9.84
C6 YIA F . 18.29 38.45 -8.63
N1 YIA F . 19.21 38.18 -7.52
C7 YIA F . 19.39 38.99 -6.47
C8 YIA F . 20.27 38.47 -5.42
C9 YIA F . 20.56 38.89 -4.17
C10 YIA F . 21.47 37.97 -3.63
C11 YIA F . 21.70 37.03 -4.56
C12 YIA F . 22.57 35.84 -4.60
N2 YIA F . 23.99 36.21 -4.60
C13 YIA F . 24.39 37.39 -5.29
C14 YIA F . 24.10 37.57 -6.64
C15 YIA F . 24.51 38.71 -7.31
C16 YIA F . 25.21 39.66 -6.62
F2 YIA F . 25.62 40.78 -7.26
C17 YIA F . 25.52 39.54 -5.29
C18 YIA F . 25.10 38.39 -4.63
C19 YIA F . 24.90 35.49 -3.84
N3 YIA F . 26.13 35.14 -4.33
C20 YIA F . 26.67 35.33 -5.68
C21 YIA F . 28.07 35.90 -5.65
N4 YIA F . 29.01 35.02 -4.86
C22 YIA F . 30.38 35.69 -4.75
C23 YIA F . 31.26 35.21 -3.57
C24 YIA F . 31.20 36.15 -2.35
C25 YIA F . 31.40 35.56 -0.96
C26 YIA F . 31.61 36.41 0.11
C27 YIA F . 31.78 35.91 1.40
C28 YIA F . 31.72 34.55 1.63
C29 YIA F . 31.50 33.70 0.57
C30 YIA F . 31.33 34.19 -0.71
C31 YIA F . 29.20 33.69 -5.53
C32 YIA F . 28.42 34.89 -3.47
C33 YIA F . 27.01 34.34 -3.48
O1 YIA F . 24.56 35.10 -2.73
O2 YIA F . 20.98 37.33 -5.68
O3 YIA F . 18.82 40.09 -6.37
C34 YIA F . 21.02 40.24 -8.95
C35 YIA F . 21.69 41.43 -8.66
C1 PEG G . -39.27 22.00 -36.65
O1 PEG G . -38.55 22.12 -35.43
C2 PEG G . -38.46 22.38 -37.86
O2 PEG G . -39.26 23.09 -38.81
C3 PEG G . -39.24 22.54 -40.12
C4 PEG G . -37.84 22.56 -40.72
O4 PEG G . -36.96 23.45 -40.05
C1 PEG H . -9.65 23.47 -6.54
O1 PEG H . -8.89 23.35 -7.79
C2 PEG H . -9.69 24.91 -6.05
O2 PEG H . -10.59 25.12 -4.96
C3 PEG H . -11.21 26.39 -5.02
C4 PEG H . -12.71 26.25 -4.94
O4 PEG H . -13.43 27.29 -5.52
C1 PEG I . -30.13 36.31 8.26
O1 PEG I . -29.19 36.45 9.31
C2 PEG I . -30.11 34.94 7.66
O2 PEG I . -28.93 34.29 8.07
C3 PEG I . -29.03 32.87 8.23
C4 PEG I . -28.30 32.44 9.47
O4 PEG I . -27.41 31.37 9.25
N1 IMD J . 12.40 3.96 -0.60
C2 IMD J . 12.80 3.13 0.37
N3 IMD J . 13.00 3.85 1.45
C4 IMD J . 12.46 5.09 1.26
C5 IMD J . 12.10 5.17 -0.03
C1 PEG K . 22.22 29.87 2.15
C1 PEG K . 19.65 29.96 1.71
O1 PEG K . 22.53 31.25 2.32
O1 PEG K . 18.85 28.81 1.83
C2 PEG K . 21.10 29.65 1.17
C2 PEG K . 20.78 29.78 0.74
O2 PEG K . 20.96 30.77 0.30
O2 PEG K . 20.72 30.77 -0.28
C3 PEG K . 21.90 30.76 -0.78
C3 PEG K . 21.81 30.71 -1.19
C4 PEG K . 21.81 32.05 -1.54
C4 PEG K . 22.02 32.05 -1.83
O4 PEG K . 22.33 31.96 -2.86
O4 PEG K . 22.60 31.94 -3.12
C1 PEG L . 3.74 16.94 -10.89
O1 PEG L . 4.46 18.12 -11.22
C2 PEG L . 4.62 15.85 -10.27
O2 PEG L . 5.18 14.98 -11.26
C3 PEG L . 6.53 14.58 -10.98
C4 PEG L . 6.62 13.11 -10.91
O4 PEG L . 7.77 12.62 -11.53
S DMS M . 5.49 58.19 -2.82
O DMS M . 6.41 57.76 -3.93
C1 DMS M . 6.47 58.15 -1.32
C2 DMS M . 4.44 56.80 -2.48
F1 YIA N . -5.04 37.03 -19.41
C1 YIA N . -3.78 36.63 -19.73
C2 YIA N . -2.73 37.16 -19.03
C3 YIA N . -1.45 36.72 -19.36
C4 YIA N . -1.24 35.80 -20.38
C5 YIA N . 0.15 35.35 -20.73
C6 YIA N . 0.79 36.18 -21.81
N1 YIA N . 0.10 36.03 -23.08
C7 YIA N . -0.76 36.93 -23.56
C8 YIA N . -1.29 36.66 -24.90
C9 YIA N . -1.88 37.44 -25.83
C10 YIA N . -2.12 36.64 -26.96
C11 YIA N . -1.67 35.40 -26.69
C12 YIA N . -1.62 34.12 -27.45
N2 YIA N . -2.92 33.48 -27.64
C13 YIA N . -3.79 33.42 -26.50
C14 YIA N . -3.33 32.92 -25.28
C15 YIA N . -4.15 32.87 -24.17
C16 YIA N . -5.44 33.33 -24.30
F2 YIA N . -6.26 33.28 -23.22
C17 YIA N . -5.94 33.83 -25.47
C18 YIA N . -5.10 33.88 -26.57
C19 YIA N . -3.32 33.10 -28.93
N3 YIA N . -3.99 31.94 -29.20
C20 YIA N . -4.70 31.06 -28.29
C21 YIA N . -6.13 30.88 -28.75
N4 YIA N . -6.17 30.32 -30.15
C22 YIA N . -7.61 30.21 -30.62
C23 YIA N . -7.78 30.44 -32.12
C24 YIA N . -7.70 29.16 -32.95
C25 YIA N . -7.56 27.88 -32.15
C26 YIA N . -6.44 27.08 -32.28
C27 YIA N . -6.31 25.91 -31.54
C28 YIA N . -7.31 25.52 -30.68
C29 YIA N . -8.43 26.31 -30.55
C30 YIA N . -8.56 27.48 -31.28
C31 YIA N . -5.52 28.97 -30.18
C32 YIA N . -5.43 31.28 -31.05
C33 YIA N . -4.01 31.44 -30.58
O1 YIA N . -3.00 33.84 -29.87
O2 YIA N . -1.15 35.40 -25.43
O3 YIA N . -1.01 37.96 -22.93
C34 YIA N . -2.34 35.31 -21.07
C35 YIA N . -3.63 35.72 -20.75
PA FAD O . 36.23 42.17 -14.30
O1A FAD O . 36.18 43.40 -15.16
O2A FAD O . 35.01 41.76 -13.55
O5B FAD O . 37.40 42.36 -13.25
C5B FAD O . 38.67 42.95 -13.62
C4B FAD O . 39.23 43.62 -12.39
O4B FAD O . 40.65 43.84 -12.53
C3B FAD O . 38.61 44.97 -12.04
O3B FAD O . 38.03 44.91 -10.74
C2B FAD O . 39.78 45.95 -12.10
O2B FAD O . 39.69 46.93 -11.09
C1B FAD O . 40.98 45.04 -11.87
N9A FAD O . 42.23 45.44 -12.45
C8A FAD O . 42.46 45.85 -13.74
N7A FAD O . 43.74 46.01 -14.00
C5A FAD O . 44.39 45.64 -12.83
C6A FAD O . 45.75 45.58 -12.46
N6A FAD O . 46.74 45.85 -13.31
N1A FAD O . 46.06 45.15 -11.22
C2A FAD O . 45.04 44.86 -10.39
N3A FAD O . 43.72 44.86 -10.63
C4A FAD O . 43.46 45.28 -11.87
N1 FAD O . 27.86 40.84 -18.14
C2 FAD O . 26.81 40.03 -17.94
O2 FAD O . 26.93 38.82 -17.91
N3 FAD O . 25.57 40.53 -17.71
C4 FAD O . 25.30 41.87 -17.69
O4 FAD O . 24.16 42.23 -17.43
C4X FAD O . 26.39 42.75 -17.88
N5 FAD O . 26.19 44.03 -17.88
C5X FAD O . 27.28 44.85 -18.04
C6 FAD O . 27.10 46.25 -18.02
C7 FAD O . 28.15 47.13 -18.18
C7M FAD O . 27.90 48.61 -18.15
C8 FAD O . 29.46 46.62 -18.35
C8M FAD O . 30.65 47.54 -18.51
C9 FAD O . 29.64 45.25 -18.42
C9A FAD O . 28.58 44.34 -18.26
N10 FAD O . 28.73 42.96 -18.33
C10 FAD O . 27.66 42.12 -18.13
C1' FAD O . 30.07 42.38 -18.59
C2' FAD O . 30.75 41.95 -17.33
O2' FAD O . 30.82 43.06 -16.46
C3' FAD O . 32.14 41.41 -17.66
O3' FAD O . 32.06 40.45 -18.74
C4' FAD O . 32.81 40.73 -16.45
O4' FAD O . 32.85 41.65 -15.36
C5' FAD O . 34.22 40.32 -16.77
O5' FAD O . 34.80 39.56 -15.70
P FAD O . 36.39 39.48 -15.66
O1P FAD O . 36.79 38.53 -14.56
O2P FAD O . 37.00 39.38 -17.01
O3P FAD O . 36.79 40.98 -15.21
N1 IMD P . 37.18 54.15 -4.34
C2 IMD P . 37.70 55.36 -4.06
N3 IMD P . 38.74 55.16 -3.29
C4 IMD P . 38.68 53.88 -2.80
C5 IMD P . 37.83 53.21 -3.57
C1 PEG Q . 13.39 42.57 -16.05
O1 PEG Q . 13.65 42.84 -14.66
C2 PEG Q . 13.99 41.22 -16.52
O2 PEG Q . 13.11 40.08 -16.49
C3 PEG Q . 11.76 40.46 -16.52
C4 PEG Q . 11.50 41.38 -17.69
O4 PEG Q . 10.29 42.08 -17.58
C1 PEG R . 3.63 17.74 -35.12
O1 PEG R . 2.81 18.21 -34.08
C2 PEG R . 4.41 18.84 -35.78
O2 PEG R . 3.96 19.03 -37.11
C3 PEG R . 2.87 19.93 -37.22
C4 PEG R . 2.34 19.91 -38.62
O4 PEG R . 2.73 21.06 -39.35
C1 PEG S . 39.28 57.35 -15.61
O1 PEG S . 38.60 56.70 -16.67
C2 PEG S . 39.28 58.85 -15.75
O2 PEG S . 38.93 59.45 -14.50
C3 PEG S . 39.96 59.42 -13.51
C4 PEG S . 39.36 59.47 -12.13
O4 PEG S . 38.93 60.79 -11.75
N1 IMD T . 3.17 55.82 -24.40
C2 IMD T . 3.21 57.02 -23.80
N3 IMD T . 4.47 57.25 -23.46
C4 IMD T . 5.27 56.29 -24.02
C5 IMD T . 4.45 55.29 -24.38
C1 PEG U . 40.31 53.00 -24.09
O1 PEG U . 39.65 53.92 -23.24
C2 PEG U . 40.99 53.68 -25.22
O2 PEG U . 40.10 53.86 -26.31
C3 PEG U . 40.01 52.74 -27.17
C4 PEG U . 41.13 52.73 -28.17
O4 PEG U . 41.03 51.63 -29.05
C1 PEG V . 35.89 24.12 -25.66
O1 PEG V . 36.32 25.27 -26.33
C2 PEG V . 34.53 23.68 -26.09
O2 PEG V . 34.17 22.46 -25.44
C3 PEG V . 33.41 22.66 -24.25
C4 PEG V . 33.52 21.48 -23.33
O4 PEG V . 32.67 21.60 -22.21
C1 PEG W . 30.29 60.13 -6.56
O1 PEG W . 31.24 60.65 -7.47
C2 PEG W . 30.94 59.43 -5.40
O2 PEG W . 29.98 58.64 -4.70
C3 PEG W . 30.20 57.24 -4.79
C4 PEG W . 31.43 56.85 -4.01
O4 PEG W . 32.49 56.41 -4.86
C1 PEG X . 43.08 55.13 -15.83
O1 PEG X . 42.91 56.18 -14.89
C2 PEG X . 42.52 53.84 -15.33
O2 PEG X . 42.64 52.82 -16.31
C3 PEG X . 43.99 52.45 -16.57
C4 PEG X . 44.06 51.78 -17.90
O4 PEG X . 43.97 50.39 -17.76
C1 PEG Y . 16.65 65.70 -11.18
O1 PEG Y . 15.52 65.99 -11.96
C2 PEG Y . 16.56 64.37 -10.49
O2 PEG Y . 17.68 64.17 -9.62
C3 PEG Y . 17.38 64.45 -8.26
C4 PEG Y . 17.70 65.87 -7.91
O4 PEG Y . 17.74 66.07 -6.49
C1 PEG Z . 28.78 50.31 -32.20
O1 PEG Z . 30.14 50.18 -32.62
C2 PEG Z . 28.20 49.03 -31.70
O2 PEG Z . 27.55 49.24 -30.44
C3 PEG Z . 28.34 48.90 -29.29
C4 PEG Z . 28.59 47.41 -29.24
O4 PEG Z . 29.84 47.09 -28.65
S DMS AA . 41.96 25.18 4.44
O DMS AA . 42.95 26.32 4.38
C1 DMS AA . 41.05 25.25 2.91
C2 DMS AA . 40.65 25.69 5.52
S DMS BA . 27.76 72.57 -15.54
O DMS BA . 29.06 72.61 -16.28
C1 DMS BA . 28.12 72.04 -13.89
C2 DMS BA . 26.91 71.11 -16.12
S DMS CA . 25.21 24.19 -46.51
O DMS CA . 25.24 23.33 -45.28
C1 DMS CA . 24.26 25.63 -46.10
C2 DMS CA . 24.09 23.42 -47.66
S DMS DA . -3.12 58.19 -13.58
O DMS DA . -4.26 58.55 -12.65
C1 DMS DA . -2.40 56.71 -12.93
C2 DMS DA . -1.78 59.30 -13.25
PA FAD EA . -36.97 -38.98 18.03
O1A FAD EA . -36.89 -40.32 18.67
O2A FAD EA . -35.78 -38.06 18.25
O5B FAD EA . -38.31 -38.22 18.47
C5B FAD EA . -39.59 -38.92 18.44
C4B FAD EA . -40.45 -38.37 19.55
O4B FAD EA . -41.82 -38.81 19.37
C3B FAD EA . -40.05 -38.81 20.97
O3B FAD EA . -39.61 -37.67 21.70
C2B FAD EA . -41.32 -39.46 21.55
O2B FAD EA . -41.55 -39.08 22.89
C1B FAD EA . -42.41 -38.94 20.65
N9A FAD EA . -43.62 -39.75 20.42
C8A FAD EA . -43.70 -41.08 20.06
N7A FAD EA . -44.95 -41.45 19.80
C5A FAD EA . -45.70 -40.30 19.98
C6A FAD EA . -47.07 -40.04 19.86
N6A FAD EA . -47.95 -40.95 19.46
N1A FAD EA . -47.51 -38.78 20.12
C2A FAD EA . -46.61 -37.85 20.48
N3A FAD EA . -45.28 -37.98 20.60
C4A FAD EA . -44.89 -39.24 20.35
N1 FAD EA . -27.96 -40.92 16.56
C2 FAD EA . -26.86 -40.17 16.25
O2 FAD EA . -26.82 -39.47 15.25
N3 FAD EA . -25.74 -40.17 17.03
C4 FAD EA . -25.64 -40.91 18.18
O4 FAD EA . -24.60 -40.85 18.84
C4X FAD EA . -26.80 -41.67 18.56
N5 FAD EA . -26.76 -42.36 19.68
C5X FAD EA . -27.90 -43.02 20.05
C6 FAD EA . -27.89 -43.75 21.26
C7 FAD EA . -29.00 -44.44 21.70
C7M FAD EA . -28.95 -45.17 23.02
C8 FAD EA . -30.18 -44.40 20.94
C8M FAD EA . -31.42 -45.14 21.41
C9 FAD EA . -30.20 -43.75 19.72
C9A FAD EA . -29.08 -43.03 19.26
N10 FAD EA . -29.04 -42.33 18.05
C10 FAD EA . -27.93 -41.62 17.67
C1' FAD EA . -30.20 -42.31 17.15
C2' FAD EA . -31.00 -41.03 17.27
O2' FAD EA . -31.38 -40.86 18.63
C3' FAD EA . -32.24 -41.09 16.39
O3' FAD EA . -31.91 -41.46 15.07
C4' FAD EA . -33.02 -39.78 16.39
O4' FAD EA . -33.43 -39.49 17.73
C5' FAD EA . -34.22 -39.84 15.48
O5' FAD EA . -35.01 -38.63 15.54
P FAD EA . -36.55 -38.72 15.11
O1P FAD EA . -36.95 -37.32 14.77
O2P FAD EA . -36.81 -39.85 14.15
O3P FAD EA . -37.28 -39.12 16.47
C1 PEG FA . -1.44 -43.90 39.29
O1 PEG FA . -1.79 -44.52 40.49
C2 PEG FA . -0.32 -42.96 39.48
O2 PEG FA . 0.83 -43.66 39.97
C3 PEG FA . 1.00 -43.59 41.39
C4 PEG FA . 2.38 -44.08 41.77
O4 PEG FA . 3.30 -44.01 40.68
C1 PEG GA . -23.34 -42.31 46.67
O1 PEG GA . -22.85 -43.19 45.68
C2 PEG GA . -22.91 -40.87 46.43
O2 PEG GA . -23.46 -40.38 45.21
C3 PEG GA . -24.49 -39.39 45.36
C4 PEG GA . -24.34 -38.33 44.30
O4 PEG GA . -25.42 -38.30 43.38
C1 PEG HA . -28.23 -27.11 27.46
O1 PEG HA . -27.63 -27.41 28.70
C2 PEG HA . -27.65 -25.90 26.81
O2 PEG HA . -27.93 -25.93 25.41
C3 PEG HA . -29.28 -25.59 25.10
C4 PEG HA . -29.42 -25.39 23.62
O4 PEG HA . -30.43 -24.46 23.29
C1 PEG IA . 4.42 -35.56 8.60
O1 PEG IA . 4.10 -34.24 9.03
C2 PEG IA . 5.02 -36.41 9.67
O2 PEG IA . 6.27 -35.85 10.06
C3 PEG IA . 7.35 -36.78 10.08
C4 PEG IA . 8.24 -36.57 8.88
O4 PEG IA . 7.72 -37.14 7.69
C1 PEG JA . -40.66 -53.51 21.85
O1 PEG JA . -40.72 -52.41 20.97
C2 PEG JA . -39.83 -54.61 21.28
O2 PEG JA . -40.58 -55.38 20.34
C3 PEG JA . -39.83 -55.74 19.18
C4 PEG JA . -40.76 -56.19 18.09
O4 PEG JA . -40.03 -56.57 16.93
C1 PEG KA . -34.15 -61.42 17.30
O1 PEG KA . -33.74 -61.20 15.96
C2 PEG KA . -35.65 -61.46 17.43
O2 PEG KA . -36.17 -60.13 17.45
C3 PEG KA . -37.60 -60.11 17.36
C4 PEG KA . -38.12 -58.85 17.98
O4 PEG KA . -39.46 -58.97 18.40
C1 PEG LA . -27.64 -60.31 46.30
O1 PEG LA . -27.24 -61.28 47.27
C2 PEG LA . -26.47 -59.69 45.61
O2 PEG LA . -25.79 -60.69 44.86
C3 PEG LA . -24.69 -60.18 44.10
C4 PEG LA . -25.17 -59.10 43.18
O4 PEG LA . -24.16 -58.71 42.23
N1 IMD MA . -44.59 -49.23 17.87
C2 IMD MA . -44.56 -50.06 16.81
N3 IMD MA . -44.30 -51.28 17.26
C4 IMD MA . -44.07 -51.21 18.60
C5 IMD MA . -44.26 -49.94 18.99
C1 PEG NA . -46.23 -44.66 -2.61
O1 PEG NA . -47.63 -44.78 -2.56
C2 PEG NA . -45.72 -43.42 -1.92
O2 PEG NA . -46.57 -42.32 -2.20
C3 PEG NA . -46.52 -41.88 -3.56
C4 PEG NA . -45.52 -40.79 -3.71
O4 PEG NA . -46.10 -39.61 -4.25
C1 PEG OA . -20.50 -34.75 40.69
O1 PEG OA . -21.07 -34.12 39.55
C2 PEG OA . -19.81 -33.77 41.60
O2 PEG OA . -19.35 -34.45 42.77
C3 PEG OA . -17.92 -34.44 42.94
C4 PEG OA . -17.47 -33.12 43.53
O4 PEG OA . -16.12 -33.16 43.94
F1 YIA PA . 4.62 -37.00 19.40
C1 YIA PA . 3.52 -37.22 18.66
C2 YIA PA . 2.32 -37.07 19.29
C3 YIA PA . 1.17 -37.31 18.57
C4 YIA PA . 1.23 -37.67 17.23
C5 YIA PA . -0.06 -37.96 16.50
C6 YIA PA . 0.12 -38.98 15.42
N1 YIA PA . 0.27 -40.36 15.86
C7 YIA PA . 1.34 -40.91 16.43
C8 YIA PA . 2.15 -41.81 15.60
C9 YIA PA . 2.83 -42.94 15.85
C10 YIA PA . 3.41 -43.36 14.63
C11 YIA PA . 3.05 -42.49 13.69
C12 YIA PA . 3.33 -42.35 12.23
N2 YIA PA . 4.73 -42.04 11.88
C13 YIA PA . 5.42 -41.04 12.65
C14 YIA PA . 4.86 -39.78 12.86
C15 YIA PA . 5.54 -38.82 13.61
C16 YIA PA . 6.77 -39.14 14.12
F2 YIA PA . 7.43 -38.20 14.84
C17 YIA PA . 7.35 -40.36 13.94
C18 YIA PA . 6.68 -41.31 13.19
C19 YIA PA . 5.40 -42.77 10.91
N3 YIA PA . 6.27 -42.18 10.05
C20 YIA PA . 6.07 -40.83 9.50
C21 YIA PA . 7.35 -40.09 9.18
N4 YIA PA . 8.33 -40.92 8.38
C22 YIA PA . 9.60 -40.12 8.13
C23 YIA PA . 10.65 -40.81 7.24
C24 YIA PA . 11.74 -39.90 6.63
C25 YIA PA . 13.13 -40.50 6.46
C26 YIA PA . 13.58 -41.50 7.29
C27 YIA PA . 14.86 -42.06 7.15
C28 YIA PA . 15.69 -41.60 6.16
C29 YIA PA . 15.26 -40.59 5.33
C30 YIA PA . 13.99 -40.05 5.48
C31 YIA PA . 7.72 -41.33 7.06
C32 YIA PA . 8.62 -42.13 9.24
C33 YIA PA . 7.37 -42.96 9.49
O1 YIA PA . 5.18 -43.97 10.81
O2 YIA PA . 2.26 -41.52 14.26
O3 YIA PA . 1.60 -40.71 17.61
C34 YIA PA . 2.48 -37.83 16.64
C35 YIA PA . 3.65 -37.60 17.35
PA FAD QA . 14.79 -28.84 10.68
O1A FAD QA . 15.01 -27.86 11.77
O2A FAD QA . 13.75 -29.92 10.78
O5B FAD QA . 16.14 -29.60 10.35
C5B FAD QA . 17.33 -28.86 10.11
C4B FAD QA . 18.48 -29.71 10.53
O4B FAD QA . 19.72 -29.11 10.09
C3B FAD QA . 18.62 -29.92 12.04
O3B FAD QA . 18.53 -31.30 12.38
C2B FAD QA . 19.99 -29.30 12.36
O2B FAD QA . 20.72 -30.00 13.35
C1B FAD QA . 20.71 -29.43 11.02
N9A FAD QA . 21.80 -28.52 10.74
C8A FAD QA . 21.79 -27.16 10.92
N7A FAD QA . 22.87 -26.59 10.47
C5A FAD QA . 23.63 -27.62 9.93
C6A FAD QA . 24.88 -27.64 9.30
N6A FAD QA . 25.59 -26.56 9.02
N1A FAD QA . 25.33 -28.84 8.85
C2A FAD QA . 24.58 -29.92 9.07
N3A FAD QA . 23.40 -30.02 9.67
C4A FAD QA . 22.97 -28.81 10.09
N1 FAD QA . 5.94 -27.34 13.23
C2 FAD QA . 4.74 -27.98 13.05
O2 FAD QA . 4.30 -28.20 11.91
N3 FAD QA . 3.95 -28.37 14.12
C4 FAD QA . 4.33 -28.16 15.42
O4 FAD QA . 3.62 -28.57 16.33
C4X FAD QA . 5.59 -27.53 15.65
N5 FAD QA . 5.98 -27.34 16.87
C5X FAD QA . 7.21 -26.78 17.07
C6 FAD QA . 7.68 -26.58 18.39
C7 FAD QA . 8.91 -26.02 18.63
C7M FAD QA . 9.40 -25.82 20.04
C8 FAD QA . 9.75 -25.65 17.53
C8M FAD QA . 11.12 -25.07 17.76
C9 FAD QA . 9.29 -25.81 16.26
C9A FAD QA . 8.04 -26.38 15.99
N10 FAD QA . 7.58 -26.57 14.69
C10 FAD QA . 6.35 -27.15 14.47
C1' FAD QA . 8.40 -26.11 13.55
C2' FAD QA . 9.18 -27.20 12.92
O2' FAD QA . 10.04 -27.79 13.87
C3' FAD QA . 10.00 -26.64 11.74
O3' FAD QA . 9.18 -25.90 10.87
C4' FAD QA . 10.66 -27.74 10.93
O4' FAD QA . 11.35 -28.61 11.83
C5' FAD QA . 11.61 -27.18 9.91
O5' FAD QA . 12.05 -28.21 9.01
P FAD QA . 13.42 -27.96 8.20
O1P FAD QA . 13.57 -29.16 7.33
O2P FAD QA . 13.36 -26.57 7.68
O3P FAD QA . 14.52 -28.00 9.35
F1 YIA RA . -23.84 -34.13 25.22
C1 YIA RA . -23.05 -33.67 24.21
C2 YIA RA . -21.71 -33.99 24.23
C3 YIA RA . -20.90 -33.52 23.21
C4 YIA RA . -21.43 -32.74 22.18
C5 YIA RA . -20.56 -32.18 21.09
C6 YIA RA . -19.98 -30.82 21.49
N1 YIA RA . -21.02 -29.81 21.63
C7 YIA RA . -21.51 -29.39 22.81
C8 YIA RA . -22.51 -28.32 22.76
C9 YIA RA . -22.99 -27.46 23.69
C10 YIA RA . -23.91 -26.60 23.01
C11 YIA RA . -23.93 -26.98 21.72
C12 YIA RA . -24.67 -26.53 20.52
N2 YIA RA . -26.10 -26.82 20.59
C13 YIA RA . -26.52 -28.09 21.11
C14 YIA RA . -25.96 -29.28 20.65
C15 YIA RA . -26.37 -30.50 21.16
C16 YIA RA . -27.35 -30.52 22.12
F2 YIA RA . -27.76 -31.72 22.62
C17 YIA RA . -27.91 -29.38 22.61
C18 YIA RA . -27.50 -28.16 22.10
C19 YIA RA . -27.02 -25.83 20.24
N3 YIA RA . -28.20 -26.18 19.66
C20 YIA RA . -28.53 -27.51 19.18
C21 YIA RA . -29.41 -27.49 17.96
N4 YIA RA . -30.73 -26.79 18.20
C22 YIA RA . -31.84 -27.82 18.44
C23 YIA RA . -33.26 -27.28 18.27
C24 YIA RA . -34.27 -27.74 19.34
C25 YIA RA . -35.59 -27.02 19.31
C26 YIA RA . -36.27 -26.73 20.50
C27 YIA RA . -37.48 -26.06 20.49
C28 YIA RA . -38.04 -25.67 19.31
C29 YIA RA . -37.40 -25.95 18.12
C30 YIA RA . -36.18 -26.61 18.12
C31 YIA RA . -31.07 -25.95 17.00
C32 YIA RA . -30.62 -25.92 19.45
C33 YIA RA . -29.28 -25.21 19.51
O1 YIA RA . -26.73 -24.66 20.44
O2 YIA RA . -23.09 -28.05 21.55
O3 YIA RA . -21.13 -29.87 23.88
C34 YIA RA . -22.79 -32.44 22.23
C35 YIA RA . -23.62 -32.91 23.23
C1 PEG SA . 20.04 -36.74 29.10
O1 PEG SA . 19.85 -35.61 29.93
C2 PEG SA . 19.22 -36.67 27.83
O2 PEG SA . 20.03 -37.00 26.71
C3 PEG SA . 20.66 -35.86 26.11
C4 PEG SA . 21.77 -36.29 25.22
O4 PEG SA . 22.69 -35.23 24.96
C1 PEG TA . -7.81 -22.38 38.80
O1 PEG TA . -7.83 -21.01 38.46
C2 PEG TA . -6.55 -23.07 38.36
O2 PEG TA . -6.14 -24.03 39.33
C3 PEG TA . -4.72 -24.20 39.41
C4 PEG TA . -4.12 -23.23 40.36
O4 PEG TA . -4.02 -21.92 39.81
C1 PEG UA . -7.85 -38.50 51.82
O1 PEG UA . -7.42 -39.26 52.92
C2 PEG UA . -9.00 -39.13 51.10
O2 PEG UA . -9.56 -38.18 50.17
C3 PEG UA . -10.45 -38.77 49.22
C4 PEG UA . -10.46 -40.25 49.38
O4 PEG UA . -10.17 -40.91 48.17
C1 PEG VA . 6.00 -16.55 16.02
O1 PEG VA . 5.05 -17.59 16.29
C2 PEG VA . 5.81 -15.33 16.91
O2 PEG VA . 6.94 -15.19 17.77
C3 PEG VA . 6.63 -14.72 19.08
C4 PEG VA . 6.48 -13.22 19.10
O4 PEG VA . 6.17 -12.71 20.39
C1 PEG WA . -4.79 -33.05 17.91
O1 PEG WA . -4.08 -34.21 17.65
C2 PEG WA . -5.32 -33.02 19.32
O2 PEG WA . -6.68 -32.67 19.33
C3 PEG WA . -6.95 -31.70 20.33
C4 PEG WA . -7.48 -32.37 21.58
O4 PEG WA . -8.04 -31.43 22.51
C1 PEG XA . 39.49 -34.68 3.69
O1 PEG XA . 39.61 -35.38 4.93
C2 PEG XA . 38.06 -34.54 3.27
O2 PEG XA . 37.69 -35.54 2.32
C3 PEG XA . 37.83 -36.86 2.83
C4 PEG XA . 36.86 -37.74 2.14
O4 PEG XA . 36.90 -39.06 2.63
S DMS YA . 24.79 -36.46 21.21
O DMS YA . 25.30 -35.17 20.68
C1 DMS YA . 24.16 -37.39 19.84
C2 DMS YA . 23.27 -36.06 22.04
S DMS ZA . -11.57 -35.85 43.84
O DMS ZA . -11.94 -36.95 44.81
C1 DMS ZA . -11.44 -36.62 42.26
C2 DMS ZA . -9.85 -35.48 44.11
S DMS AB . 0.45 -5.34 31.28
O DMS AB . 1.04 -5.71 32.61
C1 DMS AB . -0.12 -3.66 31.41
C2 DMS AB . -1.13 -6.15 31.18
#